data_9G7J
#
_entry.id   9G7J
#
_cell.length_a   64.595
_cell.length_b   100.436
_cell.length_c   176.595
_cell.angle_alpha   90.00
_cell.angle_beta   90.00
_cell.angle_gamma   90.00
#
_symmetry.space_group_name_H-M   'P 21 2 21'
#
loop_
_entity.id
_entity.type
_entity.pdbx_description
1 polymer 'Aldehyde ferredoxin oxidoreductase'
2 non-polymer 'IRON/SULFUR CLUSTER'
3 non-polymer 'Tungstopterin cofactor'
4 non-polymer 'CHLORIDE ION'
5 non-polymer 'MAGNESIUM ION'
6 non-polymer 1,2-ETHANEDIOL
7 water water
#
_entity_poly.entity_id   1
_entity_poly.type   'polypeptide(L)'
_entity_poly.pdbx_seq_one_letter_code
;MYGYDGKVLRINLKERTCKSENLDLDKAKKFIGCRGLGVKTLFDEIDPKIDALSPENKFIIVTGPLTGAPVPTSGRFMVV
TKAPLTGTIGISNSGGKWGVDLKKAGWDMIIVEDKADSPVYIEIVDDKVEIKDASQLWGKVTSETTKELEKITENKSKVL
CIGPAGERLSLMAAVMNDVDRTAARGGVGAVMGSKNLKAITVKGTGKIALADKEKVKKVSVEKITTLKNDPVAGQGMPTY
GTAILVNIINENGVHPVKNFQESYTNQADKISGETLTANQLVRKNPCYSCPIGCGRWVRLKDGTECGGPEYETLWCFGSD
CGSYDLDAINEANMLCNEYGIDTITCGATIAAAMELYQRGYIKDEEIAGDNLSLKWGDTESMIGWIKRMVYSEGFGAKMT
NGSYRLCEGYGAPEYSMTVKKQEIPAYDPRGIQGHGITYAVNNRGGCHIKGYMINPEILGYPEKLDRFALDGKAAYAKLF
HDLTAVIDSLGLCIFTTFGLGIQDYVDMYNAVVGESTYDADSLLEAGDRIWTLEKLFNLAAGIDSSQDTLPKRLLEEPIP
DGPSKGEVHRLDVLLPEYYSVRGWSKEGIPTEETLKKLGLDEYIGKF
;
_entity_poly.pdbx_strand_id   A,B
#
loop_
_chem_comp.id
_chem_comp.type
_chem_comp.name
_chem_comp.formula
A1IJH non-polymer 'Tungstopterin cofactor' 'C20 H22 Mg N10 O12 P2 S4 W'
CL non-polymer 'CHLORIDE ION' 'Cl -1'
EDO non-polymer 1,2-ETHANEDIOL 'C2 H6 O2'
MG non-polymer 'MAGNESIUM ION' 'Mg 2'
SF4 non-polymer 'IRON/SULFUR CLUSTER' 'Fe4 S4'
#
# COMPACT_ATOMS: atom_id res chain seq x y z
N MET A 1 7.91 12.69 -28.82
CA MET A 1 6.95 11.95 -29.69
C MET A 1 5.75 11.48 -28.84
N TYR A 2 4.80 10.78 -29.46
CA TYR A 2 3.66 10.22 -28.69
C TYR A 2 3.99 8.79 -28.25
N GLY A 3 3.71 8.48 -26.97
CA GLY A 3 4.01 7.17 -26.47
C GLY A 3 5.49 7.02 -26.21
N TYR A 4 6.24 6.80 -27.28
CA TYR A 4 7.71 6.79 -27.15
C TYR A 4 8.14 8.20 -26.73
N ASP A 5 9.20 8.30 -25.94
CA ASP A 5 9.76 9.62 -25.53
C ASP A 5 10.61 10.17 -26.69
N GLY A 6 11.42 9.31 -27.29
CA GLY A 6 12.26 9.73 -28.43
C GLY A 6 13.74 9.79 -28.09
N LYS A 7 14.14 9.38 -26.89
CA LYS A 7 15.56 9.53 -26.49
C LYS A 7 16.11 8.24 -25.86
N VAL A 8 17.38 7.96 -26.11
CA VAL A 8 18.04 6.74 -25.55
C VAL A 8 19.27 7.20 -24.76
N LEU A 9 19.49 6.62 -23.59
CA LEU A 9 20.65 6.99 -22.74
C LEU A 9 21.74 5.94 -22.91
N ARG A 10 22.87 6.33 -23.52
CA ARG A 10 24.01 5.40 -23.73
C ARG A 10 25.09 5.68 -22.70
N ILE A 11 25.41 4.70 -21.87
CA ILE A 11 26.34 4.89 -20.76
C ILE A 11 27.49 3.91 -20.93
N ASN A 12 28.70 4.42 -21.16
CA ASN A 12 29.87 3.58 -21.28
C ASN A 12 30.65 3.64 -19.97
N LEU A 13 30.72 2.50 -19.27
CA LEU A 13 31.28 2.50 -17.92
C LEU A 13 32.81 2.49 -17.91
N LYS A 14 33.43 2.14 -19.03
CA LYS A 14 34.91 2.21 -19.09
C LYS A 14 35.33 3.67 -19.26
N GLU A 15 34.67 4.40 -20.18
CA GLU A 15 35.01 5.82 -20.43
C GLU A 15 34.27 6.72 -19.45
N ARG A 16 33.30 6.18 -18.71
CA ARG A 16 32.49 6.97 -17.74
C ARG A 16 31.80 8.12 -18.48
N THR A 17 31.12 7.81 -19.58
CA THR A 17 30.38 8.84 -20.35
C THR A 17 28.89 8.53 -20.32
N CYS A 18 28.06 9.57 -20.26
CA CYS A 18 26.59 9.39 -20.30
C CYS A 18 26.09 10.28 -21.45
N LYS A 19 25.59 9.67 -22.52
CA LYS A 19 25.23 10.50 -23.70
C LYS A 19 23.78 10.26 -24.14
N SER A 20 23.13 11.28 -24.68
CA SER A 20 21.76 11.12 -25.21
C SER A 20 21.83 10.80 -26.70
N GLU A 21 20.96 9.89 -27.16
CA GLU A 21 20.88 9.58 -28.60
C GLU A 21 19.40 9.66 -28.98
N ASN A 22 19.10 9.94 -30.24
CA ASN A 22 17.69 9.96 -30.68
C ASN A 22 17.22 8.53 -30.93
N LEU A 23 16.01 8.22 -30.47
CA LEU A 23 15.43 6.88 -30.71
C LEU A 23 15.19 6.69 -32.20
N ASP A 24 15.42 5.48 -32.72
CA ASP A 24 15.07 5.19 -34.14
C ASP A 24 13.58 4.83 -34.12
N LEU A 25 12.70 5.78 -34.45
CA LEU A 25 11.24 5.51 -34.33
C LEU A 25 10.82 4.39 -35.28
N ASP A 26 11.43 4.33 -36.46
CA ASP A 26 11.08 3.26 -37.44
C ASP A 26 11.31 1.90 -36.78
N LYS A 27 12.48 1.69 -36.19
CA LYS A 27 12.81 0.38 -35.55
C LYS A 27 11.90 0.18 -34.33
N ALA A 28 11.70 1.22 -33.54
CA ALA A 28 10.87 1.12 -32.32
C ALA A 28 9.44 0.70 -32.69
N LYS A 29 8.93 1.21 -33.82
CA LYS A 29 7.57 0.83 -34.26
C LYS A 29 7.61 -0.59 -34.85
N LYS A 30 8.60 -0.87 -35.70
CA LYS A 30 8.71 -2.20 -36.35
C LYS A 30 8.79 -3.30 -35.27
N PHE A 31 9.51 -3.03 -34.19
CA PHE A 31 9.66 -4.04 -33.11
C PHE A 31 8.79 -3.63 -31.91
N ILE A 32 7.81 -2.74 -32.11
CA ILE A 32 6.82 -2.34 -31.06
C ILE A 32 7.48 -1.54 -29.92
N GLY A 33 8.51 -2.09 -29.32
CA GLY A 33 9.09 -1.44 -28.13
C GLY A 33 9.62 -2.46 -27.13
N CYS A 34 9.97 -1.99 -25.93
CA CYS A 34 10.43 -2.85 -24.83
C CYS A 34 11.18 -4.08 -25.36
N ARG A 35 10.64 -5.28 -25.10
CA ARG A 35 11.31 -6.54 -25.51
C ARG A 35 11.89 -6.48 -26.94
N GLY A 36 11.00 -6.28 -27.92
CA GLY A 36 11.45 -6.30 -29.32
C GLY A 36 12.52 -5.26 -29.63
N LEU A 37 12.32 -4.04 -29.13
CA LEU A 37 13.31 -2.96 -29.37
C LEU A 37 14.64 -3.34 -28.70
N GLY A 38 14.58 -3.88 -27.48
CA GLY A 38 15.82 -4.26 -26.79
C GLY A 38 16.58 -5.36 -27.51
N VAL A 39 15.87 -6.39 -27.98
CA VAL A 39 16.55 -7.55 -28.62
C VAL A 39 17.22 -7.09 -29.92
N LYS A 40 16.50 -6.30 -30.71
CA LYS A 40 17.06 -5.80 -31.99
C LYS A 40 18.29 -4.93 -31.70
N THR A 41 18.18 -4.07 -30.69
CA THR A 41 19.32 -3.20 -30.31
C THR A 41 20.52 -4.07 -29.93
N LEU A 42 20.29 -5.08 -29.08
CA LEU A 42 21.42 -5.94 -28.63
C LEU A 42 22.00 -6.71 -29.83
N PHE A 43 21.12 -7.31 -30.63
CA PHE A 43 21.57 -8.12 -31.79
C PHE A 43 22.42 -7.25 -32.73
N ASP A 44 22.02 -6.00 -32.88
CA ASP A 44 22.73 -5.09 -33.81
C ASP A 44 24.07 -4.63 -33.21
N GLU A 45 24.24 -4.70 -31.89
CA GLU A 45 25.45 -4.11 -31.29
C GLU A 45 26.39 -5.15 -30.65
N ILE A 46 26.02 -6.43 -30.62
CA ILE A 46 27.00 -7.39 -30.04
C ILE A 46 27.12 -8.65 -30.91
N ASP A 47 28.22 -9.36 -30.76
CA ASP A 47 28.37 -10.69 -31.41
C ASP A 47 27.79 -11.70 -30.43
N PRO A 48 26.64 -12.33 -30.73
CA PRO A 48 25.98 -13.23 -29.76
C PRO A 48 26.81 -14.39 -29.20
N LYS A 49 27.96 -14.68 -29.80
CA LYS A 49 28.82 -15.81 -29.34
C LYS A 49 29.62 -15.40 -28.11
N ILE A 50 29.63 -14.11 -27.79
CA ILE A 50 30.50 -13.63 -26.66
C ILE A 50 30.08 -14.23 -25.32
N ASP A 51 31.00 -14.25 -24.36
CA ASP A 51 30.66 -14.68 -22.98
C ASP A 51 29.77 -13.58 -22.40
N ALA A 52 28.64 -13.95 -21.79
CA ALA A 52 27.67 -12.94 -21.28
C ALA A 52 28.25 -12.12 -20.11
N LEU A 53 29.34 -12.60 -19.51
CA LEU A 53 29.96 -11.87 -18.37
C LEU A 53 31.15 -11.04 -18.87
N SER A 54 31.43 -11.10 -20.18
CA SER A 54 32.51 -10.26 -20.76
C SER A 54 32.03 -8.81 -20.84
N PRO A 55 32.93 -7.82 -20.76
CA PRO A 55 32.54 -6.42 -20.85
C PRO A 55 31.82 -6.12 -22.17
N GLU A 56 32.00 -6.98 -23.19
CA GLU A 56 31.42 -6.70 -24.53
C GLU A 56 29.91 -6.95 -24.53
N ASN A 57 29.40 -7.63 -23.51
CA ASN A 57 27.92 -7.78 -23.40
C ASN A 57 27.33 -6.39 -23.18
N LYS A 58 26.06 -6.19 -23.55
CA LYS A 58 25.40 -4.89 -23.27
C LYS A 58 24.23 -5.13 -22.32
N PHE A 59 24.10 -4.28 -21.31
CA PHE A 59 23.00 -4.41 -20.32
C PHE A 59 21.95 -3.37 -20.70
N ILE A 60 20.84 -3.81 -21.27
CA ILE A 60 19.83 -2.83 -21.75
C ILE A 60 18.60 -2.82 -20.85
N ILE A 61 18.18 -1.63 -20.43
CA ILE A 61 16.91 -1.50 -19.66
C ILE A 61 15.99 -0.74 -20.61
N VAL A 62 14.87 -1.34 -20.99
CA VAL A 62 14.04 -0.71 -22.05
C VAL A 62 12.57 -0.65 -21.62
N THR A 63 11.91 0.46 -21.97
CA THR A 63 10.47 0.59 -21.68
C THR A 63 9.66 0.38 -22.96
N GLY A 64 8.34 0.39 -22.83
CA GLY A 64 7.46 0.30 -24.01
C GLY A 64 6.77 1.64 -24.24
N PRO A 65 6.19 1.86 -25.43
CA PRO A 65 5.49 3.12 -25.72
C PRO A 65 4.35 3.39 -24.74
N LEU A 66 3.75 2.33 -24.18
CA LEU A 66 2.61 2.51 -23.24
C LEU A 66 3.12 2.61 -21.79
N THR A 67 4.39 2.26 -21.55
CA THR A 67 4.94 2.40 -20.18
C THR A 67 4.73 3.85 -19.70
N GLY A 68 4.05 4.02 -18.56
CA GLY A 68 3.87 5.38 -17.98
C GLY A 68 2.64 6.10 -18.49
N ALA A 69 1.98 5.58 -19.52
CA ALA A 69 0.74 6.20 -20.04
C ALA A 69 -0.44 5.85 -19.11
N PRO A 70 -1.49 6.69 -19.05
CA PRO A 70 -2.64 6.44 -18.18
C PRO A 70 -3.52 5.32 -18.74
N VAL A 71 -2.97 4.11 -18.84
CA VAL A 71 -3.74 2.92 -19.31
C VAL A 71 -3.46 1.81 -18.31
N PRO A 72 -4.28 0.75 -18.24
CA PRO A 72 -4.08 -0.30 -17.21
C PRO A 72 -2.77 -1.11 -17.31
N THR A 73 -2.02 -1.21 -16.20
CA THR A 73 -0.78 -2.05 -16.12
C THR A 73 0.39 -1.43 -16.91
N SER A 74 0.53 -0.11 -16.89
CA SER A 74 1.58 0.57 -17.71
C SER A 74 2.91 0.73 -16.96
N GLY A 75 3.14 -0.09 -15.93
CA GLY A 75 4.39 0.04 -15.14
C GLY A 75 5.45 -0.96 -15.58
N ARG A 76 5.22 -1.70 -16.66
CA ARG A 76 6.15 -2.79 -17.05
C ARG A 76 7.35 -2.30 -17.89
N PHE A 77 8.52 -2.88 -17.65
CA PHE A 77 9.73 -2.59 -18.43
C PHE A 77 10.55 -3.87 -18.46
N MET A 78 11.67 -3.90 -19.18
CA MET A 78 12.39 -5.19 -19.27
C MET A 78 13.90 -4.99 -19.26
N VAL A 79 14.61 -6.04 -18.85
CA VAL A 79 16.09 -6.02 -18.94
C VAL A 79 16.41 -6.95 -20.13
N VAL A 80 17.22 -6.46 -21.06
CA VAL A 80 17.60 -7.29 -22.25
C VAL A 80 19.12 -7.34 -22.33
N THR A 81 19.67 -8.55 -22.43
CA THR A 81 21.14 -8.75 -22.47
C THR A 81 21.40 -10.22 -22.77
N LYS A 82 22.64 -10.60 -23.07
CA LYS A 82 22.88 -12.05 -23.22
C LYS A 82 22.74 -12.68 -21.83
N ALA A 83 22.01 -13.79 -21.74
CA ALA A 83 21.73 -14.45 -20.45
C ALA A 83 22.84 -15.45 -20.11
N PRO A 84 23.58 -15.22 -19.01
CA PRO A 84 24.69 -16.10 -18.64
C PRO A 84 24.29 -17.48 -18.09
N LEU A 85 23.08 -17.61 -17.52
CA LEU A 85 22.66 -18.94 -17.03
C LEU A 85 22.38 -19.88 -18.21
N THR A 86 21.80 -19.36 -19.28
CA THR A 86 21.35 -20.23 -20.40
C THR A 86 22.24 -20.10 -21.65
N GLY A 87 22.93 -18.99 -21.83
CA GLY A 87 23.66 -18.77 -23.09
C GLY A 87 22.71 -18.27 -24.17
N THR A 88 21.46 -18.01 -23.81
CA THR A 88 20.45 -17.53 -24.79
C THR A 88 20.22 -16.02 -24.66
N ILE A 89 19.26 -15.51 -25.42
CA ILE A 89 18.86 -14.09 -25.24
C ILE A 89 18.31 -13.96 -23.82
N GLY A 90 18.57 -12.85 -23.16
CA GLY A 90 17.94 -12.58 -21.85
C GLY A 90 16.83 -11.56 -21.99
N ILE A 91 15.64 -11.93 -21.55
CA ILE A 91 14.46 -11.06 -21.66
C ILE A 91 13.67 -11.20 -20.36
N SER A 92 13.96 -10.35 -19.38
CA SER A 92 13.35 -10.43 -18.05
C SER A 92 12.49 -9.20 -17.78
N ASN A 93 11.27 -9.42 -17.28
CA ASN A 93 10.29 -8.32 -17.16
C ASN A 93 10.10 -7.91 -15.69
N SER A 94 9.82 -6.63 -15.46
CA SER A 94 9.56 -6.15 -14.07
C SER A 94 8.48 -5.07 -14.07
N GLY A 95 7.81 -4.92 -12.92
CA GLY A 95 6.78 -3.88 -12.79
C GLY A 95 7.16 -2.90 -11.71
N GLY A 96 6.23 -2.60 -10.80
CA GLY A 96 6.49 -1.62 -9.75
C GLY A 96 6.36 -0.19 -10.26
N LYS A 97 7.39 0.64 -10.06
CA LYS A 97 7.31 2.08 -10.43
C LYS A 97 8.59 2.55 -11.14
N TRP A 98 9.73 1.92 -10.89
CA TRP A 98 11.04 2.38 -11.45
C TRP A 98 10.95 2.73 -12.94
N GLY A 99 10.44 1.81 -13.76
CA GLY A 99 10.42 2.03 -15.22
C GLY A 99 9.57 3.21 -15.63
N VAL A 100 8.58 3.56 -14.80
CA VAL A 100 7.70 4.71 -15.11
C VAL A 100 8.48 6.00 -14.82
N ASP A 101 9.29 6.00 -13.75
CA ASP A 101 10.12 7.19 -13.48
C ASP A 101 11.14 7.38 -14.61
N LEU A 102 11.73 6.28 -15.10
CA LEU A 102 12.69 6.37 -16.23
C LEU A 102 11.97 7.01 -17.44
N LYS A 103 10.77 6.52 -17.75
CA LYS A 103 10.02 7.06 -18.92
C LYS A 103 9.64 8.52 -18.64
N LYS A 104 9.27 8.85 -17.40
CA LYS A 104 8.90 10.25 -17.06
C LYS A 104 10.16 11.13 -17.02
N ALA A 105 11.34 10.52 -16.96
CA ALA A 105 12.61 11.30 -16.97
C ALA A 105 13.01 11.63 -18.40
N GLY A 106 12.29 11.11 -19.39
CA GLY A 106 12.55 11.44 -20.81
C GLY A 106 13.30 10.35 -21.56
N TRP A 107 13.47 9.17 -20.96
CA TRP A 107 14.27 8.09 -21.59
C TRP A 107 13.40 6.87 -21.91
N ASP A 108 13.53 6.36 -23.13
CA ASP A 108 12.79 5.12 -23.52
C ASP A 108 13.66 3.91 -23.17
N MET A 109 14.97 4.10 -23.13
CA MET A 109 15.85 2.93 -22.97
C MET A 109 17.23 3.35 -22.47
N ILE A 110 17.90 2.48 -21.71
CA ILE A 110 19.29 2.75 -21.26
C ILE A 110 20.17 1.62 -21.83
N ILE A 111 21.27 1.97 -22.49
CA ILE A 111 22.23 0.94 -22.96
C ILE A 111 23.51 1.10 -22.13
N VAL A 112 23.84 0.10 -21.33
CA VAL A 112 25.04 0.15 -20.49
C VAL A 112 26.12 -0.70 -21.12
N GLU A 113 27.28 -0.08 -21.35
CA GLU A 113 28.37 -0.78 -22.09
C GLU A 113 29.63 -0.97 -21.26
N ASP A 114 30.39 -2.02 -21.58
CA ASP A 114 31.72 -2.23 -20.95
C ASP A 114 31.64 -2.44 -19.44
N LYS A 115 32.71 -2.13 -18.74
CA LYS A 115 32.77 -2.38 -17.28
C LYS A 115 33.49 -1.24 -16.57
N ALA A 116 32.95 -0.81 -15.44
CA ALA A 116 33.61 0.23 -14.62
C ALA A 116 34.80 -0.42 -13.89
N ASP A 117 35.86 0.35 -13.66
CA ASP A 117 37.08 -0.23 -13.03
C ASP A 117 36.85 -0.41 -11.52
N SER A 118 35.76 0.13 -11.01
CA SER A 118 35.41 -0.03 -9.58
C SER A 118 33.89 0.08 -9.42
N PRO A 119 33.27 -0.47 -8.36
CA PRO A 119 31.82 -0.46 -8.23
C PRO A 119 31.27 0.97 -8.32
N VAL A 120 30.23 1.17 -9.14
CA VAL A 120 29.62 2.51 -9.30
C VAL A 120 28.10 2.40 -9.30
N TYR A 121 27.42 3.54 -9.23
CA TYR A 121 25.95 3.55 -9.38
C TYR A 121 25.62 4.71 -10.33
N ILE A 122 24.47 4.63 -11.00
CA ILE A 122 24.06 5.70 -11.95
C ILE A 122 22.91 6.49 -11.32
N GLU A 123 23.02 7.82 -11.32
CA GLU A 123 21.99 8.69 -10.70
C GLU A 123 21.31 9.52 -11.78
N ILE A 124 20.00 9.33 -11.96
CA ILE A 124 19.27 10.05 -13.04
C ILE A 124 18.18 10.93 -12.46
N VAL A 125 18.17 12.20 -12.84
CA VAL A 125 17.04 13.10 -12.48
C VAL A 125 16.67 13.78 -13.80
N ASP A 126 15.60 13.30 -14.44
CA ASP A 126 15.25 13.83 -15.78
C ASP A 126 16.46 13.65 -16.71
N ASP A 127 16.96 14.74 -17.29
CA ASP A 127 18.08 14.62 -18.26
C ASP A 127 19.45 14.69 -17.57
N LYS A 128 19.47 14.88 -16.25
CA LYS A 128 20.75 14.91 -15.50
C LYS A 128 21.18 13.48 -15.16
N VAL A 129 22.35 13.06 -15.64
CA VAL A 129 22.83 11.67 -15.41
C VAL A 129 24.27 11.73 -14.90
N GLU A 130 24.55 11.04 -13.80
CA GLU A 130 25.92 11.01 -13.25
C GLU A 130 26.35 9.59 -12.85
N ILE A 131 27.64 9.30 -12.99
CA ILE A 131 28.19 8.00 -12.51
C ILE A 131 28.91 8.31 -11.21
N LYS A 132 28.65 7.54 -10.14
CA LYS A 132 29.24 7.89 -8.82
C LYS A 132 29.82 6.64 -8.14
N ASP A 133 30.73 6.85 -7.20
CA ASP A 133 31.41 5.74 -6.49
C ASP A 133 30.39 4.97 -5.63
N ALA A 134 30.38 3.64 -5.74
CA ALA A 134 29.42 2.81 -4.97
C ALA A 134 30.16 1.92 -3.97
N SER A 135 31.40 2.28 -3.61
CA SER A 135 32.22 1.43 -2.72
C SER A 135 31.53 1.23 -1.35
N GLN A 136 30.75 2.22 -0.91
CA GLN A 136 30.10 2.13 0.42
C GLN A 136 28.76 1.39 0.33
N LEU A 137 28.33 1.06 -0.89
CA LEU A 137 27.07 0.29 -1.06
C LEU A 137 27.39 -1.17 -1.38
N TRP A 138 28.51 -1.41 -2.06
CA TRP A 138 28.88 -2.79 -2.47
C TRP A 138 28.77 -3.76 -1.29
N GLY A 139 28.04 -4.86 -1.46
CA GLY A 139 27.90 -5.87 -0.39
C GLY A 139 26.57 -5.80 0.32
N LYS A 140 25.81 -4.72 0.10
CA LYS A 140 24.54 -4.53 0.86
C LYS A 140 23.36 -5.21 0.16
N VAL A 141 22.40 -5.67 0.95
CA VAL A 141 21.17 -6.31 0.39
C VAL A 141 20.29 -5.23 -0.26
N THR A 142 19.29 -5.65 -1.02
CA THR A 142 18.42 -4.70 -1.77
C THR A 142 17.87 -3.59 -0.86
N SER A 143 17.27 -3.95 0.27
CA SER A 143 16.62 -2.94 1.15
C SER A 143 17.63 -1.92 1.67
N GLU A 144 18.79 -2.39 2.11
CA GLU A 144 19.83 -1.50 2.69
C GLU A 144 20.42 -0.66 1.56
N THR A 145 20.67 -1.29 0.41
CA THR A 145 21.16 -0.52 -0.76
C THR A 145 20.17 0.62 -1.03
N THR A 146 18.87 0.31 -1.00
CA THR A 146 17.84 1.33 -1.32
C THR A 146 17.83 2.43 -0.25
N LYS A 147 17.88 2.05 1.02
CA LYS A 147 17.81 3.04 2.11
C LYS A 147 19.04 3.97 2.03
N GLU A 148 20.22 3.39 1.81
CA GLU A 148 21.46 4.20 1.75
C GLU A 148 21.37 5.20 0.58
N LEU A 149 20.82 4.76 -0.56
CA LEU A 149 20.74 5.65 -1.74
C LEU A 149 19.69 6.74 -1.49
N GLU A 150 18.64 6.42 -0.73
CA GLU A 150 17.58 7.40 -0.42
C GLU A 150 18.19 8.56 0.40
N LYS A 151 19.26 8.27 1.13
CA LYS A 151 19.88 9.33 1.98
C LYS A 151 20.67 10.30 1.10
N ILE A 152 21.09 9.88 -0.09
CA ILE A 152 22.00 10.75 -0.89
C ILE A 152 21.46 10.99 -2.30
N THR A 153 20.16 10.74 -2.52
CA THR A 153 19.55 11.02 -3.85
C THR A 153 18.32 11.91 -3.67
N GLU A 154 17.82 12.46 -4.77
CA GLU A 154 16.66 13.38 -4.69
C GLU A 154 15.44 12.63 -4.18
N ASN A 155 14.66 13.27 -3.32
CA ASN A 155 13.41 12.64 -2.82
C ASN A 155 12.59 12.13 -3.99
N LYS A 156 11.91 10.99 -3.81
CA LYS A 156 11.00 10.41 -4.85
C LYS A 156 11.79 9.63 -5.93
N SER A 157 13.09 9.46 -5.74
CA SER A 157 13.88 8.65 -6.70
C SER A 157 13.54 7.16 -6.50
N LYS A 158 13.45 6.40 -7.59
CA LYS A 158 13.21 4.94 -7.48
C LYS A 158 14.55 4.22 -7.63
N VAL A 159 14.70 3.05 -7.02
CA VAL A 159 16.02 2.38 -7.02
C VAL A 159 15.97 1.02 -7.72
N LEU A 160 16.87 0.82 -8.69
CA LEU A 160 17.01 -0.51 -9.33
C LEU A 160 18.41 -0.97 -8.95
N CYS A 161 18.56 -2.22 -8.53
CA CYS A 161 19.89 -2.61 -8.04
C CYS A 161 20.09 -4.11 -8.05
N ILE A 162 21.34 -4.54 -7.82
CA ILE A 162 21.61 -5.99 -7.66
C ILE A 162 21.96 -6.19 -6.18
N GLY A 163 21.83 -7.43 -5.70
CA GLY A 163 22.26 -7.72 -4.32
C GLY A 163 23.62 -8.37 -4.33
N PRO A 164 24.08 -8.90 -3.19
CA PRO A 164 25.36 -9.61 -3.13
C PRO A 164 25.50 -10.72 -4.20
N ALA A 165 24.39 -11.39 -4.52
CA ALA A 165 24.45 -12.50 -5.50
C ALA A 165 24.92 -11.99 -6.87
N GLY A 166 24.35 -10.86 -7.31
CA GLY A 166 24.77 -10.27 -8.59
C GLY A 166 26.21 -9.78 -8.53
N GLU A 167 26.62 -9.26 -7.38
CA GLU A 167 28.03 -8.79 -7.20
C GLU A 167 28.98 -9.98 -7.37
N ARG A 168 28.54 -11.17 -6.94
CA ARG A 168 29.41 -12.37 -7.00
C ARG A 168 29.21 -13.14 -8.33
N LEU A 169 28.40 -12.59 -9.25
CA LEU A 169 28.25 -13.20 -10.59
C LEU A 169 27.54 -14.54 -10.51
N SER A 170 26.68 -14.75 -9.51
CA SER A 170 25.88 -15.99 -9.43
C SER A 170 24.97 -16.06 -10.67
N LEU A 171 24.87 -17.24 -11.29
CA LEU A 171 24.05 -17.35 -12.53
C LEU A 171 22.56 -17.37 -12.21
N MET A 172 22.18 -17.26 -10.94
CA MET A 172 20.73 -17.11 -10.61
C MET A 172 20.49 -15.70 -10.04
N ALA A 173 21.42 -14.78 -10.30
CA ALA A 173 21.28 -13.41 -9.76
C ALA A 173 20.20 -12.63 -10.51
N ALA A 174 19.42 -11.83 -9.80
CA ALA A 174 18.30 -11.10 -10.41
C ALA A 174 18.54 -9.59 -10.40
N VAL A 175 17.72 -8.85 -11.14
CA VAL A 175 17.79 -7.36 -11.11
C VAL A 175 16.59 -6.90 -10.29
N MET A 176 16.84 -6.19 -9.19
CA MET A 176 15.73 -5.81 -8.28
C MET A 176 15.35 -4.35 -8.50
N ASN A 177 14.08 -4.02 -8.27
CA ASN A 177 13.64 -2.61 -8.33
C ASN A 177 12.49 -2.42 -7.35
N ASP A 178 12.41 -1.25 -6.72
CA ASP A 178 11.31 -0.96 -5.76
C ASP A 178 11.35 -2.00 -4.63
N VAL A 179 12.55 -2.45 -4.24
CA VAL A 179 12.75 -3.36 -3.08
C VAL A 179 12.31 -4.82 -3.35
N ASP A 180 11.13 -5.02 -3.93
CA ASP A 180 10.62 -6.42 -4.03
C ASP A 180 10.07 -6.78 -5.42
N ARG A 181 10.32 -5.95 -6.43
CA ARG A 181 9.92 -6.30 -7.82
C ARG A 181 11.21 -6.73 -8.55
N THR A 182 11.08 -7.54 -9.60
CA THR A 182 12.37 -8.01 -10.19
C THR A 182 12.32 -8.50 -11.64
N ALA A 183 13.34 -8.14 -12.41
CA ALA A 183 13.55 -8.77 -13.73
C ALA A 183 14.48 -9.87 -13.25
N ALA A 184 13.96 -11.07 -13.02
CA ALA A 184 14.76 -12.07 -12.26
C ALA A 184 15.50 -13.19 -12.99
N ARG A 185 14.95 -13.74 -14.07
CA ARG A 185 15.55 -14.99 -14.59
C ARG A 185 16.70 -14.80 -15.59
N GLY A 186 17.45 -15.88 -15.83
CA GLY A 186 18.54 -15.86 -16.83
C GLY A 186 19.88 -15.46 -16.26
N GLY A 187 19.93 -15.07 -15.00
CA GLY A 187 21.19 -14.57 -14.40
C GLY A 187 21.48 -13.15 -14.86
N VAL A 188 20.45 -12.40 -15.23
CA VAL A 188 20.67 -11.03 -15.80
C VAL A 188 21.34 -10.15 -14.74
N GLY A 189 21.14 -10.47 -13.46
CA GLY A 189 21.78 -9.68 -12.39
C GLY A 189 23.29 -9.84 -12.40
N ALA A 190 23.77 -10.99 -12.85
CA ALA A 190 25.23 -11.23 -12.91
C ALA A 190 25.86 -10.38 -14.01
N VAL A 191 25.07 -10.05 -15.04
CA VAL A 191 25.60 -9.17 -16.12
C VAL A 191 25.85 -7.79 -15.49
N MET A 192 24.86 -7.29 -14.74
CA MET A 192 25.02 -5.99 -14.06
C MET A 192 26.25 -6.06 -13.15
N GLY A 193 26.38 -7.12 -12.36
CA GLY A 193 27.54 -7.28 -11.46
C GLY A 193 28.84 -7.33 -12.24
N SER A 194 28.84 -8.00 -13.40
CA SER A 194 30.06 -8.12 -14.24
C SER A 194 30.50 -6.73 -14.71
N LYS A 195 29.62 -5.73 -14.65
CA LYS A 195 29.95 -4.38 -15.15
C LYS A 195 30.33 -3.47 -13.98
N ASN A 196 30.38 -4.04 -12.77
CA ASN A 196 30.66 -3.23 -11.56
C ASN A 196 29.55 -2.19 -11.37
N LEU A 197 28.33 -2.50 -11.82
CA LEU A 197 27.18 -1.58 -11.63
C LEU A 197 26.30 -2.09 -10.48
N LYS A 198 26.25 -1.33 -9.39
CA LYS A 198 25.49 -1.75 -8.19
C LYS A 198 24.04 -1.28 -8.28
N ALA A 199 23.81 -0.11 -8.88
CA ALA A 199 22.43 0.42 -8.87
C ALA A 199 22.21 1.56 -9.86
N ILE A 200 20.95 1.79 -10.21
CA ILE A 200 20.58 2.96 -11.04
C ILE A 200 19.41 3.62 -10.32
N THR A 201 19.57 4.88 -9.91
CA THR A 201 18.43 5.61 -9.29
C THR A 201 17.80 6.49 -10.37
N VAL A 202 16.48 6.68 -10.29
CA VAL A 202 15.81 7.46 -11.37
C VAL A 202 14.64 8.28 -10.81
N LYS A 203 14.59 9.56 -11.16
CA LYS A 203 13.45 10.42 -10.79
C LYS A 203 12.97 11.10 -12.07
N GLY A 204 11.68 10.98 -12.40
CA GLY A 204 11.12 11.61 -13.61
C GLY A 204 10.03 12.60 -13.25
N THR A 205 10.10 13.81 -13.82
CA THR A 205 9.12 14.87 -13.49
C THR A 205 8.20 15.10 -14.70
N GLY A 206 8.44 14.38 -15.80
CA GLY A 206 7.67 14.62 -17.03
C GLY A 206 6.41 13.79 -17.13
N LYS A 207 5.73 13.88 -18.26
CA LYS A 207 4.49 13.11 -18.50
C LYS A 207 4.68 12.41 -19.85
N ILE A 208 3.99 11.28 -20.04
CA ILE A 208 4.08 10.58 -21.35
C ILE A 208 3.18 11.35 -22.33
N ALA A 209 3.71 11.69 -23.50
CA ALA A 209 2.93 12.45 -24.51
C ALA A 209 1.85 11.55 -25.10
N LEU A 210 0.61 12.03 -25.12
CA LEU A 210 -0.52 11.25 -25.70
C LEU A 210 -1.00 11.93 -26.98
N ALA A 211 -1.16 11.17 -28.06
CA ALA A 211 -1.66 11.73 -29.34
C ALA A 211 -3.07 12.29 -29.14
N ASP A 212 -3.85 11.71 -28.21
CA ASP A 212 -5.24 12.18 -27.97
C ASP A 212 -5.60 11.87 -26.51
N LYS A 213 -5.32 12.81 -25.63
CA LYS A 213 -5.56 12.62 -24.17
C LYS A 213 -6.98 12.09 -23.90
N GLU A 214 -7.99 12.76 -24.46
CA GLU A 214 -9.39 12.38 -24.10
C GLU A 214 -9.72 11.00 -24.68
N LYS A 215 -9.23 10.67 -25.87
CA LYS A 215 -9.46 9.32 -26.44
C LYS A 215 -8.75 8.26 -25.58
N VAL A 216 -7.53 8.56 -25.17
CA VAL A 216 -6.77 7.59 -24.33
C VAL A 216 -7.59 7.36 -23.06
N LYS A 217 -8.15 8.43 -22.50
CA LYS A 217 -8.94 8.30 -21.25
C LYS A 217 -10.17 7.41 -21.51
N LYS A 218 -10.80 7.59 -22.67
CA LYS A 218 -12.03 6.82 -22.98
C LYS A 218 -11.65 5.35 -23.13
N VAL A 219 -10.59 5.07 -23.89
CA VAL A 219 -10.12 3.68 -24.09
C VAL A 219 -9.74 3.06 -22.74
N SER A 220 -8.95 3.77 -21.95
CA SER A 220 -8.49 3.23 -20.64
C SER A 220 -9.71 2.86 -19.78
N VAL A 221 -10.68 3.77 -19.67
CA VAL A 221 -11.85 3.53 -18.78
C VAL A 221 -12.60 2.28 -19.24
N GLU A 222 -12.65 2.05 -20.55
CA GLU A 222 -13.35 0.84 -21.08
C GLU A 222 -12.59 -0.44 -20.69
N LYS A 223 -11.27 -0.45 -20.91
CA LYS A 223 -10.47 -1.68 -20.63
C LYS A 223 -10.50 -1.99 -19.13
N ILE A 224 -10.42 -0.95 -18.29
CA ILE A 224 -10.42 -1.15 -16.82
C ILE A 224 -11.77 -1.76 -16.40
N THR A 225 -12.86 -1.28 -17.00
CA THR A 225 -14.20 -1.81 -16.67
C THR A 225 -14.22 -3.31 -16.98
N THR A 226 -13.72 -3.70 -18.15
CA THR A 226 -13.68 -5.13 -18.55
C THR A 226 -12.85 -5.92 -17.53
N LEU A 227 -11.68 -5.40 -17.18
CA LEU A 227 -10.79 -6.13 -16.23
C LEU A 227 -11.50 -6.24 -14.88
N LYS A 228 -12.13 -5.15 -14.43
CA LYS A 228 -12.77 -5.16 -13.09
C LYS A 228 -13.98 -6.10 -13.11
N ASN A 229 -14.58 -6.33 -14.28
CA ASN A 229 -15.76 -7.23 -14.38
C ASN A 229 -15.32 -8.69 -14.59
N ASP A 230 -14.04 -8.92 -14.87
CA ASP A 230 -13.55 -10.30 -15.12
C ASP A 230 -13.35 -11.03 -13.79
N PRO A 231 -13.79 -12.30 -13.67
CA PRO A 231 -13.67 -13.04 -12.41
C PRO A 231 -12.22 -13.15 -11.91
N VAL A 232 -11.26 -13.28 -12.82
CA VAL A 232 -9.84 -13.43 -12.39
C VAL A 232 -9.24 -12.05 -12.15
N ALA A 233 -9.28 -11.18 -13.16
CA ALA A 233 -8.63 -9.84 -13.02
C ALA A 233 -9.37 -8.96 -12.02
N GLY A 234 -10.69 -9.14 -11.90
CA GLY A 234 -11.49 -8.25 -11.04
C GLY A 234 -11.70 -8.77 -9.62
N GLN A 235 -11.46 -10.05 -9.37
CA GLN A 235 -11.75 -10.60 -8.02
C GLN A 235 -10.64 -11.56 -7.55
N GLY A 236 -10.38 -12.62 -8.32
CA GLY A 236 -9.43 -13.63 -7.86
C GLY A 236 -8.03 -13.08 -7.61
N MET A 237 -7.48 -12.35 -8.58
N MET A 237 -7.48 -12.35 -8.58
CA MET A 237 -6.09 -11.84 -8.44
CA MET A 237 -6.09 -11.84 -8.45
C MET A 237 -6.00 -10.81 -7.31
C MET A 237 -6.00 -10.81 -7.31
N PRO A 238 -6.90 -9.81 -7.23
CA PRO A 238 -6.75 -8.79 -6.20
C PRO A 238 -6.87 -9.45 -4.81
N THR A 239 -7.77 -10.41 -4.67
CA THR A 239 -8.01 -11.03 -3.34
C THR A 239 -6.93 -12.04 -2.97
N TYR A 240 -6.52 -12.90 -3.92
CA TYR A 240 -5.59 -14.01 -3.55
C TYR A 240 -4.23 -13.92 -4.24
N GLY A 241 -4.08 -13.01 -5.20
CA GLY A 241 -2.80 -12.86 -5.93
C GLY A 241 -2.56 -14.00 -6.90
N THR A 242 -1.37 -14.03 -7.53
CA THR A 242 -1.09 -15.17 -8.39
C THR A 242 -1.19 -16.47 -7.61
N ALA A 243 -1.02 -16.40 -6.28
CA ALA A 243 -1.15 -17.53 -5.37
C ALA A 243 -2.48 -18.24 -5.50
N ILE A 244 -3.46 -17.59 -6.14
CA ILE A 244 -4.72 -18.26 -6.43
C ILE A 244 -4.51 -19.55 -7.22
N LEU A 245 -3.38 -19.68 -7.91
CA LEU A 245 -3.16 -20.85 -8.80
C LEU A 245 -2.84 -22.14 -8.03
N VAL A 246 -2.43 -22.05 -6.77
CA VAL A 246 -1.97 -23.27 -6.04
C VAL A 246 -3.03 -24.37 -6.14
N ASN A 247 -4.23 -24.10 -5.63
CA ASN A 247 -5.27 -25.17 -5.60
C ASN A 247 -5.74 -25.51 -7.01
N ILE A 248 -5.71 -24.55 -7.93
CA ILE A 248 -6.18 -24.80 -9.32
C ILE A 248 -5.25 -25.81 -9.98
N ILE A 249 -3.95 -25.52 -9.98
CA ILE A 249 -2.98 -26.42 -10.66
C ILE A 249 -2.94 -27.76 -9.92
N ASN A 250 -3.00 -27.75 -8.59
CA ASN A 250 -2.99 -29.01 -7.81
C ASN A 250 -4.23 -29.85 -8.13
N GLU A 251 -5.40 -29.22 -8.23
CA GLU A 251 -6.65 -29.99 -8.47
C GLU A 251 -6.61 -30.67 -9.84
N ASN A 252 -5.81 -30.14 -10.77
CA ASN A 252 -5.67 -30.75 -12.12
C ASN A 252 -4.55 -31.80 -12.14
N GLY A 253 -3.86 -31.98 -11.01
CA GLY A 253 -2.81 -33.02 -10.91
C GLY A 253 -1.58 -32.70 -11.74
N VAL A 254 -1.25 -31.41 -11.87
CA VAL A 254 -0.07 -30.99 -12.66
C VAL A 254 0.76 -30.01 -11.82
N HIS A 255 0.69 -30.14 -10.49
CA HIS A 255 1.48 -29.29 -9.57
C HIS A 255 2.73 -30.09 -9.18
N PRO A 256 3.93 -29.72 -9.66
CA PRO A 256 5.12 -30.52 -9.42
C PRO A 256 5.47 -30.71 -7.93
N VAL A 257 5.74 -31.96 -7.55
CA VAL A 257 6.08 -32.26 -6.13
C VAL A 257 7.42 -33.00 -6.09
N LYS A 258 8.31 -32.59 -5.17
CA LYS A 258 9.62 -33.25 -4.99
C LYS A 258 10.37 -33.29 -6.32
N ASN A 259 10.63 -32.12 -6.91
CA ASN A 259 11.42 -32.05 -8.14
C ASN A 259 10.77 -32.83 -9.28
N PHE A 260 9.43 -32.71 -9.41
CA PHE A 260 8.63 -33.32 -10.47
C PHE A 260 8.53 -34.84 -10.33
N GLN A 261 8.93 -35.37 -9.18
CA GLN A 261 8.76 -36.84 -8.95
C GLN A 261 7.26 -37.13 -8.81
N GLU A 262 6.50 -36.17 -8.30
CA GLU A 262 5.02 -36.35 -8.20
C GLU A 262 4.35 -35.11 -8.81
N SER A 263 3.02 -35.14 -8.95
CA SER A 263 2.32 -34.04 -9.67
C SER A 263 1.07 -33.62 -8.89
N TYR A 264 0.98 -34.07 -7.63
CA TYR A 264 -0.22 -33.77 -6.80
C TYR A 264 0.15 -33.91 -5.32
N THR A 265 -0.36 -33.00 -4.49
CA THR A 265 -0.11 -33.09 -3.03
C THR A 265 -1.39 -32.73 -2.26
N ASN A 266 -1.77 -33.58 -1.32
CA ASN A 266 -2.93 -33.27 -0.48
C ASN A 266 -2.63 -32.19 0.56
N GLN A 267 -1.42 -31.61 0.56
CA GLN A 267 -1.06 -30.55 1.49
C GLN A 267 -1.08 -29.16 0.85
N ALA A 268 -1.48 -29.04 -0.42
CA ALA A 268 -1.29 -27.80 -1.16
C ALA A 268 -2.03 -26.62 -0.53
N ASP A 269 -3.20 -26.84 0.08
CA ASP A 269 -3.96 -25.70 0.56
C ASP A 269 -3.26 -24.97 1.71
N LYS A 270 -2.28 -25.62 2.35
CA LYS A 270 -1.50 -24.93 3.38
C LYS A 270 -0.68 -23.78 2.80
N ILE A 271 -0.38 -23.78 1.50
CA ILE A 271 0.40 -22.70 0.91
C ILE A 271 -0.38 -22.02 -0.21
N SER A 272 -1.72 -22.04 -0.10
CA SER A 272 -2.55 -21.44 -1.13
C SER A 272 -2.71 -19.94 -0.92
N GLY A 273 -3.11 -19.25 -1.99
CA GLY A 273 -3.46 -17.85 -1.85
C GLY A 273 -4.63 -17.63 -0.91
N GLU A 274 -5.51 -18.62 -0.84
CA GLU A 274 -6.64 -18.52 0.13
C GLU A 274 -6.09 -18.52 1.56
N THR A 275 -5.14 -19.40 1.85
CA THR A 275 -4.57 -19.48 3.22
C THR A 275 -3.77 -18.21 3.51
N LEU A 276 -3.04 -17.72 2.50
CA LEU A 276 -2.22 -16.50 2.69
C LEU A 276 -3.14 -15.32 2.98
N THR A 277 -4.20 -15.15 2.19
CA THR A 277 -5.13 -14.02 2.37
C THR A 277 -5.77 -14.09 3.77
N ALA A 278 -6.03 -15.29 4.27
CA ALA A 278 -6.74 -15.43 5.56
C ALA A 278 -5.75 -15.27 6.72
N ASN A 279 -4.46 -15.21 6.46
CA ASN A 279 -3.51 -15.20 7.60
C ASN A 279 -2.46 -14.08 7.49
N GLN A 280 -1.38 -14.30 6.72
CA GLN A 280 -0.25 -13.34 6.72
C GLN A 280 -0.47 -12.14 5.78
N LEU A 281 -1.51 -12.15 4.95
CA LEU A 281 -1.65 -11.02 3.99
C LEU A 281 -1.99 -9.74 4.75
N VAL A 282 -1.27 -8.65 4.48
CA VAL A 282 -1.57 -7.33 5.10
C VAL A 282 -2.44 -6.54 4.11
N ARG A 283 -2.04 -6.54 2.83
CA ARG A 283 -2.78 -5.78 1.80
C ARG A 283 -2.23 -6.09 0.40
N LYS A 284 -2.90 -5.57 -0.62
CA LYS A 284 -2.37 -5.71 -2.01
C LYS A 284 -1.19 -4.75 -2.17
N ASN A 285 -0.40 -4.93 -3.23
CA ASN A 285 0.76 -4.06 -3.51
C ASN A 285 0.76 -3.82 -5.02
N PRO A 286 -0.21 -3.06 -5.56
CA PRO A 286 -0.34 -2.92 -7.01
C PRO A 286 0.78 -2.15 -7.72
N CYS A 287 1.15 -2.61 -8.91
CA CYS A 287 2.15 -1.86 -9.71
C CYS A 287 1.50 -0.57 -10.22
N TYR A 288 2.26 0.24 -10.94
CA TYR A 288 1.76 1.53 -11.48
C TYR A 288 0.52 1.36 -12.34
N SER A 289 -0.48 2.24 -12.16
CA SER A 289 -1.68 2.26 -13.04
C SER A 289 -2.30 0.86 -13.19
N CYS A 290 -2.34 0.09 -12.10
CA CYS A 290 -2.88 -1.29 -12.21
C CYS A 290 -4.18 -1.46 -11.43
N PRO A 291 -5.30 -1.80 -12.10
CA PRO A 291 -6.57 -2.06 -11.41
C PRO A 291 -6.68 -3.50 -10.88
N ILE A 292 -5.71 -4.35 -11.23
CA ILE A 292 -5.76 -5.80 -10.83
C ILE A 292 -5.16 -5.95 -9.42
N GLY A 293 -3.96 -5.42 -9.19
CA GLY A 293 -3.37 -5.43 -7.84
C GLY A 293 -3.09 -6.83 -7.32
N CYS A 294 -2.48 -7.67 -8.16
CA CYS A 294 -2.15 -9.06 -7.74
C CYS A 294 -0.97 -9.02 -6.76
N GLY A 295 -0.26 -7.90 -6.71
CA GLY A 295 0.91 -7.78 -5.82
C GLY A 295 0.56 -8.08 -4.38
N ARG A 296 1.46 -8.74 -3.66
CA ARG A 296 1.17 -9.15 -2.25
C ARG A 296 2.04 -8.39 -1.25
N TRP A 297 1.46 -8.01 -0.12
CA TRP A 297 2.20 -7.37 1.00
C TRP A 297 1.90 -8.25 2.22
N VAL A 298 2.93 -8.86 2.82
CA VAL A 298 2.66 -9.85 3.89
C VAL A 298 3.42 -9.55 5.18
N ARG A 299 3.03 -10.24 6.26
CA ARG A 299 3.71 -10.08 7.57
C ARG A 299 4.54 -11.33 7.86
N LEU A 300 5.85 -11.16 8.03
CA LEU A 300 6.73 -12.31 8.35
C LEU A 300 6.43 -12.78 9.78
N LYS A 301 6.92 -13.96 10.14
CA LYS A 301 6.63 -14.51 11.49
C LYS A 301 7.11 -13.51 12.55
N ASP A 302 8.17 -12.74 12.26
CA ASP A 302 8.73 -11.80 13.27
C ASP A 302 7.96 -10.47 13.29
N GLY A 303 6.92 -10.34 12.47
CA GLY A 303 6.12 -9.09 12.44
C GLY A 303 6.59 -8.11 11.38
N THR A 304 7.74 -8.38 10.75
CA THR A 304 8.24 -7.51 9.65
C THR A 304 7.25 -7.56 8.47
N GLU A 305 6.99 -6.40 7.84
CA GLU A 305 6.09 -6.35 6.67
C GLU A 305 6.94 -6.20 5.39
N CYS A 306 6.58 -6.90 4.33
CA CYS A 306 7.38 -6.85 3.09
C CYS A 306 6.61 -7.46 1.91
N GLY A 307 7.16 -7.33 0.70
CA GLY A 307 6.52 -7.93 -0.48
C GLY A 307 6.30 -9.41 -0.27
N GLY A 308 5.13 -9.90 -0.67
CA GLY A 308 4.81 -11.33 -0.45
C GLY A 308 5.12 -12.19 -1.65
N PRO A 309 4.95 -13.53 -1.54
CA PRO A 309 5.33 -14.44 -2.60
C PRO A 309 4.31 -14.66 -3.73
N GLU A 310 4.84 -14.91 -4.93
CA GLU A 310 3.96 -15.23 -6.07
C GLU A 310 3.78 -16.76 -6.11
N TYR A 311 2.89 -17.22 -6.98
CA TYR A 311 2.63 -18.67 -7.10
C TYR A 311 3.92 -19.46 -7.33
N GLU A 312 4.74 -19.07 -8.31
CA GLU A 312 5.90 -19.90 -8.61
C GLU A 312 6.84 -20.00 -7.41
N THR A 313 6.85 -18.95 -6.58
CA THR A 313 7.70 -18.95 -5.37
C THR A 313 7.08 -19.86 -4.30
N LEU A 314 5.77 -19.78 -4.12
CA LEU A 314 5.10 -20.69 -3.19
C LEU A 314 5.37 -22.13 -3.57
N TRP A 315 5.48 -22.42 -4.87
CA TRP A 315 5.75 -23.81 -5.32
C TRP A 315 7.20 -24.23 -5.07
N CYS A 316 8.18 -23.39 -5.44
CA CYS A 316 9.61 -23.82 -5.40
C CYS A 316 10.17 -23.91 -3.98
N PHE A 317 9.54 -23.21 -3.03
CA PHE A 317 9.98 -23.29 -1.62
C PHE A 317 8.92 -24.06 -0.82
N GLY A 318 7.94 -24.63 -1.54
CA GLY A 318 6.93 -25.46 -0.87
C GLY A 318 6.90 -26.86 -1.45
N SER A 319 5.89 -27.17 -2.26
CA SER A 319 5.71 -28.54 -2.81
C SER A 319 6.97 -29.10 -3.49
N ASP A 320 7.72 -28.26 -4.20
CA ASP A 320 8.89 -28.78 -4.96
C ASP A 320 9.94 -29.34 -3.99
N CYS A 321 9.99 -28.80 -2.77
CA CYS A 321 10.97 -29.27 -1.75
C CYS A 321 10.26 -30.08 -0.66
N GLY A 322 8.97 -30.40 -0.87
CA GLY A 322 8.23 -31.22 0.09
C GLY A 322 7.94 -30.47 1.38
N SER A 323 7.98 -29.14 1.32
CA SER A 323 7.70 -28.28 2.51
C SER A 323 6.34 -27.59 2.37
N TYR A 324 5.60 -27.45 3.47
CA TYR A 324 4.27 -26.81 3.43
C TYR A 324 4.18 -25.75 4.53
N ASP A 325 5.32 -25.11 4.83
CA ASP A 325 5.36 -24.03 5.85
C ASP A 325 5.22 -22.69 5.11
N LEU A 326 4.08 -22.01 5.27
CA LEU A 326 3.81 -20.78 4.55
C LEU A 326 4.66 -19.62 5.06
N ASP A 327 4.76 -19.46 6.39
CA ASP A 327 5.67 -18.46 6.96
C ASP A 327 7.05 -18.59 6.37
N ALA A 328 7.53 -19.82 6.21
CA ALA A 328 8.87 -20.05 5.67
C ALA A 328 8.97 -19.58 4.22
N ILE A 329 7.90 -19.77 3.46
CA ILE A 329 7.94 -19.29 2.05
C ILE A 329 8.03 -17.76 2.06
N ASN A 330 7.29 -17.12 2.97
CA ASN A 330 7.33 -15.64 3.07
C ASN A 330 8.78 -15.21 3.38
N GLU A 331 9.46 -15.95 4.26
CA GLU A 331 10.87 -15.61 4.62
C GLU A 331 11.79 -15.87 3.43
N ALA A 332 11.65 -17.02 2.78
CA ALA A 332 12.50 -17.38 1.63
C ALA A 332 12.35 -16.32 0.53
N ASN A 333 11.11 -15.87 0.30
CA ASN A 333 10.85 -14.86 -0.76
C ASN A 333 11.61 -13.58 -0.40
N MET A 334 11.47 -13.15 0.85
CA MET A 334 12.21 -11.94 1.31
C MET A 334 13.71 -12.14 1.11
N LEU A 335 14.23 -13.32 1.46
CA LEU A 335 15.70 -13.54 1.39
C LEU A 335 16.15 -13.49 -0.08
N CYS A 336 15.34 -14.06 -0.97
CA CYS A 336 15.71 -14.02 -2.39
C CYS A 336 15.66 -12.58 -2.92
N ASN A 337 14.66 -11.80 -2.48
CA ASN A 337 14.60 -10.40 -2.88
C ASN A 337 15.76 -9.60 -2.30
N GLU A 338 16.22 -9.97 -1.11
CA GLU A 338 17.28 -9.21 -0.46
C GLU A 338 18.65 -9.56 -1.01
N TYR A 339 18.93 -10.85 -1.21
CA TYR A 339 20.18 -11.25 -1.83
C TYR A 339 20.19 -10.98 -3.33
N GLY A 340 19.01 -10.79 -3.93
CA GLY A 340 18.91 -10.56 -5.35
C GLY A 340 19.10 -11.82 -6.19
N ILE A 341 18.27 -12.84 -5.96
CA ILE A 341 18.26 -14.03 -6.79
C ILE A 341 16.84 -14.37 -7.22
N ASP A 342 16.75 -15.06 -8.36
CA ASP A 342 15.50 -15.60 -8.86
C ASP A 342 15.00 -16.70 -7.93
N THR A 343 13.78 -16.51 -7.39
CA THR A 343 13.22 -17.52 -6.49
C THR A 343 13.13 -18.88 -7.15
N ILE A 344 12.70 -18.91 -8.41
CA ILE A 344 12.37 -20.18 -9.07
C ILE A 344 13.61 -21.04 -9.23
N THR A 345 14.68 -20.48 -9.78
CA THR A 345 15.94 -21.26 -9.96
C THR A 345 16.50 -21.65 -8.58
N CYS A 346 16.33 -20.78 -7.60
CA CYS A 346 16.88 -21.06 -6.24
C CYS A 346 16.17 -22.29 -5.64
N GLY A 347 14.84 -22.21 -5.49
CA GLY A 347 14.09 -23.33 -4.89
C GLY A 347 14.23 -24.61 -5.68
N ALA A 348 14.18 -24.52 -7.00
CA ALA A 348 14.23 -25.74 -7.84
C ALA A 348 15.66 -26.31 -7.84
N THR A 349 16.67 -25.48 -7.56
CA THR A 349 18.05 -26.03 -7.43
C THR A 349 18.14 -26.76 -6.08
N ILE A 350 17.53 -26.19 -5.03
CA ILE A 350 17.50 -26.92 -3.77
C ILE A 350 16.74 -28.23 -3.95
N ALA A 351 15.67 -28.21 -4.73
CA ALA A 351 14.90 -29.44 -4.97
C ALA A 351 15.72 -30.49 -5.70
N ALA A 352 16.51 -30.06 -6.70
CA ALA A 352 17.39 -30.99 -7.39
C ALA A 352 18.42 -31.59 -6.43
N ALA A 353 19.00 -30.75 -5.57
CA ALA A 353 19.96 -31.24 -4.58
C ALA A 353 19.30 -32.23 -3.63
N MET A 354 18.06 -31.99 -3.25
CA MET A 354 17.35 -32.92 -2.33
C MET A 354 17.15 -34.28 -3.03
N GLU A 355 16.93 -34.27 -4.36
CA GLU A 355 16.77 -35.55 -5.10
C GLU A 355 18.13 -36.24 -5.24
N LEU A 356 19.20 -35.49 -5.51
CA LEU A 356 20.55 -36.08 -5.60
C LEU A 356 20.87 -36.74 -4.25
N TYR A 357 20.51 -36.10 -3.15
CA TYR A 357 20.73 -36.71 -1.81
C TYR A 357 19.85 -37.96 -1.68
N GLN A 358 18.56 -37.83 -2.01
CA GLN A 358 17.68 -38.98 -1.95
C GLN A 358 18.27 -40.20 -2.65
N ARG A 359 18.95 -39.97 -3.77
CA ARG A 359 19.44 -41.05 -4.61
C ARG A 359 20.91 -41.34 -4.39
N GLY A 360 21.50 -40.81 -3.31
CA GLY A 360 22.83 -41.20 -2.90
C GLY A 360 23.98 -40.53 -3.62
N TYR A 361 23.72 -39.49 -4.42
CA TYR A 361 24.81 -38.82 -5.11
C TYR A 361 25.58 -37.89 -4.17
N ILE A 362 24.87 -37.22 -3.28
CA ILE A 362 25.47 -36.36 -2.26
C ILE A 362 25.49 -37.14 -0.95
N LYS A 363 26.66 -37.25 -0.34
CA LYS A 363 26.82 -37.99 0.90
C LYS A 363 26.70 -37.05 2.10
N ASP A 364 26.40 -37.63 3.26
CA ASP A 364 26.26 -36.82 4.50
C ASP A 364 27.55 -36.03 4.77
N GLU A 365 28.70 -36.64 4.50
CA GLU A 365 30.00 -35.99 4.82
C GLU A 365 30.16 -34.67 4.05
N GLU A 366 29.60 -34.59 2.85
CA GLU A 366 29.79 -33.37 2.00
C GLU A 366 29.03 -32.18 2.60
N ILE A 367 27.94 -32.43 3.35
CA ILE A 367 27.11 -31.30 3.87
C ILE A 367 27.21 -31.20 5.40
N ALA A 368 28.01 -32.05 6.03
CA ALA A 368 28.09 -32.03 7.52
C ALA A 368 28.66 -30.68 7.99
N GLY A 369 29.66 -30.17 7.29
CA GLY A 369 30.25 -28.86 7.65
C GLY A 369 29.26 -27.72 7.56
N ASP A 370 28.20 -27.90 6.76
CA ASP A 370 27.18 -26.83 6.59
C ASP A 370 26.17 -26.88 7.74
N ASN A 371 26.08 -28.02 8.44
CA ASN A 371 25.10 -28.18 9.55
C ASN A 371 23.68 -28.04 8.99
N LEU A 372 23.48 -28.44 7.73
CA LEU A 372 22.11 -28.43 7.12
C LEU A 372 21.87 -29.78 6.46
N SER A 373 20.60 -30.19 6.34
CA SER A 373 20.29 -31.45 5.63
C SER A 373 19.79 -31.17 4.21
N LEU A 374 19.61 -32.23 3.44
CA LEU A 374 18.99 -32.09 2.10
C LEU A 374 17.81 -33.06 2.11
N LYS A 375 17.11 -33.17 3.25
CA LYS A 375 15.95 -34.08 3.35
C LYS A 375 14.68 -33.34 2.96
N TRP A 376 13.86 -33.97 2.12
CA TRP A 376 12.56 -33.36 1.75
C TRP A 376 11.84 -32.90 3.01
N GLY A 377 11.23 -31.72 2.97
CA GLY A 377 10.41 -31.27 4.12
C GLY A 377 11.22 -30.62 5.23
N ASP A 378 12.55 -30.68 5.17
CA ASP A 378 13.39 -29.98 6.18
C ASP A 378 13.38 -28.49 5.85
N THR A 379 12.31 -27.80 6.25
CA THR A 379 12.15 -26.36 5.94
C THR A 379 13.34 -25.55 6.43
N GLU A 380 13.80 -25.79 7.67
CA GLU A 380 14.89 -24.95 8.24
C GLU A 380 16.15 -25.08 7.39
N SER A 381 16.47 -26.30 6.95
CA SER A 381 17.67 -26.52 6.09
C SER A 381 17.46 -25.86 4.73
N MET A 382 16.27 -26.00 4.16
CA MET A 382 15.96 -25.38 2.83
C MET A 382 16.24 -23.87 2.93
N ILE A 383 15.67 -23.21 3.94
N ILE A 383 15.68 -23.21 3.94
CA ILE A 383 15.88 -21.75 4.12
CA ILE A 383 15.88 -21.75 4.12
C ILE A 383 17.38 -21.48 4.29
C ILE A 383 17.38 -21.48 4.29
N GLY A 384 18.05 -22.28 5.12
CA GLY A 384 19.46 -22.05 5.37
C GLY A 384 20.34 -22.16 4.15
N TRP A 385 19.92 -22.94 3.14
CA TRP A 385 20.76 -23.09 1.96
C TRP A 385 20.85 -21.80 1.15
N ILE A 386 19.85 -20.93 1.24
CA ILE A 386 19.82 -19.72 0.39
C ILE A 386 21.07 -18.88 0.59
N LYS A 387 21.37 -18.51 1.83
CA LYS A 387 22.54 -17.67 2.09
C LYS A 387 23.83 -18.38 1.66
N ARG A 388 23.90 -19.68 1.89
CA ARG A 388 25.15 -20.43 1.58
C ARG A 388 25.36 -20.51 0.06
N MET A 389 24.28 -20.59 -0.69
CA MET A 389 24.39 -20.59 -2.18
C MET A 389 24.84 -19.20 -2.64
N VAL A 390 24.24 -18.15 -2.08
CA VAL A 390 24.58 -16.75 -2.50
C VAL A 390 26.07 -16.48 -2.25
N TYR A 391 26.60 -16.94 -1.12
CA TYR A 391 28.01 -16.61 -0.76
C TYR A 391 28.96 -17.79 -1.01
N SER A 392 28.49 -18.83 -1.71
CA SER A 392 29.36 -19.98 -2.05
C SER A 392 30.01 -20.55 -0.78
N GLU A 393 29.21 -20.81 0.26
CA GLU A 393 29.75 -21.36 1.53
C GLU A 393 29.56 -22.88 1.55
N GLY A 394 30.64 -23.62 1.81
CA GLY A 394 30.57 -25.09 1.85
C GLY A 394 29.90 -25.67 0.61
N PHE A 395 28.93 -26.58 0.81
CA PHE A 395 28.24 -27.23 -0.34
C PHE A 395 27.40 -26.22 -1.12
N GLY A 396 27.02 -25.13 -0.46
CA GLY A 396 26.24 -24.08 -1.16
C GLY A 396 26.92 -23.67 -2.45
N ALA A 397 28.26 -23.74 -2.49
CA ALA A 397 29.00 -23.29 -3.68
C ALA A 397 28.65 -24.13 -4.91
N LYS A 398 28.18 -25.36 -4.70
CA LYS A 398 27.87 -26.26 -5.85
C LYS A 398 26.47 -25.92 -6.38
N MET A 399 25.68 -25.19 -5.61
CA MET A 399 24.29 -24.84 -6.02
C MET A 399 24.22 -23.39 -6.49
N THR A 400 25.28 -22.61 -6.28
CA THR A 400 25.26 -21.17 -6.61
C THR A 400 24.85 -20.92 -8.07
N ASN A 401 25.25 -21.79 -9.00
CA ASN A 401 24.99 -21.50 -10.43
C ASN A 401 23.86 -22.36 -11.00
N GLY A 402 23.03 -22.96 -10.15
CA GLY A 402 21.84 -23.66 -10.69
C GLY A 402 21.90 -25.17 -10.72
N SER A 403 20.74 -25.81 -10.95
CA SER A 403 20.63 -27.28 -10.92
C SER A 403 21.36 -27.95 -12.09
N TYR A 404 21.36 -27.32 -13.27
CA TYR A 404 21.96 -28.00 -14.44
C TYR A 404 23.44 -28.25 -14.17
N ARG A 405 24.14 -27.20 -13.72
CA ARG A 405 25.60 -27.33 -13.48
C ARG A 405 25.84 -28.22 -12.26
N LEU A 406 24.95 -28.14 -11.27
CA LEU A 406 25.10 -28.97 -10.04
C LEU A 406 25.00 -30.45 -10.42
N CYS A 407 24.00 -30.80 -11.25
CA CYS A 407 23.77 -32.23 -11.59
C CYS A 407 24.86 -32.71 -12.56
N GLU A 408 25.34 -31.82 -13.43
CA GLU A 408 26.44 -32.20 -14.35
C GLU A 408 27.65 -32.59 -13.49
N GLY A 409 27.91 -31.85 -12.43
CA GLY A 409 29.07 -32.16 -11.57
C GLY A 409 28.99 -33.56 -10.99
N TYR A 410 27.78 -34.03 -10.67
CA TYR A 410 27.62 -35.37 -10.04
C TYR A 410 27.37 -36.44 -11.11
N GLY A 411 27.42 -36.05 -12.38
CA GLY A 411 27.16 -37.02 -13.48
C GLY A 411 25.73 -37.52 -13.45
N ALA A 412 24.79 -36.68 -13.02
CA ALA A 412 23.36 -37.07 -12.97
C ALA A 412 22.49 -35.96 -13.59
N PRO A 413 22.69 -35.61 -14.88
CA PRO A 413 21.95 -34.51 -15.49
C PRO A 413 20.44 -34.77 -15.54
N GLU A 414 20.04 -36.03 -15.37
CA GLU A 414 18.61 -36.40 -15.48
C GLU A 414 17.79 -35.81 -14.33
N TYR A 415 18.44 -35.29 -13.29
CA TYR A 415 17.67 -34.80 -12.11
C TYR A 415 17.57 -33.27 -12.15
N SER A 416 18.07 -32.66 -13.22
CA SER A 416 17.91 -31.19 -13.38
C SER A 416 16.66 -30.94 -14.24
N MET A 417 15.60 -30.43 -13.63
CA MET A 417 14.35 -30.16 -14.37
C MET A 417 14.51 -28.79 -15.06
N THR A 418 15.31 -28.77 -16.12
CA THR A 418 15.62 -27.51 -16.81
C THR A 418 15.53 -27.64 -18.34
N VAL A 419 15.37 -26.50 -19.02
CA VAL A 419 15.44 -26.49 -20.51
C VAL A 419 16.45 -25.37 -20.81
N LYS A 420 17.48 -25.65 -21.61
CA LYS A 420 18.54 -24.65 -21.85
C LYS A 420 19.13 -24.20 -20.51
N LYS A 421 19.20 -25.11 -19.53
CA LYS A 421 19.83 -24.84 -18.22
C LYS A 421 19.00 -23.89 -17.34
N GLN A 422 17.75 -23.64 -17.72
CA GLN A 422 16.89 -22.80 -16.82
C GLN A 422 15.78 -23.67 -16.23
N GLU A 423 15.51 -23.51 -14.94
CA GLU A 423 14.55 -24.39 -14.23
C GLU A 423 13.10 -24.20 -14.69
N ILE A 424 12.42 -25.32 -14.99
CA ILE A 424 10.99 -25.29 -15.39
C ILE A 424 10.16 -24.89 -14.16
N PRO A 425 9.12 -24.05 -14.32
CA PRO A 425 8.32 -23.59 -13.17
C PRO A 425 7.20 -24.52 -12.68
N ALA A 426 6.19 -23.97 -12.01
CA ALA A 426 5.19 -24.78 -11.28
C ALA A 426 4.05 -25.37 -12.13
N TYR A 427 4.35 -25.99 -13.26
CA TYR A 427 3.30 -26.68 -14.05
C TYR A 427 3.92 -27.92 -14.70
N ASP A 428 3.34 -29.09 -14.45
CA ASP A 428 3.85 -30.36 -15.02
C ASP A 428 3.31 -30.51 -16.45
N PRO A 429 4.16 -30.42 -17.49
CA PRO A 429 3.68 -30.46 -18.87
C PRO A 429 3.17 -31.85 -19.32
N ARG A 430 3.44 -32.88 -18.51
CA ARG A 430 2.95 -34.24 -18.85
C ARG A 430 1.43 -34.21 -18.95
N GLY A 431 0.78 -33.27 -18.25
CA GLY A 431 -0.70 -33.14 -18.33
C GLY A 431 -1.16 -31.85 -18.97
N ILE A 432 -0.27 -31.14 -19.68
CA ILE A 432 -0.60 -29.88 -20.34
C ILE A 432 0.18 -29.79 -21.65
N GLN A 433 -0.32 -30.42 -22.71
CA GLN A 433 0.50 -30.58 -23.95
C GLN A 433 0.97 -29.25 -24.57
N GLY A 434 0.08 -28.29 -24.75
CA GLY A 434 0.50 -27.05 -25.41
C GLY A 434 1.54 -26.33 -24.58
N HIS A 435 1.36 -26.32 -23.26
CA HIS A 435 2.31 -25.60 -22.37
C HIS A 435 3.71 -26.21 -22.42
N GLY A 436 3.79 -27.54 -22.57
CA GLY A 436 5.09 -28.21 -22.66
C GLY A 436 5.85 -27.73 -23.89
N ILE A 437 5.12 -27.36 -24.94
CA ILE A 437 5.81 -26.80 -26.15
C ILE A 437 6.52 -25.52 -25.71
N THR A 438 5.81 -24.66 -24.99
CA THR A 438 6.40 -23.38 -24.52
C THR A 438 7.74 -23.67 -23.82
N TYR A 439 7.74 -24.61 -22.88
CA TYR A 439 8.99 -24.91 -22.12
C TYR A 439 10.12 -25.29 -23.08
N ALA A 440 9.82 -26.15 -24.06
CA ALA A 440 10.88 -26.66 -24.94
C ALA A 440 11.40 -25.59 -25.92
N VAL A 441 10.53 -24.72 -26.42
CA VAL A 441 10.97 -23.76 -27.48
C VAL A 441 11.21 -22.34 -26.94
N ASN A 442 10.84 -22.07 -25.69
CA ASN A 442 11.01 -20.71 -25.13
C ASN A 442 12.42 -20.19 -25.47
N ASN A 443 12.50 -19.01 -26.10
CA ASN A 443 13.82 -18.46 -26.54
C ASN A 443 14.71 -18.15 -25.32
N ARG A 444 14.12 -17.98 -24.13
CA ARG A 444 14.95 -17.57 -22.96
C ARG A 444 15.21 -18.78 -22.04
N GLY A 445 14.79 -19.95 -22.49
CA GLY A 445 14.98 -21.15 -21.69
C GLY A 445 13.73 -21.58 -20.94
N GLY A 446 13.86 -22.62 -20.12
CA GLY A 446 12.73 -23.14 -19.34
C GLY A 446 11.96 -22.03 -18.66
N CYS A 447 10.74 -21.76 -19.12
CA CYS A 447 9.95 -20.63 -18.58
C CYS A 447 8.52 -20.76 -19.11
N HIS A 448 7.53 -20.38 -18.29
CA HIS A 448 6.11 -20.54 -18.67
C HIS A 448 5.47 -19.25 -19.16
N ILE A 449 5.98 -18.09 -18.71
CA ILE A 449 5.25 -16.81 -18.95
C ILE A 449 5.49 -16.19 -20.34
N LYS A 450 6.47 -16.67 -21.12
CA LYS A 450 6.61 -16.15 -22.52
C LYS A 450 5.63 -16.91 -23.42
N GLY A 451 4.91 -17.88 -22.86
CA GLY A 451 3.89 -18.66 -23.61
C GLY A 451 2.92 -19.31 -22.66
N TYR A 452 2.11 -18.52 -21.96
CA TYR A 452 1.24 -19.06 -20.87
C TYR A 452 0.04 -19.84 -21.41
N MET A 453 0.31 -21.02 -21.96
CA MET A 453 -0.75 -21.87 -22.45
C MET A 453 -1.64 -22.37 -21.31
N ILE A 454 -1.21 -22.13 -20.06
CA ILE A 454 -2.04 -22.37 -18.89
C ILE A 454 -3.38 -21.66 -19.04
N ASN A 455 -3.37 -20.48 -19.65
CA ASN A 455 -4.64 -19.71 -19.82
C ASN A 455 -5.69 -20.57 -20.52
N PRO A 456 -5.50 -21.02 -21.78
CA PRO A 456 -6.53 -21.79 -22.47
C PRO A 456 -6.64 -23.26 -22.01
N GLU A 457 -5.51 -23.87 -21.64
CA GLU A 457 -5.55 -25.32 -21.32
C GLU A 457 -6.10 -25.57 -19.91
N ILE A 458 -6.01 -24.59 -19.02
CA ILE A 458 -6.45 -24.82 -17.61
C ILE A 458 -7.48 -23.78 -17.18
N LEU A 459 -7.25 -22.49 -17.47
CA LEU A 459 -8.15 -21.43 -16.93
C LEU A 459 -9.31 -21.06 -17.86
N GLY A 460 -9.24 -21.41 -19.14
CA GLY A 460 -10.36 -21.14 -20.07
C GLY A 460 -10.28 -19.78 -20.75
N TYR A 461 -9.08 -19.21 -20.82
CA TYR A 461 -8.89 -17.91 -21.50
C TYR A 461 -8.03 -18.11 -22.76
N PRO A 462 -8.46 -17.61 -23.94
CA PRO A 462 -9.77 -16.98 -24.11
C PRO A 462 -10.88 -18.02 -24.25
N GLU A 463 -10.50 -19.29 -24.45
CA GLU A 463 -11.48 -20.40 -24.52
C GLU A 463 -10.85 -21.57 -23.75
N LYS A 464 -11.64 -22.59 -23.41
CA LYS A 464 -11.09 -23.79 -22.73
C LYS A 464 -10.68 -24.84 -23.76
N LEU A 465 -9.44 -25.31 -23.70
CA LEU A 465 -9.00 -26.40 -24.59
C LEU A 465 -8.80 -27.67 -23.76
N ASP A 466 -8.86 -28.84 -24.41
CA ASP A 466 -8.55 -30.10 -23.70
C ASP A 466 -7.03 -30.17 -23.51
N ARG A 467 -6.57 -30.07 -22.26
CA ARG A 467 -5.10 -30.01 -21.99
C ARG A 467 -4.40 -31.30 -22.41
N PHE A 468 -5.13 -32.40 -22.52
CA PHE A 468 -4.50 -33.70 -22.87
C PHE A 468 -4.42 -33.86 -24.39
N ALA A 469 -5.16 -33.02 -25.12
CA ALA A 469 -5.24 -33.19 -26.60
C ALA A 469 -3.98 -32.66 -27.28
N LEU A 470 -3.74 -33.15 -28.50
CA LEU A 470 -2.60 -32.71 -29.31
C LEU A 470 -2.99 -31.81 -30.47
N ASP A 471 -4.10 -32.09 -31.15
CA ASP A 471 -4.48 -31.33 -32.33
C ASP A 471 -4.63 -29.84 -32.03
N GLY A 472 -3.96 -29.00 -32.83
CA GLY A 472 -4.10 -27.55 -32.71
C GLY A 472 -3.19 -26.88 -31.70
N LYS A 473 -2.47 -27.67 -30.90
CA LYS A 473 -1.65 -27.09 -29.79
C LYS A 473 -0.43 -26.33 -30.34
N ALA A 474 0.22 -26.86 -31.36
CA ALA A 474 1.40 -26.18 -31.94
C ALA A 474 0.99 -24.79 -32.42
N ALA A 475 -0.10 -24.72 -33.18
CA ALA A 475 -0.54 -23.41 -33.72
C ALA A 475 -0.95 -22.48 -32.57
N TYR A 476 -1.61 -23.03 -31.55
CA TYR A 476 -2.09 -22.19 -30.41
C TYR A 476 -0.88 -21.66 -29.65
N ALA A 477 0.14 -22.50 -29.49
CA ALA A 477 1.37 -22.07 -28.77
C ALA A 477 2.02 -20.93 -29.56
N LYS A 478 2.11 -21.08 -30.88
CA LYS A 478 2.71 -20.00 -31.71
C LYS A 478 1.95 -18.70 -31.48
N LEU A 479 0.62 -18.75 -31.49
CA LEU A 479 -0.20 -17.53 -31.31
C LEU A 479 0.11 -16.90 -29.94
N PHE A 480 0.14 -17.72 -28.90
CA PHE A 480 0.42 -17.21 -27.53
C PHE A 480 1.83 -16.63 -27.48
N HIS A 481 2.76 -17.27 -28.19
CA HIS A 481 4.17 -16.80 -28.21
C HIS A 481 4.20 -15.41 -28.86
N ASP A 482 3.47 -15.24 -29.96
CA ASP A 482 3.50 -13.96 -30.66
C ASP A 482 2.72 -12.89 -29.91
N LEU A 483 1.55 -13.24 -29.35
CA LEU A 483 0.78 -12.27 -28.59
C LEU A 483 1.55 -11.81 -27.35
N THR A 484 2.23 -12.75 -26.69
CA THR A 484 3.01 -12.38 -25.48
C THR A 484 4.15 -11.44 -25.88
N ALA A 485 4.72 -11.65 -27.07
CA ALA A 485 5.81 -10.77 -27.54
C ALA A 485 5.25 -9.35 -27.77
N VAL A 486 4.01 -9.25 -28.24
CA VAL A 486 3.37 -7.92 -28.40
C VAL A 486 3.20 -7.27 -27.02
N ILE A 487 2.56 -7.97 -26.08
CA ILE A 487 2.26 -7.37 -24.75
C ILE A 487 3.55 -6.98 -24.04
N ASP A 488 4.56 -7.87 -24.06
CA ASP A 488 5.87 -7.51 -23.46
C ASP A 488 6.40 -6.25 -24.13
N SER A 489 6.28 -6.17 -25.46
CA SER A 489 6.89 -5.03 -26.21
C SER A 489 6.15 -3.71 -25.96
N LEU A 490 4.87 -3.76 -25.57
CA LEU A 490 4.07 -2.53 -25.38
C LEU A 490 4.38 -1.88 -24.03
N GLY A 491 4.87 -2.64 -23.06
CA GLY A 491 5.07 -2.10 -21.69
C GLY A 491 3.86 -2.36 -20.80
N LEU A 492 3.05 -3.35 -21.16
CA LEU A 492 1.85 -3.70 -20.34
C LEU A 492 2.04 -5.04 -19.65
N CYS A 493 1.10 -5.39 -18.76
CA CYS A 493 1.21 -6.65 -17.99
C CYS A 493 0.49 -7.80 -18.70
N ILE A 494 1.10 -8.98 -18.71
CA ILE A 494 0.50 -10.18 -19.38
C ILE A 494 -0.85 -10.51 -18.73
N PHE A 495 -1.07 -10.11 -17.48
CA PHE A 495 -2.32 -10.49 -16.77
C PHE A 495 -3.51 -9.72 -17.32
N THR A 496 -3.28 -8.80 -18.26
CA THR A 496 -4.40 -8.12 -18.94
C THR A 496 -5.13 -9.13 -19.84
N THR A 497 -4.51 -10.28 -20.13
CA THR A 497 -5.15 -11.32 -20.96
C THR A 497 -6.37 -11.89 -20.22
N PHE A 498 -6.56 -11.53 -18.96
CA PHE A 498 -7.76 -11.96 -18.20
C PHE A 498 -8.87 -10.95 -18.51
N GLY A 499 -9.24 -10.86 -19.79
CA GLY A 499 -10.31 -9.94 -20.20
C GLY A 499 -10.00 -9.26 -21.53
N LEU A 500 -8.72 -9.06 -21.84
CA LEU A 500 -8.36 -8.31 -23.07
C LEU A 500 -7.73 -9.20 -24.14
N GLY A 501 -7.89 -8.81 -25.40
CA GLY A 501 -7.31 -9.53 -26.54
C GLY A 501 -6.58 -8.56 -27.47
N ILE A 502 -6.14 -9.04 -28.64
CA ILE A 502 -5.29 -8.22 -29.55
C ILE A 502 -5.95 -6.88 -29.88
N GLN A 503 -7.25 -6.85 -30.17
CA GLN A 503 -7.88 -5.58 -30.59
C GLN A 503 -7.76 -4.55 -29.46
N ASP A 504 -7.90 -4.99 -28.21
CA ASP A 504 -7.81 -4.07 -27.05
C ASP A 504 -6.40 -3.45 -27.00
N TYR A 505 -5.39 -4.23 -27.37
CA TYR A 505 -3.99 -3.73 -27.37
C TYR A 505 -3.82 -2.74 -28.53
N VAL A 506 -4.39 -3.07 -29.69
CA VAL A 506 -4.35 -2.13 -30.85
C VAL A 506 -5.04 -0.82 -30.42
N ASP A 507 -6.20 -0.93 -29.77
CA ASP A 507 -6.96 0.28 -29.36
C ASP A 507 -6.08 1.18 -28.48
N MET A 508 -5.41 0.60 -27.49
CA MET A 508 -4.60 1.41 -26.54
C MET A 508 -3.36 1.96 -27.26
N TYR A 509 -2.71 1.14 -28.08
CA TYR A 509 -1.47 1.58 -28.78
C TYR A 509 -1.79 2.78 -29.69
N ASN A 510 -2.83 2.65 -30.51
CA ASN A 510 -3.16 3.71 -31.49
C ASN A 510 -3.59 4.99 -30.76
N ALA A 511 -4.42 4.85 -29.74
CA ALA A 511 -4.86 6.02 -28.94
C ALA A 511 -3.66 6.78 -28.38
N VAL A 512 -2.59 6.08 -28.02
CA VAL A 512 -1.44 6.74 -27.41
C VAL A 512 -0.45 7.23 -28.46
N VAL A 513 -0.11 6.37 -29.42
CA VAL A 513 0.98 6.63 -30.35
C VAL A 513 0.51 7.40 -31.58
N GLY A 514 -0.64 6.98 -32.13
CA GLY A 514 -1.12 7.60 -33.37
C GLY A 514 -2.20 6.75 -34.03
N GLU A 515 -3.27 7.41 -34.50
CA GLU A 515 -4.40 6.68 -35.12
C GLU A 515 -3.94 5.78 -36.27
N SER A 516 -4.40 4.53 -36.30
CA SER A 516 -4.12 3.59 -37.43
C SER A 516 -2.65 3.25 -37.65
N THR A 517 -1.79 3.31 -36.62
CA THR A 517 -0.38 2.88 -36.83
C THR A 517 -0.36 1.36 -37.00
N TYR A 518 -1.20 0.64 -36.24
CA TYR A 518 -1.19 -0.83 -36.33
C TYR A 518 -2.60 -1.40 -36.50
N ASP A 519 -2.71 -2.62 -37.01
CA ASP A 519 -4.03 -3.30 -37.05
C ASP A 519 -3.81 -4.63 -36.31
N ALA A 520 -4.89 -5.32 -35.96
CA ALA A 520 -4.75 -6.61 -35.23
C ALA A 520 -3.78 -7.54 -35.95
N ASP A 521 -3.88 -7.64 -37.28
CA ASP A 521 -3.04 -8.60 -38.05
C ASP A 521 -1.57 -8.14 -38.06
N SER A 522 -1.33 -6.85 -38.32
CA SER A 522 0.05 -6.34 -38.43
C SER A 522 0.73 -6.42 -37.06
N LEU A 523 -0.03 -6.18 -36.01
CA LEU A 523 0.58 -6.18 -34.65
C LEU A 523 0.98 -7.61 -34.25
N LEU A 524 0.10 -8.57 -34.48
CA LEU A 524 0.45 -9.99 -34.18
C LEU A 524 1.63 -10.41 -35.06
N GLU A 525 1.65 -9.95 -36.32
CA GLU A 525 2.78 -10.29 -37.23
C GLU A 525 4.08 -9.72 -36.64
N ALA A 526 3.99 -8.56 -35.99
CA ALA A 526 5.19 -7.97 -35.35
C ALA A 526 5.66 -8.89 -34.21
N GLY A 527 4.70 -9.48 -33.46
CA GLY A 527 5.08 -10.43 -32.41
C GLY A 527 5.82 -11.62 -32.99
N ASP A 528 5.36 -12.10 -34.15
CA ASP A 528 6.04 -13.22 -34.85
C ASP A 528 7.45 -12.78 -35.25
N ARG A 529 7.58 -11.55 -35.75
N ARG A 529 7.58 -11.56 -35.76
CA ARG A 529 8.90 -11.01 -36.14
CA ARG A 529 8.91 -11.02 -36.14
C ARG A 529 9.82 -10.96 -34.91
C ARG A 529 9.82 -10.98 -34.90
N ILE A 530 9.27 -10.57 -33.75
CA ILE A 530 10.11 -10.43 -32.52
C ILE A 530 10.56 -11.82 -32.04
N TRP A 531 9.64 -12.79 -32.00
CA TRP A 531 10.01 -14.17 -31.58
C TRP A 531 11.07 -14.74 -32.53
N THR A 532 10.89 -14.51 -33.83
CA THR A 532 11.84 -15.07 -34.83
C THR A 532 13.20 -14.38 -34.69
N LEU A 533 13.17 -13.08 -34.39
CA LEU A 533 14.45 -12.34 -34.18
C LEU A 533 15.19 -12.96 -32.98
N GLU A 534 14.48 -13.26 -31.90
CA GLU A 534 15.13 -13.91 -30.73
C GLU A 534 15.74 -15.25 -31.15
N LYS A 535 15.01 -16.01 -31.97
CA LYS A 535 15.51 -17.33 -32.45
C LYS A 535 16.82 -17.15 -33.22
N LEU A 536 16.87 -16.18 -34.13
CA LEU A 536 18.09 -15.93 -34.93
C LEU A 536 19.24 -15.53 -34.00
N PHE A 537 18.93 -14.73 -32.97
CA PHE A 537 19.99 -14.35 -32.00
C PHE A 537 20.54 -15.63 -31.37
N ASN A 538 19.66 -16.52 -30.93
CA ASN A 538 20.09 -17.78 -30.26
C ASN A 538 20.93 -18.61 -31.24
N LEU A 539 20.50 -18.70 -32.49
CA LEU A 539 21.28 -19.47 -33.51
C LEU A 539 22.67 -18.84 -33.64
N ALA A 540 22.73 -17.51 -33.72
CA ALA A 540 24.04 -16.83 -33.82
C ALA A 540 24.87 -17.08 -32.56
N ALA A 541 24.20 -17.30 -31.43
CA ALA A 541 24.90 -17.51 -30.14
C ALA A 541 25.36 -18.96 -30.00
N GLY A 542 25.03 -19.81 -30.98
CA GLY A 542 25.36 -21.22 -30.86
C GLY A 542 24.34 -22.06 -30.13
N ILE A 543 23.12 -21.54 -29.97
CA ILE A 543 22.04 -22.35 -29.34
C ILE A 543 21.29 -23.08 -30.46
N ASP A 544 21.60 -24.36 -30.64
CA ASP A 544 20.99 -25.18 -31.71
C ASP A 544 19.54 -25.54 -31.38
N SER A 545 18.75 -25.86 -32.41
CA SER A 545 17.37 -26.33 -32.19
C SER A 545 17.38 -27.65 -31.39
N SER A 546 18.53 -28.36 -31.39
CA SER A 546 18.61 -29.56 -30.57
C SER A 546 18.42 -29.25 -29.09
N GLN A 547 18.52 -27.99 -28.68
CA GLN A 547 18.27 -27.60 -27.30
C GLN A 547 16.79 -27.40 -27.01
N ASP A 548 15.94 -27.63 -28.01
CA ASP A 548 14.48 -27.61 -27.80
C ASP A 548 14.06 -29.00 -27.31
N THR A 549 13.99 -29.14 -25.99
CA THR A 549 13.69 -30.46 -25.44
C THR A 549 13.08 -30.35 -24.07
N LEU A 550 12.75 -31.51 -23.50
CA LEU A 550 12.25 -31.58 -22.11
C LEU A 550 13.07 -32.65 -21.41
N PRO A 551 13.22 -32.54 -20.09
CA PRO A 551 13.89 -33.62 -19.35
C PRO A 551 13.27 -34.97 -19.67
N LYS A 552 14.11 -36.00 -19.68
CA LYS A 552 13.62 -37.37 -19.99
C LYS A 552 12.43 -37.72 -19.09
N ARG A 553 12.48 -37.31 -17.82
CA ARG A 553 11.39 -37.64 -16.91
C ARG A 553 10.04 -37.21 -17.46
N LEU A 554 9.98 -36.02 -18.06
CA LEU A 554 8.71 -35.49 -18.55
C LEU A 554 8.29 -36.08 -19.87
N LEU A 555 9.21 -36.74 -20.58
CA LEU A 555 8.88 -37.42 -21.83
C LEU A 555 8.63 -38.91 -21.66
N GLU A 556 9.18 -39.53 -20.60
CA GLU A 556 9.09 -41.01 -20.50
C GLU A 556 8.42 -41.50 -19.22
N GLU A 557 8.44 -40.72 -18.13
CA GLU A 557 7.88 -41.21 -16.85
C GLU A 557 6.43 -40.73 -16.70
N PRO A 558 5.44 -41.63 -16.79
CA PRO A 558 4.04 -41.25 -16.68
C PRO A 558 3.77 -40.66 -15.29
N ILE A 559 2.91 -39.64 -15.24
CA ILE A 559 2.55 -39.08 -13.93
C ILE A 559 2.07 -40.22 -13.03
N PRO A 560 2.69 -40.43 -11.84
CA PRO A 560 2.39 -41.63 -11.03
C PRO A 560 1.00 -41.71 -10.40
N ASP A 561 0.41 -40.57 -10.07
CA ASP A 561 -0.89 -40.61 -9.36
C ASP A 561 -1.64 -39.30 -9.53
N GLY A 562 -2.94 -39.31 -9.27
CA GLY A 562 -3.70 -38.06 -9.30
C GLY A 562 -4.56 -37.91 -10.54
N PRO A 563 -5.23 -36.75 -10.73
CA PRO A 563 -6.15 -36.56 -11.86
C PRO A 563 -5.49 -36.65 -13.25
N SER A 564 -4.16 -36.53 -13.32
CA SER A 564 -3.45 -36.60 -14.62
C SER A 564 -2.60 -37.87 -14.68
N LYS A 565 -2.99 -38.88 -13.89
CA LYS A 565 -2.21 -40.14 -13.83
C LYS A 565 -2.06 -40.79 -15.21
N GLY A 566 -0.86 -41.22 -15.54
CA GLY A 566 -0.60 -41.96 -16.76
C GLY A 566 -0.04 -41.15 -17.91
N GLU A 567 -0.06 -39.82 -17.78
CA GLU A 567 0.29 -38.96 -18.94
C GLU A 567 1.78 -38.61 -19.03
N VAL A 568 2.25 -38.43 -20.28
CA VAL A 568 3.63 -37.95 -20.52
C VAL A 568 3.48 -36.84 -21.57
N HIS A 569 4.45 -35.94 -21.68
CA HIS A 569 4.36 -34.90 -22.73
C HIS A 569 4.74 -35.52 -24.09
N ARG A 570 4.01 -35.17 -25.14
N ARG A 570 4.01 -35.15 -25.14
CA ARG A 570 4.28 -35.74 -26.48
CA ARG A 570 4.26 -35.73 -26.49
C ARG A 570 5.01 -34.72 -27.35
C ARG A 570 4.99 -34.72 -27.36
N LEU A 571 6.21 -34.34 -26.95
CA LEU A 571 7.01 -33.35 -27.71
C LEU A 571 7.44 -33.95 -29.05
N ASP A 572 7.59 -35.28 -29.09
CA ASP A 572 8.08 -35.96 -30.33
C ASP A 572 7.16 -35.61 -31.50
N VAL A 573 5.88 -35.39 -31.20
CA VAL A 573 4.89 -35.09 -32.27
C VAL A 573 4.64 -33.60 -32.35
N LEU A 574 4.73 -32.88 -31.22
CA LEU A 574 4.35 -31.48 -31.23
C LEU A 574 5.47 -30.55 -31.75
N LEU A 575 6.73 -30.89 -31.48
CA LEU A 575 7.83 -29.95 -31.87
C LEU A 575 7.93 -29.78 -33.39
N PRO A 576 7.94 -30.86 -34.20
CA PRO A 576 8.03 -30.70 -35.65
C PRO A 576 6.85 -29.85 -36.17
N GLU A 577 5.66 -30.07 -35.63
CA GLU A 577 4.48 -29.28 -36.05
C GLU A 577 4.67 -27.81 -35.65
N TYR A 578 5.32 -27.58 -34.50
CA TYR A 578 5.57 -26.19 -34.11
C TYR A 578 6.49 -25.50 -35.11
N TYR A 579 7.60 -26.14 -35.46
CA TYR A 579 8.47 -25.57 -36.50
C TYR A 579 7.69 -25.34 -37.80
N SER A 580 6.84 -26.29 -38.16
CA SER A 580 6.12 -26.19 -39.44
C SER A 580 5.16 -25.00 -39.44
N VAL A 581 4.38 -24.84 -38.37
CA VAL A 581 3.42 -23.73 -38.36
C VAL A 581 4.14 -22.38 -38.22
N ARG A 582 5.37 -22.37 -37.69
CA ARG A 582 6.15 -21.15 -37.65
C ARG A 582 6.75 -20.77 -39.00
N GLY A 583 6.69 -21.66 -39.99
CA GLY A 583 7.39 -21.42 -41.23
C GLY A 583 8.88 -21.62 -41.13
N TRP A 584 9.29 -22.51 -40.22
CA TRP A 584 10.72 -22.83 -40.07
C TRP A 584 11.01 -24.21 -40.66
N SER A 585 12.28 -24.54 -40.81
CA SER A 585 12.70 -25.85 -41.37
C SER A 585 12.49 -26.96 -40.35
N LYS A 586 12.78 -28.20 -40.75
CA LYS A 586 12.68 -29.34 -39.81
C LYS A 586 13.80 -29.22 -38.76
N GLU A 587 14.91 -28.54 -39.09
CA GLU A 587 15.92 -28.25 -38.09
C GLU A 587 15.63 -26.97 -37.33
N GLY A 588 14.42 -26.43 -37.48
CA GLY A 588 14.02 -25.24 -36.71
C GLY A 588 14.66 -23.95 -37.20
N ILE A 589 15.03 -23.91 -38.49
CA ILE A 589 15.70 -22.71 -39.06
C ILE A 589 14.66 -21.91 -39.86
N PRO A 590 14.40 -20.63 -39.51
CA PRO A 590 13.47 -19.81 -40.28
C PRO A 590 13.81 -19.84 -41.77
N THR A 591 12.79 -20.03 -42.62
CA THR A 591 13.04 -20.15 -44.08
C THR A 591 13.20 -18.78 -44.73
N GLU A 592 13.72 -18.77 -45.96
CA GLU A 592 13.84 -17.54 -46.72
C GLU A 592 12.48 -16.87 -46.91
N GLU A 593 11.44 -17.65 -47.24
CA GLU A 593 10.13 -17.03 -47.42
C GLU A 593 9.62 -16.42 -46.11
N THR A 594 9.85 -17.10 -45.00
CA THR A 594 9.38 -16.59 -43.71
C THR A 594 10.10 -15.30 -43.35
N LEU A 595 11.43 -15.27 -43.53
CA LEU A 595 12.17 -14.05 -43.22
C LEU A 595 11.69 -12.89 -44.08
N LYS A 596 11.44 -13.13 -45.37
CA LYS A 596 10.90 -12.07 -46.22
C LYS A 596 9.52 -11.61 -45.73
N LYS A 597 8.66 -12.57 -45.38
CA LYS A 597 7.29 -12.20 -44.95
C LYS A 597 7.34 -11.36 -43.67
N LEU A 598 8.29 -11.65 -42.78
CA LEU A 598 8.31 -10.96 -41.45
C LEU A 598 9.12 -9.65 -41.51
N GLY A 599 9.68 -9.32 -42.68
CA GLY A 599 10.51 -8.10 -42.78
C GLY A 599 11.88 -8.29 -42.15
N LEU A 600 12.37 -9.52 -42.11
CA LEU A 600 13.70 -9.82 -41.56
C LEU A 600 14.69 -10.13 -42.67
N ASP A 601 14.64 -9.34 -43.75
CA ASP A 601 15.42 -9.64 -44.95
C ASP A 601 16.91 -9.57 -44.69
N GLU A 602 17.33 -8.75 -43.73
CA GLU A 602 18.78 -8.58 -43.46
C GLU A 602 19.40 -9.89 -42.95
N TYR A 603 18.58 -10.87 -42.56
CA TYR A 603 19.12 -12.12 -41.97
C TYR A 603 19.04 -13.27 -42.98
N ILE A 604 18.57 -13.00 -44.19
CA ILE A 604 18.43 -14.06 -45.24
C ILE A 604 19.82 -14.58 -45.64
N GLY A 605 19.99 -15.90 -45.74
CA GLY A 605 21.26 -16.49 -46.19
C GLY A 605 22.32 -16.58 -45.11
N LYS A 606 21.98 -16.18 -43.88
CA LYS A 606 23.00 -16.15 -42.80
C LYS A 606 22.85 -17.37 -41.89
N PHE A 607 21.73 -18.11 -41.97
CA PHE A 607 21.52 -19.23 -41.02
C PHE A 607 21.18 -20.52 -41.78
N MET B 1 4.91 -4.29 33.10
CA MET B 1 3.50 -4.61 33.48
C MET B 1 2.83 -5.34 32.32
N TYR B 2 1.57 -5.73 32.49
CA TYR B 2 0.81 -6.40 31.39
C TYR B 2 -0.05 -5.35 30.66
N GLY B 3 0.02 -5.33 29.33
CA GLY B 3 -0.72 -4.31 28.56
C GLY B 3 -0.03 -2.98 28.73
N TYR B 4 -0.19 -2.36 29.91
CA TYR B 4 0.57 -1.12 30.19
C TYR B 4 2.06 -1.49 30.21
N ASP B 5 2.93 -0.55 29.82
CA ASP B 5 4.39 -0.79 29.87
C ASP B 5 4.87 -0.47 31.29
N GLY B 6 4.47 0.68 31.82
CA GLY B 6 4.83 1.05 33.21
C GLY B 6 5.65 2.32 33.28
N LYS B 7 5.89 2.97 32.15
CA LYS B 7 6.79 4.14 32.16
C LYS B 7 6.21 5.36 31.43
N VAL B 8 6.47 6.54 31.98
CA VAL B 8 6.04 7.80 31.38
C VAL B 8 7.28 8.63 31.05
N LEU B 9 7.28 9.26 29.87
CA LEU B 9 8.43 10.10 29.45
C LEU B 9 8.04 11.58 29.61
N ARG B 10 8.74 12.29 30.49
CA ARG B 10 8.42 13.71 30.75
C ARG B 10 9.51 14.59 30.11
N ILE B 11 9.13 15.42 29.14
CA ILE B 11 10.13 16.24 28.41
C ILE B 11 9.84 17.73 28.62
N ASN B 12 10.77 18.45 29.23
CA ASN B 12 10.63 19.93 29.37
C ASN B 12 11.46 20.53 28.24
N LEU B 13 10.81 21.32 27.38
CA LEU B 13 11.53 21.89 26.20
C LEU B 13 12.35 23.12 26.58
N LYS B 14 11.98 23.78 27.68
CA LYS B 14 12.72 24.97 28.16
C LYS B 14 14.02 24.51 28.82
N GLU B 15 13.91 23.60 29.79
CA GLU B 15 15.10 23.03 30.43
C GLU B 15 15.84 22.08 29.51
N ARG B 16 15.18 21.62 28.44
CA ARG B 16 15.77 20.61 27.51
C ARG B 16 16.08 19.35 28.32
N THR B 17 15.11 18.89 29.10
CA THR B 17 15.31 17.69 29.96
C THR B 17 14.40 16.55 29.51
N CYS B 18 14.88 15.31 29.57
CA CYS B 18 14.07 14.11 29.22
C CYS B 18 14.14 13.14 30.40
N LYS B 19 13.02 12.90 31.07
CA LYS B 19 13.05 12.08 32.30
C LYS B 19 12.08 10.90 32.25
N SER B 20 12.43 9.81 32.95
CA SER B 20 11.51 8.65 33.05
C SER B 20 10.83 8.67 34.41
N GLU B 21 9.51 8.46 34.41
CA GLU B 21 8.77 8.35 35.70
C GLU B 21 7.96 7.06 35.58
N ASN B 22 7.65 6.43 36.70
CA ASN B 22 6.82 5.23 36.66
C ASN B 22 5.35 5.59 36.48
N LEU B 23 4.66 4.79 35.68
CA LEU B 23 3.22 4.99 35.49
C LEU B 23 2.48 4.64 36.78
N ASP B 24 1.46 5.42 37.14
CA ASP B 24 0.61 5.06 38.31
C ASP B 24 -0.37 4.00 37.80
N LEU B 25 -0.11 2.73 38.06
CA LEU B 25 -0.97 1.66 37.48
C LEU B 25 -2.41 1.78 38.00
N ASP B 26 -2.58 2.13 39.28
CA ASP B 26 -3.94 2.23 39.79
C ASP B 26 -4.73 3.30 39.04
N LYS B 27 -4.08 4.43 38.72
CA LYS B 27 -4.77 5.52 37.97
C LYS B 27 -5.00 5.09 36.52
N ALA B 28 -4.03 4.37 35.95
CA ALA B 28 -4.14 3.92 34.55
C ALA B 28 -5.32 2.95 34.40
N LYS B 29 -5.48 2.05 35.36
CA LYS B 29 -6.60 1.07 35.31
C LYS B 29 -7.92 1.78 35.58
N LYS B 30 -7.93 2.71 36.53
CA LYS B 30 -9.18 3.39 36.88
C LYS B 30 -9.73 4.19 35.70
N PHE B 31 -8.81 4.82 34.97
CA PHE B 31 -9.22 5.61 33.77
C PHE B 31 -8.92 4.81 32.50
N ILE B 32 -8.72 3.49 32.62
CA ILE B 32 -8.52 2.57 31.45
C ILE B 32 -7.18 2.82 30.73
N GLY B 33 -6.93 4.06 30.33
CA GLY B 33 -5.70 4.36 29.57
C GLY B 33 -5.96 5.38 28.49
N CYS B 34 -5.03 5.55 27.55
CA CYS B 34 -5.20 6.48 26.41
C CYS B 34 -6.03 7.70 26.84
N ARG B 35 -7.20 7.88 26.22
CA ARG B 35 -8.07 9.06 26.51
C ARG B 35 -8.16 9.37 28.01
N GLY B 36 -8.73 8.47 28.80
CA GLY B 36 -8.97 8.75 30.23
C GLY B 36 -7.69 9.04 30.98
N LEU B 37 -6.63 8.27 30.71
CA LEU B 37 -5.33 8.47 31.40
C LEU B 37 -4.78 9.85 31.02
N GLY B 38 -4.83 10.21 29.75
CA GLY B 38 -4.32 11.53 29.33
C GLY B 38 -5.08 12.68 29.96
N VAL B 39 -6.41 12.60 29.98
CA VAL B 39 -7.25 13.71 30.53
C VAL B 39 -6.96 13.84 32.03
N LYS B 40 -6.95 12.72 32.75
CA LYS B 40 -6.64 12.76 34.20
C LYS B 40 -5.27 13.42 34.39
N THR B 41 -4.28 12.97 33.62
CA THR B 41 -2.90 13.51 33.74
C THR B 41 -2.91 15.02 33.49
N LEU B 42 -3.62 15.47 32.44
CA LEU B 42 -3.64 16.91 32.09
C LEU B 42 -4.35 17.71 33.20
N PHE B 43 -5.52 17.26 33.63
CA PHE B 43 -6.30 17.95 34.69
C PHE B 43 -5.44 18.08 35.96
N ASP B 44 -4.68 17.03 36.26
CA ASP B 44 -3.87 17.01 37.51
C ASP B 44 -2.66 17.94 37.41
N GLU B 45 -2.25 18.31 36.20
CA GLU B 45 -1.00 19.04 36.07
C GLU B 45 -1.14 20.45 35.52
N ILE B 46 -2.31 20.85 35.00
CA ILE B 46 -2.50 22.20 34.51
C ILE B 46 -3.71 22.85 35.16
N ASP B 47 -3.75 24.18 35.08
CA ASP B 47 -4.94 24.95 35.42
C ASP B 47 -5.79 25.06 34.16
N PRO B 48 -6.96 24.41 34.10
CA PRO B 48 -7.73 24.37 32.85
C PRO B 48 -8.06 25.75 32.27
N LYS B 49 -7.92 26.81 33.07
CA LYS B 49 -8.25 28.15 32.59
C LYS B 49 -7.17 28.77 31.72
N ILE B 50 -5.99 28.16 31.60
CA ILE B 50 -4.88 28.80 30.90
C ILE B 50 -5.16 28.95 29.40
N ASP B 51 -4.46 29.90 28.79
CA ASP B 51 -4.33 29.98 27.34
C ASP B 51 -3.74 28.70 26.80
N ALA B 52 -4.45 28.06 25.86
CA ALA B 52 -4.00 26.80 25.30
C ALA B 52 -2.71 26.94 24.49
N LEU B 53 -2.37 28.14 24.05
CA LEU B 53 -1.12 28.37 23.33
C LEU B 53 0.00 28.88 24.23
N SER B 54 -0.27 29.06 25.52
CA SER B 54 0.77 29.47 26.44
C SER B 54 1.69 28.31 26.77
N PRO B 55 2.94 28.59 27.18
CA PRO B 55 3.87 27.51 27.53
C PRO B 55 3.36 26.57 28.61
N GLU B 56 2.43 27.03 29.47
CA GLU B 56 2.00 26.22 30.61
C GLU B 56 1.04 25.10 30.22
N ASN B 57 0.48 25.13 29.01
CA ASN B 57 -0.26 23.98 28.53
C ASN B 57 0.69 22.79 28.41
N LYS B 58 0.12 21.60 28.51
CA LYS B 58 0.94 20.37 28.36
C LYS B 58 0.47 19.62 27.12
N PHE B 59 1.40 19.13 26.31
CA PHE B 59 1.07 18.37 25.08
C PHE B 59 1.30 16.90 25.40
N ILE B 60 0.22 16.15 25.59
CA ILE B 60 0.37 14.73 26.01
C ILE B 60 0.07 13.79 24.85
N ILE B 61 0.97 12.82 24.61
CA ILE B 61 0.70 11.78 23.59
C ILE B 61 0.55 10.50 24.39
N VAL B 62 -0.61 9.84 24.32
CA VAL B 62 -0.84 8.70 25.22
C VAL B 62 -1.36 7.46 24.47
N THR B 63 -0.93 6.29 24.92
CA THR B 63 -1.39 5.02 24.30
C THR B 63 -2.37 4.33 25.23
N GLY B 64 -2.99 3.25 24.77
CA GLY B 64 -3.88 2.45 25.65
C GLY B 64 -3.18 1.15 26.02
N PRO B 65 -3.68 0.39 27.02
CA PRO B 65 -3.08 -0.90 27.38
C PRO B 65 -3.08 -1.89 26.21
N LEU B 66 -4.06 -1.78 25.31
CA LEU B 66 -4.17 -2.75 24.19
C LEU B 66 -3.39 -2.21 22.97
N THR B 67 -2.95 -0.95 23.00
CA THR B 67 -2.11 -0.43 21.89
C THR B 67 -0.89 -1.34 21.71
N GLY B 68 -0.69 -1.87 20.49
CA GLY B 68 0.49 -2.70 20.20
C GLY B 68 0.29 -4.17 20.56
N ALA B 69 -0.83 -4.49 21.22
CA ALA B 69 -1.09 -5.88 21.65
C ALA B 69 -1.69 -6.68 20.48
N PRO B 70 -1.52 -8.02 20.46
CA PRO B 70 -2.02 -8.85 19.36
C PRO B 70 -3.54 -8.99 19.36
N VAL B 71 -4.25 -7.87 19.29
CA VAL B 71 -5.74 -7.89 19.18
C VAL B 71 -6.09 -6.96 18.01
N PRO B 72 -7.28 -7.07 17.39
CA PRO B 72 -7.58 -6.25 16.20
C PRO B 72 -7.71 -4.74 16.42
N THR B 73 -7.12 -3.93 15.53
CA THR B 73 -7.21 -2.44 15.58
C THR B 73 -6.41 -1.88 16.76
N SER B 74 -5.25 -2.48 17.06
CA SER B 74 -4.44 -2.04 18.23
C SER B 74 -3.42 -0.94 17.88
N GLY B 75 -3.68 -0.16 16.84
CA GLY B 75 -2.71 0.87 16.44
C GLY B 75 -3.14 2.26 16.89
N ARG B 76 -4.20 2.34 17.68
CA ARG B 76 -4.77 3.67 18.05
C ARG B 76 -4.08 4.32 19.25
N PHE B 77 -3.97 5.65 19.20
CA PHE B 77 -3.36 6.42 20.31
C PHE B 77 -4.00 7.81 20.26
N MET B 78 -3.71 8.66 21.24
CA MET B 78 -4.42 9.95 21.24
C MET B 78 -3.53 11.12 21.66
N VAL B 79 -3.88 12.32 21.20
CA VAL B 79 -3.19 13.54 21.68
C VAL B 79 -4.17 14.19 22.66
N VAL B 80 -3.70 14.47 23.88
CA VAL B 80 -4.56 15.11 24.91
C VAL B 80 -3.88 16.41 25.34
N THR B 81 -4.64 17.52 25.29
CA THR B 81 -4.09 18.84 25.68
C THR B 81 -5.27 19.82 25.72
N LYS B 82 -5.04 21.05 26.18
CA LYS B 82 -6.16 22.01 26.10
C LYS B 82 -6.32 22.41 24.63
N ALA B 83 -7.54 22.40 24.12
CA ALA B 83 -7.78 22.67 22.69
C ALA B 83 -7.89 24.18 22.43
N PRO B 84 -7.02 24.76 21.57
CA PRO B 84 -7.07 26.19 21.24
C PRO B 84 -8.32 26.62 20.45
N LEU B 85 -8.83 25.76 19.56
CA LEU B 85 -9.98 26.17 18.72
C LEU B 85 -11.25 26.33 19.58
N THR B 86 -11.43 25.46 20.57
CA THR B 86 -12.72 25.43 21.31
C THR B 86 -12.61 25.93 22.75
N GLY B 87 -11.42 25.87 23.36
CA GLY B 87 -11.30 26.23 24.77
C GLY B 87 -11.68 25.06 25.67
N THR B 88 -12.02 23.93 25.07
CA THR B 88 -12.40 22.72 25.85
C THR B 88 -11.22 21.75 25.98
N ILE B 89 -11.50 20.58 26.54
CA ILE B 89 -10.46 19.52 26.57
C ILE B 89 -10.18 19.14 25.12
N GLY B 90 -8.94 18.86 24.78
CA GLY B 90 -8.59 18.32 23.45
C GLY B 90 -8.35 16.83 23.54
N ILE B 91 -9.05 16.06 22.72
CA ILE B 91 -8.95 14.58 22.77
C ILE B 91 -9.04 14.11 21.31
N SER B 92 -7.88 14.05 20.67
CA SER B 92 -7.83 13.72 19.22
C SER B 92 -7.17 12.35 19.03
N ASN B 93 -7.79 11.52 18.19
CA ASN B 93 -7.32 10.12 18.08
C ASN B 93 -6.65 9.91 16.72
N SER B 94 -5.65 9.02 16.69
CA SER B 94 -4.96 8.71 15.41
C SER B 94 -4.58 7.22 15.35
N GLY B 95 -4.44 6.69 14.14
CA GLY B 95 -4.06 5.27 13.96
C GLY B 95 -2.71 5.18 13.28
N GLY B 96 -2.63 4.39 12.21
CA GLY B 96 -1.34 4.18 11.54
C GLY B 96 -0.45 3.21 12.31
N LYS B 97 0.81 3.60 12.56
CA LYS B 97 1.78 2.68 13.22
C LYS B 97 2.57 3.41 14.32
N TRP B 98 2.69 4.73 14.26
CA TRP B 98 3.53 5.49 15.23
C TRP B 98 3.29 5.06 16.67
N GLY B 99 2.03 4.99 17.11
CA GLY B 99 1.74 4.70 18.53
C GLY B 99 2.24 3.33 18.95
N VAL B 100 2.30 2.39 18.00
CA VAL B 100 2.72 1.00 18.33
C VAL B 100 4.23 0.99 18.60
N ASP B 101 4.98 1.79 17.84
CA ASP B 101 6.44 1.88 18.09
C ASP B 101 6.71 2.54 19.46
N LEU B 102 5.92 3.56 19.81
CA LEU B 102 6.09 4.17 21.16
C LEU B 102 5.89 3.09 22.23
N LYS B 103 4.86 2.27 22.07
CA LYS B 103 4.56 1.21 23.07
C LYS B 103 5.71 0.19 23.08
N LYS B 104 6.21 -0.16 21.89
CA LYS B 104 7.33 -1.14 21.79
C LYS B 104 8.63 -0.51 22.30
N ALA B 105 8.69 0.81 22.41
CA ALA B 105 9.89 1.49 22.94
C ALA B 105 9.85 1.51 24.47
N GLY B 106 8.75 1.06 25.08
CA GLY B 106 8.66 0.97 26.55
C GLY B 106 7.92 2.13 27.20
N TRP B 107 7.28 2.98 26.41
CA TRP B 107 6.61 4.18 26.96
C TRP B 107 5.10 4.11 26.75
N ASP B 108 4.33 4.39 27.80
CA ASP B 108 2.86 4.43 27.67
C ASP B 108 2.41 5.84 27.30
N MET B 109 3.21 6.85 27.67
CA MET B 109 2.74 8.24 27.50
C MET B 109 3.91 9.22 27.45
N ILE B 110 3.77 10.28 26.66
CA ILE B 110 4.79 11.36 26.64
C ILE B 110 4.11 12.64 27.15
N ILE B 111 4.73 13.34 28.09
CA ILE B 111 4.21 14.65 28.55
C ILE B 111 5.21 15.72 28.10
N VAL B 112 4.83 16.56 27.15
CA VAL B 112 5.72 17.65 26.66
C VAL B 112 5.38 18.94 27.39
N GLU B 113 6.37 19.58 28.01
CA GLU B 113 6.10 20.79 28.83
C GLU B 113 6.82 22.02 28.28
N ASP B 114 6.26 23.20 28.54
CA ASP B 114 6.91 24.48 28.19
C ASP B 114 7.14 24.67 26.69
N LYS B 115 8.19 25.41 26.34
CA LYS B 115 8.44 25.74 24.92
C LYS B 115 9.95 25.83 24.67
N ALA B 116 10.42 25.34 23.52
CA ALA B 116 11.86 25.46 23.17
C ALA B 116 12.12 26.86 22.61
N ASP B 117 13.33 27.38 22.85
CA ASP B 117 13.67 28.75 22.38
C ASP B 117 13.83 28.73 20.87
N SER B 118 13.96 27.53 20.29
N SER B 118 13.96 27.53 20.29
CA SER B 118 14.12 27.41 18.81
CA SER B 118 14.12 27.41 18.82
C SER B 118 13.45 26.11 18.35
C SER B 118 13.45 26.11 18.35
N PRO B 119 13.11 25.97 17.05
CA PRO B 119 12.40 24.78 16.60
C PRO B 119 13.26 23.54 16.92
N VAL B 120 12.63 22.51 17.49
CA VAL B 120 13.36 21.26 17.84
C VAL B 120 12.52 20.04 17.48
N TYR B 121 13.14 18.86 17.48
CA TYR B 121 12.39 17.60 17.30
C TYR B 121 12.89 16.62 18.37
N ILE B 122 12.05 15.68 18.74
CA ILE B 122 12.42 14.66 19.76
C ILE B 122 12.70 13.35 19.01
N GLU B 123 13.80 12.69 19.35
CA GLU B 123 14.19 11.43 18.68
C GLU B 123 14.24 10.32 19.73
N ILE B 124 13.39 9.30 19.57
CA ILE B 124 13.31 8.21 20.58
C ILE B 124 13.66 6.86 19.97
N VAL B 125 14.61 6.17 20.58
CA VAL B 125 14.89 4.76 20.17
C VAL B 125 14.84 3.98 21.49
N ASP B 126 13.75 3.27 21.74
CA ASP B 126 13.57 2.58 23.05
C ASP B 126 13.74 3.62 24.17
N ASP B 127 14.72 3.42 25.06
CA ASP B 127 14.87 4.33 26.23
C ASP B 127 15.79 5.51 25.94
N LYS B 128 16.41 5.56 24.75
CA LYS B 128 17.26 6.71 24.39
C LYS B 128 16.38 7.83 23.83
N VAL B 129 16.42 9.00 24.46
CA VAL B 129 15.59 10.15 24.02
C VAL B 129 16.49 11.37 23.89
N GLU B 130 16.37 12.10 22.78
CA GLU B 130 17.23 13.29 22.56
C GLU B 130 16.43 14.44 21.98
N ILE B 131 16.83 15.68 22.29
CA ILE B 131 16.18 16.86 21.69
C ILE B 131 17.17 17.45 20.67
N LYS B 132 16.74 17.62 19.41
CA LYS B 132 17.70 18.06 18.37
C LYS B 132 17.19 19.29 17.61
N ASP B 133 18.11 20.04 17.00
CA ASP B 133 17.76 21.25 16.23
C ASP B 133 16.91 20.88 15.01
N ALA B 134 15.78 21.58 14.83
CA ALA B 134 14.87 21.28 13.71
C ALA B 134 14.89 22.42 12.67
N SER B 135 15.91 23.27 12.69
CA SER B 135 15.96 24.44 11.78
C SER B 135 15.90 24.00 10.32
N GLN B 136 16.44 22.83 10.00
CA GLN B 136 16.50 22.38 8.58
C GLN B 136 15.20 21.68 8.19
N LEU B 137 14.26 21.55 9.13
CA LEU B 137 12.96 20.88 8.84
C LEU B 137 11.82 21.91 8.90
N TRP B 138 11.98 22.95 9.72
CA TRP B 138 10.90 23.96 9.91
C TRP B 138 10.42 24.48 8.55
N GLY B 139 9.11 24.45 8.32
CA GLY B 139 8.53 24.96 7.06
C GLY B 139 8.15 23.85 6.10
N LYS B 140 8.65 22.63 6.33
CA LYS B 140 8.42 21.54 5.35
C LYS B 140 7.04 20.90 5.57
N VAL B 141 6.43 20.45 4.48
CA VAL B 141 5.13 19.75 4.60
C VAL B 141 5.36 18.39 5.26
N THR B 142 4.27 17.73 5.64
CA THR B 142 4.38 16.44 6.38
C THR B 142 5.24 15.42 5.62
N SER B 143 4.94 15.18 4.35
CA SER B 143 5.67 14.13 3.58
C SER B 143 7.17 14.44 3.56
N GLU B 144 7.53 15.69 3.31
CA GLU B 144 8.96 16.06 3.21
C GLU B 144 9.60 15.96 4.60
N THR B 145 8.93 16.46 5.63
CA THR B 145 9.45 16.33 7.01
C THR B 145 9.73 14.85 7.30
N THR B 146 8.80 13.98 6.96
CA THR B 146 8.94 12.53 7.26
C THR B 146 10.11 11.95 6.46
N LYS B 147 10.16 12.22 5.16
CA LYS B 147 11.26 11.70 4.30
C LYS B 147 12.62 12.13 4.85
N GLU B 148 12.74 13.40 5.24
CA GLU B 148 14.05 13.92 5.71
C GLU B 148 14.43 13.24 7.04
N LEU B 149 13.46 13.10 7.95
CA LEU B 149 13.76 12.50 9.28
C LEU B 149 14.13 11.02 9.11
N GLU B 150 13.51 10.34 8.14
CA GLU B 150 13.76 8.89 7.95
C GLU B 150 15.23 8.67 7.55
N LYS B 151 15.82 9.68 6.90
CA LYS B 151 17.22 9.55 6.45
C LYS B 151 18.18 9.66 7.63
N ILE B 152 17.79 10.38 8.68
CA ILE B 152 18.77 10.66 9.77
C ILE B 152 18.32 10.06 11.11
N THR B 153 17.42 9.09 11.06
CA THR B 153 17.00 8.37 12.29
C THR B 153 17.18 6.88 12.03
N GLU B 154 17.12 6.07 13.09
CA GLU B 154 17.29 4.60 12.94
C GLU B 154 16.21 4.06 12.00
N ASN B 155 16.54 3.05 11.20
CA ASN B 155 15.55 2.45 10.26
C ASN B 155 14.31 1.97 11.03
N LYS B 156 13.13 2.10 10.43
CA LYS B 156 11.84 1.66 11.06
C LYS B 156 11.32 2.74 12.03
N SER B 157 12.01 3.88 12.14
CA SER B 157 11.51 4.99 13.00
C SER B 157 10.21 5.53 12.40
N LYS B 158 9.21 5.78 13.23
CA LYS B 158 7.93 6.37 12.76
C LYS B 158 7.94 7.88 13.04
N VAL B 159 7.22 8.66 12.24
CA VAL B 159 7.31 10.13 12.38
C VAL B 159 5.97 10.76 12.74
N LEU B 160 5.93 11.51 13.83
CA LEU B 160 4.71 12.27 14.19
C LEU B 160 5.13 13.74 14.10
N CYS B 161 4.37 14.57 13.40
CA CYS B 161 4.86 15.96 13.21
C CYS B 161 3.74 16.95 12.93
N ILE B 162 4.10 18.22 12.83
CA ILE B 162 3.13 19.25 12.42
C ILE B 162 3.58 19.79 11.07
N GLY B 163 2.66 20.32 10.28
CA GLY B 163 3.04 20.95 9.02
C GLY B 163 3.14 22.46 9.22
N PRO B 164 3.31 23.25 8.14
CA PRO B 164 3.39 24.71 8.26
C PRO B 164 2.22 25.37 9.03
N ALA B 165 1.02 24.76 8.99
CA ALA B 165 -0.15 25.36 9.67
C ALA B 165 0.06 25.34 11.18
N GLY B 166 0.52 24.21 11.72
CA GLY B 166 0.79 24.13 13.16
C GLY B 166 1.93 25.06 13.56
N GLU B 167 2.95 25.16 12.71
CA GLU B 167 4.07 26.09 12.98
C GLU B 167 3.53 27.52 13.10
N ARG B 168 2.50 27.85 12.32
CA ARG B 168 1.95 29.24 12.30
C ARG B 168 0.81 29.37 13.32
N LEU B 169 0.55 28.34 14.11
CA LEU B 169 -0.47 28.41 15.21
C LEU B 169 -1.90 28.53 14.69
N SER B 170 -2.18 28.03 13.48
CA SER B 170 -3.58 28.03 12.99
C SER B 170 -4.45 27.19 13.95
N LEU B 171 -5.64 27.69 14.29
CA LEU B 171 -6.52 26.97 15.25
C LEU B 171 -7.16 25.76 14.58
N MET B 172 -6.88 25.51 13.29
CA MET B 172 -7.37 24.26 12.64
C MET B 172 -6.18 23.34 12.35
N ALA B 173 -5.05 23.59 13.00
CA ALA B 173 -3.83 22.78 12.79
C ALA B 173 -4.00 21.38 13.37
N ALA B 174 -3.41 20.39 12.70
CA ALA B 174 -3.56 18.99 13.12
C ALA B 174 -2.21 18.40 13.52
N VAL B 175 -2.23 17.25 14.17
CA VAL B 175 -0.97 16.52 14.48
C VAL B 175 -0.94 15.33 13.51
N MET B 176 0.11 15.23 12.70
CA MET B 176 0.14 14.18 11.65
C MET B 176 1.08 13.04 12.06
N ASN B 177 0.77 11.83 11.61
CA ASN B 177 1.70 10.69 11.85
C ASN B 177 1.59 9.73 10.66
N ASP B 178 2.69 9.06 10.32
CA ASP B 178 2.68 8.10 9.18
C ASP B 178 2.19 8.84 7.92
N VAL B 179 2.59 10.10 7.75
CA VAL B 179 2.30 10.88 6.51
C VAL B 179 0.83 11.29 6.36
N ASP B 180 -0.10 10.35 6.50
CA ASP B 180 -1.52 10.69 6.18
C ASP B 180 -2.50 10.29 7.28
N ARG B 181 -2.02 9.93 8.47
CA ARG B 181 -2.94 9.66 9.60
C ARG B 181 -2.87 10.88 10.53
N THR B 182 -3.92 11.13 11.33
CA THR B 182 -3.85 12.39 12.11
C THR B 182 -4.75 12.47 13.34
N ALA B 183 -4.24 13.07 14.42
CA ALA B 183 -5.08 13.46 15.57
C ALA B 183 -5.36 14.88 15.13
N ALA B 184 -6.52 15.15 14.52
CA ALA B 184 -6.67 16.44 13.79
C ALA B 184 -7.47 17.57 14.42
N ARG B 185 -8.53 17.27 15.16
CA ARG B 185 -9.44 18.38 15.55
C ARG B 185 -9.05 19.11 16.85
N GLY B 186 -9.58 20.33 17.02
CA GLY B 186 -9.35 21.11 18.25
C GLY B 186 -8.20 22.08 18.14
N GLY B 187 -7.46 22.04 17.03
CA GLY B 187 -6.26 22.90 16.90
C GLY B 187 -5.10 22.32 17.69
N VAL B 188 -5.12 21.01 17.92
CA VAL B 188 -4.06 20.38 18.76
C VAL B 188 -2.68 20.61 18.12
N GLY B 189 -2.64 20.73 16.81
CA GLY B 189 -1.35 20.98 16.11
C GLY B 189 -0.76 22.33 16.48
N ALA B 190 -1.62 23.30 16.80
CA ALA B 190 -1.15 24.65 17.18
C ALA B 190 -0.46 24.61 18.55
N VAL B 191 -0.91 23.70 19.43
CA VAL B 191 -0.23 23.56 20.74
C VAL B 191 1.20 23.05 20.51
N MET B 192 1.33 22.03 19.67
CA MET B 192 2.68 21.51 19.35
C MET B 192 3.52 22.65 18.75
N GLY B 193 2.95 23.38 17.79
CA GLY B 193 3.65 24.53 17.21
C GLY B 193 4.01 25.57 18.25
N SER B 194 3.12 25.78 19.23
CA SER B 194 3.33 26.81 20.29
C SER B 194 4.56 26.45 21.13
N LYS B 195 4.99 25.18 21.09
CA LYS B 195 6.14 24.74 21.94
C LYS B 195 7.40 24.66 21.08
N ASN B 196 7.33 25.09 19.82
CA ASN B 196 8.50 25.05 18.90
C ASN B 196 8.88 23.59 18.64
N LEU B 197 7.90 22.67 18.69
CA LEU B 197 8.18 21.23 18.45
C LEU B 197 7.71 20.85 17.04
N LYS B 198 8.65 20.46 16.18
CA LYS B 198 8.31 20.14 14.77
C LYS B 198 7.92 18.68 14.67
N ALA B 199 8.55 17.80 15.44
CA ALA B 199 8.26 16.36 15.25
C ALA B 199 8.74 15.49 16.41
N ILE B 200 8.20 14.27 16.46
CA ILE B 200 8.68 13.25 17.43
C ILE B 200 8.88 11.96 16.63
N THR B 201 10.11 11.48 16.55
CA THR B 201 10.37 10.19 15.87
C THR B 201 10.43 9.10 16.94
N VAL B 202 9.93 7.92 16.64
CA VAL B 202 10.04 6.82 17.64
C VAL B 202 10.27 5.46 16.96
N LYS B 203 11.23 4.70 17.49
CA LYS B 203 11.43 3.31 17.03
C LYS B 203 11.40 2.45 18.29
N GLY B 204 10.64 1.36 18.27
CA GLY B 204 10.55 0.46 19.44
C GLY B 204 10.95 -0.96 19.06
N THR B 205 11.75 -1.61 19.91
CA THR B 205 12.25 -2.97 19.61
C THR B 205 11.81 -3.94 20.71
N GLY B 206 11.00 -3.46 21.65
CA GLY B 206 10.49 -4.32 22.73
C GLY B 206 9.11 -4.88 22.42
N LYS B 207 8.48 -5.53 23.41
CA LYS B 207 7.17 -6.17 23.18
C LYS B 207 6.17 -5.73 24.24
N ILE B 208 4.88 -5.88 23.94
CA ILE B 208 3.83 -5.58 24.95
C ILE B 208 3.61 -6.87 25.75
N ALA B 209 3.89 -6.82 27.05
CA ALA B 209 3.74 -8.02 27.91
C ALA B 209 2.25 -8.39 28.05
N LEU B 210 1.95 -9.69 28.02
CA LEU B 210 0.54 -10.16 28.09
C LEU B 210 0.35 -11.02 29.35
N ALA B 211 -0.76 -10.81 30.07
CA ALA B 211 -1.05 -11.62 31.27
C ALA B 211 -1.23 -13.09 30.85
N ASP B 212 -1.86 -13.35 29.70
CA ASP B 212 -2.12 -14.74 29.24
C ASP B 212 -2.03 -14.78 27.72
N LYS B 213 -0.83 -15.02 27.18
CA LYS B 213 -0.62 -15.01 25.71
C LYS B 213 -1.61 -15.93 25.01
N GLU B 214 -1.79 -17.14 25.53
CA GLU B 214 -2.67 -18.13 24.85
C GLU B 214 -4.10 -17.60 24.81
N LYS B 215 -4.57 -17.05 25.93
CA LYS B 215 -5.95 -16.53 25.99
C LYS B 215 -6.08 -15.35 25.02
N VAL B 216 -5.05 -14.49 24.99
CA VAL B 216 -5.09 -13.31 24.07
C VAL B 216 -5.25 -13.84 22.64
N LYS B 217 -4.47 -14.85 22.26
CA LYS B 217 -4.52 -15.38 20.87
C LYS B 217 -5.91 -15.94 20.56
N LYS B 218 -6.49 -16.66 21.51
CA LYS B 218 -7.82 -17.29 21.28
C LYS B 218 -8.88 -16.19 21.19
N VAL B 219 -8.82 -15.22 22.11
CA VAL B 219 -9.80 -14.11 22.11
C VAL B 219 -9.70 -13.36 20.78
N SER B 220 -8.47 -13.07 20.32
CA SER B 220 -8.27 -12.30 19.07
C SER B 220 -8.93 -13.02 17.88
N VAL B 221 -8.68 -14.32 17.75
CA VAL B 221 -9.24 -15.10 16.60
C VAL B 221 -10.77 -14.95 16.62
N GLU B 222 -11.35 -15.08 17.82
CA GLU B 222 -12.82 -14.99 17.94
C GLU B 222 -13.31 -13.61 17.47
N LYS B 223 -12.71 -12.54 18.00
CA LYS B 223 -13.19 -11.16 17.66
C LYS B 223 -12.99 -10.90 16.16
N ILE B 224 -11.85 -11.32 15.61
CA ILE B 224 -11.57 -11.06 14.17
C ILE B 224 -12.63 -11.80 13.35
N THR B 225 -12.97 -13.03 13.75
CA THR B 225 -14.00 -13.83 13.03
C THR B 225 -15.32 -13.04 12.99
N THR B 226 -15.74 -12.48 14.13
CA THR B 226 -17.00 -11.69 14.18
C THR B 226 -16.91 -10.51 13.22
N LEU B 227 -15.78 -9.80 13.21
CA LEU B 227 -15.63 -8.60 12.35
C LEU B 227 -15.66 -9.02 10.87
N LYS B 228 -14.94 -10.08 10.52
CA LYS B 228 -14.84 -10.50 9.11
C LYS B 228 -16.21 -10.97 8.60
N ASN B 229 -17.05 -11.47 9.50
CA ASN B 229 -18.41 -11.95 9.10
C ASN B 229 -19.42 -10.81 9.17
N ASP B 230 -19.04 -9.64 9.70
CA ASP B 230 -19.97 -8.48 9.70
C ASP B 230 -20.03 -7.86 8.31
N PRO B 231 -21.22 -7.47 7.82
CA PRO B 231 -21.35 -6.87 6.48
C PRO B 231 -20.61 -5.53 6.34
N VAL B 232 -20.56 -4.74 7.41
CA VAL B 232 -19.85 -3.43 7.36
C VAL B 232 -18.35 -3.65 7.61
N ALA B 233 -18.00 -4.27 8.74
CA ALA B 233 -16.58 -4.46 9.08
C ALA B 233 -15.93 -5.46 8.13
N GLY B 234 -16.70 -6.41 7.60
CA GLY B 234 -16.09 -7.45 6.76
C GLY B 234 -16.17 -7.22 5.26
N GLN B 235 -16.97 -6.25 4.81
CA GLN B 235 -17.15 -6.08 3.34
C GLN B 235 -17.21 -4.61 2.94
N GLY B 236 -18.15 -3.86 3.51
CA GLY B 236 -18.36 -2.47 3.04
C GLY B 236 -17.20 -1.53 3.32
N MET B 237 -16.60 -1.62 4.50
N MET B 237 -16.60 -1.62 4.50
CA MET B 237 -15.51 -0.68 4.87
CA MET B 237 -15.50 -0.69 4.87
C MET B 237 -14.19 -1.07 4.18
C MET B 237 -14.19 -1.07 4.18
N PRO B 238 -13.88 -2.38 4.04
CA PRO B 238 -12.67 -2.76 3.31
C PRO B 238 -12.82 -2.36 1.83
N THR B 239 -13.99 -2.59 1.26
CA THR B 239 -14.19 -2.33 -0.19
C THR B 239 -14.39 -0.84 -0.50
N TYR B 240 -15.21 -0.13 0.29
CA TYR B 240 -15.57 1.26 -0.06
C TYR B 240 -15.01 2.31 0.91
N GLY B 241 -14.53 1.86 2.07
CA GLY B 241 -14.02 2.80 3.09
C GLY B 241 -15.13 3.54 3.82
N THR B 242 -14.77 4.52 4.65
CA THR B 242 -15.79 5.35 5.35
C THR B 242 -16.68 6.01 4.31
N ALA B 243 -16.14 6.22 3.10
CA ALA B 243 -16.91 6.87 2.01
C ALA B 243 -18.18 6.09 1.66
N ILE B 244 -18.29 4.84 2.11
CA ILE B 244 -19.56 4.08 1.89
C ILE B 244 -20.73 4.87 2.46
N LEU B 245 -20.47 5.83 3.36
CA LEU B 245 -21.56 6.56 4.05
C LEU B 245 -22.22 7.63 3.14
N VAL B 246 -21.53 8.07 2.10
CA VAL B 246 -22.08 9.18 1.27
C VAL B 246 -23.53 8.87 0.85
N ASN B 247 -23.75 7.74 0.18
CA ASN B 247 -25.11 7.45 -0.36
C ASN B 247 -26.08 7.08 0.76
N ILE B 248 -25.56 6.45 1.81
CA ILE B 248 -26.44 6.06 2.95
C ILE B 248 -26.98 7.34 3.60
N ILE B 249 -26.10 8.30 3.89
CA ILE B 249 -26.55 9.54 4.60
C ILE B 249 -27.43 10.36 3.63
N ASN B 250 -26.99 10.47 2.37
CA ASN B 250 -27.75 11.29 1.39
C ASN B 250 -29.15 10.70 1.17
N GLU B 251 -29.27 9.38 1.08
CA GLU B 251 -30.59 8.74 0.82
C GLU B 251 -31.53 8.97 2.00
N ASN B 252 -30.98 9.22 3.19
CA ASN B 252 -31.81 9.53 4.38
C ASN B 252 -32.12 11.03 4.42
N GLY B 253 -31.56 11.80 3.49
CA GLY B 253 -31.84 13.25 3.42
C GLY B 253 -31.28 14.02 4.60
N VAL B 254 -30.13 13.58 5.12
CA VAL B 254 -29.48 14.27 6.27
C VAL B 254 -28.01 14.52 5.92
N HIS B 255 -27.72 14.69 4.62
CA HIS B 255 -26.35 14.99 4.15
C HIS B 255 -26.26 16.51 3.96
N PRO B 256 -25.54 17.25 4.82
CA PRO B 256 -25.53 18.71 4.74
C PRO B 256 -25.05 19.22 3.38
N VAL B 257 -25.78 20.19 2.82
CA VAL B 257 -25.39 20.77 1.50
C VAL B 257 -25.32 22.29 1.65
N LYS B 258 -24.28 22.90 1.07
CA LYS B 258 -24.11 24.37 1.12
C LYS B 258 -24.23 24.89 2.55
N ASN B 259 -23.31 24.50 3.43
CA ASN B 259 -23.29 25.02 4.82
C ASN B 259 -24.61 24.69 5.54
N PHE B 260 -25.16 23.50 5.29
CA PHE B 260 -26.40 23.04 5.99
C PHE B 260 -27.64 23.79 5.48
N GLN B 261 -27.51 24.58 4.42
CA GLN B 261 -28.73 25.24 3.87
C GLN B 261 -29.64 24.15 3.31
N GLU B 262 -29.07 23.06 2.82
CA GLU B 262 -29.89 21.91 2.32
C GLU B 262 -29.41 20.61 2.96
N SER B 263 -30.15 19.51 2.75
CA SER B 263 -29.83 18.24 3.44
C SER B 263 -29.85 17.07 2.46
N TYR B 264 -29.87 17.38 1.16
CA TYR B 264 -29.94 16.33 0.11
C TYR B 264 -29.39 16.87 -1.20
N THR B 265 -28.68 16.03 -1.95
CA THR B 265 -28.18 16.43 -3.29
C THR B 265 -28.22 15.23 -4.23
N ASN B 266 -28.69 15.46 -5.46
CA ASN B 266 -28.74 14.38 -6.47
C ASN B 266 -27.35 14.18 -7.09
N GLN B 267 -26.34 14.90 -6.60
CA GLN B 267 -24.95 14.78 -7.14
C GLN B 267 -24.06 13.97 -6.19
N ALA B 268 -24.62 13.44 -5.09
CA ALA B 268 -23.79 12.75 -4.08
C ALA B 268 -23.08 11.51 -4.64
N ASP B 269 -23.71 10.77 -5.56
CA ASP B 269 -23.10 9.50 -6.04
C ASP B 269 -21.74 9.78 -6.69
N LYS B 270 -21.51 11.02 -7.12
CA LYS B 270 -20.25 11.36 -7.83
C LYS B 270 -19.08 11.28 -6.85
N ILE B 271 -19.34 11.45 -5.55
CA ILE B 271 -18.23 11.48 -4.55
C ILE B 271 -18.44 10.32 -3.56
N SER B 272 -19.11 9.26 -4.01
CA SER B 272 -19.37 8.08 -3.15
C SER B 272 -18.15 7.14 -3.07
N GLY B 273 -18.12 6.29 -2.04
CA GLY B 273 -17.04 5.29 -1.95
C GLY B 273 -17.15 4.29 -3.09
N GLU B 274 -18.38 4.08 -3.56
CA GLU B 274 -18.59 3.17 -4.72
C GLU B 274 -17.87 3.75 -5.94
N THR B 275 -18.05 5.05 -6.17
CA THR B 275 -17.37 5.72 -7.32
C THR B 275 -15.85 5.68 -7.10
N LEU B 276 -15.40 6.00 -5.89
CA LEU B 276 -13.94 6.04 -5.62
C LEU B 276 -13.36 4.65 -5.87
N THR B 277 -14.04 3.62 -5.36
CA THR B 277 -13.56 2.22 -5.53
C THR B 277 -13.51 1.88 -7.02
N ALA B 278 -14.44 2.41 -7.82
CA ALA B 278 -14.49 2.07 -9.26
C ALA B 278 -13.47 2.89 -10.06
N ASN B 279 -12.87 3.93 -9.44
CA ASN B 279 -11.97 4.81 -10.24
C ASN B 279 -10.57 4.96 -9.63
N GLN B 280 -10.40 5.87 -8.66
CA GLN B 280 -9.03 6.21 -8.16
C GLN B 280 -8.52 5.27 -7.06
N LEU B 281 -9.35 4.37 -6.52
CA LEU B 281 -8.85 3.54 -5.40
C LEU B 281 -7.77 2.59 -5.92
N VAL B 282 -6.61 2.57 -5.25
CA VAL B 282 -5.50 1.65 -5.63
C VAL B 282 -5.57 0.42 -4.72
N ARG B 283 -5.77 0.65 -3.42
CA ARG B 283 -5.80 -0.44 -2.44
C ARG B 283 -6.25 0.10 -1.08
N LYS B 284 -6.43 -0.82 -0.13
CA LYS B 284 -6.74 -0.39 1.25
C LYS B 284 -5.44 0.08 1.92
N ASN B 285 -5.56 0.98 2.89
CA ASN B 285 -4.35 1.48 3.62
C ASN B 285 -4.60 1.18 5.09
N PRO B 286 -4.52 -0.09 5.52
CA PRO B 286 -4.87 -0.45 6.89
C PRO B 286 -3.92 0.04 7.99
N CYS B 287 -4.50 0.37 9.13
CA CYS B 287 -3.66 0.74 10.29
C CYS B 287 -3.02 -0.54 10.83
N TYR B 288 -2.24 -0.42 11.90
CA TYR B 288 -1.56 -1.60 12.51
C TYR B 288 -2.55 -2.70 12.90
N SER B 289 -2.24 -3.96 12.55
CA SER B 289 -3.06 -5.12 12.98
C SER B 289 -4.56 -4.87 12.82
N CYS B 290 -4.97 -4.48 11.62
CA CYS B 290 -6.41 -4.17 11.37
C CYS B 290 -6.99 -5.11 10.32
N PRO B 291 -8.01 -5.93 10.67
CA PRO B 291 -8.66 -6.81 9.71
C PRO B 291 -9.79 -6.13 8.93
N ILE B 292 -10.06 -4.85 9.22
CA ILE B 292 -11.13 -4.09 8.51
C ILE B 292 -10.53 -3.35 7.31
N GLY B 293 -9.46 -2.59 7.52
CA GLY B 293 -8.77 -1.92 6.39
C GLY B 293 -9.63 -0.89 5.69
N CYS B 294 -10.29 -0.02 6.46
CA CYS B 294 -11.14 1.06 5.86
C CYS B 294 -10.24 2.13 5.22
N GLY B 295 -8.98 2.21 5.64
CA GLY B 295 -8.08 3.25 5.10
C GLY B 295 -8.04 3.23 3.58
N ARG B 296 -7.88 4.41 2.97
CA ARG B 296 -7.92 4.49 1.50
C ARG B 296 -6.55 4.87 0.92
N TRP B 297 -6.15 4.20 -0.16
CA TRP B 297 -4.91 4.57 -0.88
C TRP B 297 -5.37 4.92 -2.30
N VAL B 298 -5.18 6.17 -2.73
CA VAL B 298 -5.78 6.59 -4.03
C VAL B 298 -4.74 7.05 -5.04
N ARG B 299 -5.16 7.13 -6.31
CA ARG B 299 -4.26 7.58 -7.39
C ARG B 299 -4.60 9.01 -7.79
N LEU B 300 -3.65 9.91 -7.69
CA LEU B 300 -3.86 11.31 -8.16
C LEU B 300 -3.85 11.30 -9.70
N LYS B 301 -4.22 12.42 -10.31
CA LYS B 301 -4.35 12.46 -11.80
C LYS B 301 -3.01 12.14 -12.48
N ASP B 302 -1.88 12.43 -11.82
CA ASP B 302 -0.56 12.23 -12.48
C ASP B 302 -0.08 10.79 -12.35
N GLY B 303 -0.84 9.93 -11.67
CA GLY B 303 -0.45 8.52 -11.51
C GLY B 303 0.25 8.28 -10.19
N THR B 304 0.66 9.35 -9.49
CA THR B 304 1.27 9.19 -8.15
C THR B 304 0.18 8.76 -7.17
N GLU B 305 0.57 8.25 -6.00
CA GLU B 305 -0.42 7.72 -5.03
C GLU B 305 -0.24 8.37 -3.67
N CYS B 306 -1.32 8.38 -2.87
CA CYS B 306 -1.25 8.97 -1.51
C CYS B 306 -2.47 8.54 -0.69
N GLY B 307 -2.50 8.90 0.60
CA GLY B 307 -3.67 8.58 1.43
C GLY B 307 -4.93 9.18 0.86
N GLY B 308 -6.01 8.39 0.83
CA GLY B 308 -7.28 8.86 0.24
C GLY B 308 -8.20 9.53 1.24
N PRO B 309 -9.34 10.09 0.80
CA PRO B 309 -10.22 10.84 1.68
C PRO B 309 -11.25 10.02 2.47
N GLU B 310 -11.53 10.46 3.69
CA GLU B 310 -12.59 9.81 4.50
C GLU B 310 -13.92 10.47 4.15
N TYR B 311 -15.02 9.87 4.61
CA TYR B 311 -16.37 10.44 4.35
C TYR B 311 -16.46 11.92 4.71
N GLU B 312 -16.05 12.31 5.92
CA GLU B 312 -16.23 13.73 6.33
C GLU B 312 -15.46 14.65 5.38
N THR B 313 -14.35 14.16 4.82
CA THR B 313 -13.51 14.97 3.91
C THR B 313 -14.21 15.08 2.54
N LEU B 314 -14.77 13.97 2.06
CA LEU B 314 -15.54 14.01 0.80
C LEU B 314 -16.67 15.02 0.96
N TRP B 315 -17.24 15.09 2.16
CA TRP B 315 -18.39 16.02 2.40
C TRP B 315 -17.93 17.47 2.46
N CYS B 316 -16.91 17.76 3.28
CA CYS B 316 -16.53 19.18 3.52
C CYS B 316 -15.89 19.84 2.30
N PHE B 317 -15.26 19.05 1.43
CA PHE B 317 -14.70 19.62 0.16
C PHE B 317 -15.60 19.20 -1.00
N GLY B 318 -16.79 18.72 -0.69
CA GLY B 318 -17.75 18.33 -1.73
C GLY B 318 -19.09 19.02 -1.52
N SER B 319 -20.09 18.24 -1.09
CA SER B 319 -21.47 18.78 -0.94
C SER B 319 -21.52 20.06 -0.11
N ASP B 320 -20.69 20.17 0.94
CA ASP B 320 -20.76 21.36 1.83
C ASP B 320 -20.43 22.62 1.03
N CYS B 321 -19.58 22.49 0.00
CA CYS B 321 -19.18 23.67 -0.81
C CYS B 321 -19.85 23.63 -2.18
N GLY B 322 -20.87 22.77 -2.35
CA GLY B 322 -21.58 22.65 -3.64
C GLY B 322 -20.69 22.11 -4.75
N SER B 323 -19.67 21.32 -4.38
CA SER B 323 -18.71 20.77 -5.37
C SER B 323 -18.81 19.24 -5.41
N TYR B 324 -18.66 18.64 -6.60
CA TYR B 324 -18.82 17.16 -6.72
C TYR B 324 -17.70 16.61 -7.61
N ASP B 325 -16.50 17.19 -7.48
CA ASP B 325 -15.30 16.73 -8.23
C ASP B 325 -14.48 15.83 -7.31
N LEU B 326 -14.47 14.52 -7.56
CA LEU B 326 -13.80 13.56 -6.66
C LEU B 326 -12.28 13.71 -6.74
N ASP B 327 -11.74 13.90 -7.94
CA ASP B 327 -10.28 14.14 -8.07
C ASP B 327 -9.87 15.32 -7.19
N ALA B 328 -10.66 16.39 -7.18
CA ALA B 328 -10.28 17.60 -6.41
C ALA B 328 -10.31 17.29 -4.91
N ILE B 329 -11.23 16.43 -4.49
CA ILE B 329 -11.30 16.05 -3.06
C ILE B 329 -10.03 15.26 -2.72
N ASN B 330 -9.68 14.30 -3.59
CA ASN B 330 -8.43 13.53 -3.39
C ASN B 330 -7.28 14.53 -3.22
N GLU B 331 -7.30 15.62 -3.99
N GLU B 331 -7.30 15.61 -4.00
CA GLU B 331 -6.22 16.64 -3.94
CA GLU B 331 -6.21 16.64 -3.93
C GLU B 331 -6.34 17.45 -2.65
C GLU B 331 -6.34 17.42 -2.63
N ALA B 332 -7.54 17.93 -2.34
CA ALA B 332 -7.76 18.75 -1.12
C ALA B 332 -7.31 17.97 0.11
N ASN B 333 -7.68 16.69 0.18
CA ASN B 333 -7.31 15.84 1.34
C ASN B 333 -5.79 15.82 1.46
N MET B 334 -5.11 15.52 0.34
CA MET B 334 -3.63 15.48 0.35
C MET B 334 -3.08 16.82 0.85
N LEU B 335 -3.66 17.94 0.39
CA LEU B 335 -3.12 19.27 0.76
C LEU B 335 -3.28 19.51 2.26
N CYS B 336 -4.43 19.11 2.82
CA CYS B 336 -4.67 19.31 4.27
C CYS B 336 -3.71 18.43 5.08
N ASN B 337 -3.44 17.22 4.58
CA ASN B 337 -2.49 16.31 5.27
C ASN B 337 -1.07 16.91 5.19
N GLU B 338 -0.74 17.56 4.08
CA GLU B 338 0.64 18.10 3.88
C GLU B 338 0.85 19.38 4.69
N TYR B 339 -0.13 20.29 4.69
CA TYR B 339 -0.02 21.55 5.46
C TYR B 339 -0.31 21.27 6.93
N GLY B 340 -1.05 20.20 7.19
CA GLY B 340 -1.34 19.82 8.59
C GLY B 340 -2.51 20.57 9.19
N ILE B 341 -3.67 20.48 8.53
CA ILE B 341 -4.89 21.11 9.11
C ILE B 341 -6.00 20.04 9.11
N ASP B 342 -7.00 20.23 9.95
CA ASP B 342 -8.17 19.33 9.97
C ASP B 342 -8.99 19.62 8.71
N THR B 343 -9.25 18.58 7.90
CA THR B 343 -10.05 18.76 6.67
C THR B 343 -11.42 19.31 7.04
N ILE B 344 -12.01 18.80 8.11
CA ILE B 344 -13.41 19.18 8.45
C ILE B 344 -13.51 20.69 8.69
N THR B 345 -12.76 21.20 9.64
CA THR B 345 -12.86 22.65 9.94
C THR B 345 -12.48 23.46 8.70
N CYS B 346 -11.56 22.94 7.89
CA CYS B 346 -11.10 23.69 6.69
C CYS B 346 -12.25 23.83 5.68
N GLY B 347 -12.81 22.70 5.25
CA GLY B 347 -13.87 22.72 4.23
C GLY B 347 -15.11 23.45 4.72
N ALA B 348 -15.45 23.28 6.00
CA ALA B 348 -16.67 23.91 6.54
C ALA B 348 -16.48 25.40 6.75
N THR B 349 -15.24 25.85 6.92
CA THR B 349 -14.97 27.31 7.04
C THR B 349 -15.09 27.93 5.64
N ILE B 350 -14.65 27.22 4.61
CA ILE B 350 -14.81 27.72 3.21
C ILE B 350 -16.32 27.78 2.92
N ALA B 351 -17.06 26.77 3.36
CA ALA B 351 -18.52 26.76 3.15
C ALA B 351 -19.14 27.99 3.82
N ALA B 352 -18.75 28.28 5.05
CA ALA B 352 -19.32 29.43 5.77
C ALA B 352 -19.01 30.72 4.99
N ALA B 353 -17.80 30.84 4.49
CA ALA B 353 -17.41 32.05 3.71
C ALA B 353 -18.24 32.12 2.42
N MET B 354 -18.52 30.96 1.80
CA MET B 354 -19.33 30.93 0.56
C MET B 354 -20.76 31.41 0.88
N GLU B 355 -21.27 31.06 2.07
CA GLU B 355 -22.63 31.53 2.47
C GLU B 355 -22.57 33.04 2.80
N LEU B 356 -21.54 33.48 3.51
CA LEU B 356 -21.39 34.93 3.79
C LEU B 356 -21.35 35.70 2.46
N TYR B 357 -20.64 35.17 1.47
CA TYR B 357 -20.59 35.82 0.14
C TYR B 357 -21.98 35.78 -0.51
N GLN B 358 -22.59 34.60 -0.52
CA GLN B 358 -23.94 34.44 -1.10
C GLN B 358 -24.88 35.51 -0.50
N ARG B 359 -24.74 35.81 0.78
CA ARG B 359 -25.70 36.73 1.45
C ARG B 359 -25.19 38.17 1.46
N GLY B 360 -24.09 38.45 0.77
CA GLY B 360 -23.63 39.85 0.62
C GLY B 360 -22.82 40.42 1.77
N TYR B 361 -22.38 39.58 2.71
CA TYR B 361 -21.54 40.06 3.85
C TYR B 361 -20.11 40.28 3.36
N ILE B 362 -19.66 39.44 2.42
CA ILE B 362 -18.29 39.58 1.84
C ILE B 362 -18.43 40.17 0.44
N LYS B 363 -17.74 41.27 0.17
CA LYS B 363 -17.87 41.96 -1.13
C LYS B 363 -16.79 41.47 -2.11
N ASP B 364 -17.06 41.61 -3.41
CA ASP B 364 -16.09 41.19 -4.44
C ASP B 364 -14.73 41.86 -4.21
N GLU B 365 -14.73 43.08 -3.68
CA GLU B 365 -13.47 43.85 -3.52
C GLU B 365 -12.55 43.19 -2.48
N GLU B 366 -13.12 42.48 -1.51
CA GLU B 366 -12.28 41.90 -0.42
C GLU B 366 -11.53 40.66 -0.93
N ILE B 367 -12.02 40.02 -2.00
CA ILE B 367 -11.38 38.75 -2.47
C ILE B 367 -10.83 38.92 -3.89
N ALA B 368 -10.92 40.13 -4.44
CA ALA B 368 -10.43 40.40 -5.81
C ALA B 368 -8.92 40.12 -5.90
N GLY B 369 -8.15 40.64 -4.94
CA GLY B 369 -6.69 40.45 -4.96
C GLY B 369 -6.27 38.99 -4.87
N ASP B 370 -7.13 38.12 -4.33
CA ASP B 370 -6.80 36.68 -4.16
C ASP B 370 -6.95 35.94 -5.49
N ASN B 371 -7.67 36.54 -6.44
CA ASN B 371 -7.91 35.87 -7.75
C ASN B 371 -8.66 34.57 -7.53
N LEU B 372 -9.51 34.52 -6.49
CA LEU B 372 -10.35 33.33 -6.23
C LEU B 372 -11.78 33.82 -5.96
N SER B 373 -12.77 32.95 -6.19
CA SER B 373 -14.17 33.33 -5.88
C SER B 373 -14.64 32.65 -4.59
N LEU B 374 -15.83 33.02 -4.12
CA LEU B 374 -16.46 32.35 -2.96
C LEU B 374 -17.80 31.82 -3.47
N LYS B 375 -17.82 31.33 -4.70
CA LYS B 375 -19.08 30.85 -5.32
C LYS B 375 -19.21 29.33 -5.16
N TRP B 376 -20.39 28.88 -4.73
CA TRP B 376 -20.65 27.43 -4.62
C TRP B 376 -20.25 26.73 -5.92
N GLY B 377 -19.61 25.57 -5.83
CA GLY B 377 -19.27 24.79 -7.05
C GLY B 377 -17.99 25.26 -7.73
N ASP B 378 -17.40 26.36 -7.27
CA ASP B 378 -16.10 26.81 -7.84
C ASP B 378 -14.99 25.94 -7.26
N THR B 379 -14.89 24.69 -7.72
CA THR B 379 -13.89 23.74 -7.18
C THR B 379 -12.49 24.35 -7.18
N GLU B 380 -12.09 24.97 -8.30
CA GLU B 380 -10.72 25.54 -8.42
C GLU B 380 -10.46 26.54 -7.29
N SER B 381 -11.43 27.42 -7.01
CA SER B 381 -11.26 28.45 -5.96
C SER B 381 -11.22 27.78 -4.57
N MET B 382 -12.12 26.82 -4.34
CA MET B 382 -12.16 26.08 -3.06
C MET B 382 -10.76 25.52 -2.76
N ILE B 383 -10.17 24.83 -3.75
CA ILE B 383 -8.82 24.24 -3.56
C ILE B 383 -7.82 25.37 -3.28
N GLY B 384 -7.91 26.48 -4.02
CA GLY B 384 -6.94 27.57 -3.87
C GLY B 384 -6.95 28.21 -2.50
N TRP B 385 -8.10 28.21 -1.82
CA TRP B 385 -8.19 28.90 -0.51
C TRP B 385 -7.38 28.15 0.56
N ILE B 386 -7.19 26.84 0.37
CA ILE B 386 -6.48 26.01 1.41
C ILE B 386 -5.13 26.65 1.74
N LYS B 387 -4.28 26.81 0.73
CA LYS B 387 -2.92 27.37 0.99
C LYS B 387 -3.04 28.79 1.55
N ARG B 388 -3.98 29.60 1.04
CA ARG B 388 -4.09 31.01 1.48
C ARG B 388 -4.49 31.08 2.96
N MET B 389 -5.34 30.16 3.41
CA MET B 389 -5.70 30.13 4.86
C MET B 389 -4.47 29.70 5.67
N VAL B 390 -3.78 28.66 5.21
CA VAL B 390 -2.61 28.12 5.97
C VAL B 390 -1.54 29.21 6.11
N TYR B 391 -1.32 29.99 5.05
CA TYR B 391 -0.23 31.00 5.08
C TYR B 391 -0.80 32.40 5.30
N SER B 392 -2.08 32.50 5.64
CA SER B 392 -2.69 33.81 5.96
C SER B 392 -2.46 34.80 4.81
N GLU B 393 -2.74 34.38 3.58
CA GLU B 393 -2.58 35.26 2.39
C GLU B 393 -3.91 35.89 2.01
N GLY B 394 -3.95 37.22 1.92
CA GLY B 394 -5.18 37.92 1.51
C GLY B 394 -6.37 37.59 2.39
N PHE B 395 -7.51 37.35 1.78
CA PHE B 395 -8.75 37.06 2.55
C PHE B 395 -8.56 35.78 3.36
N GLY B 396 -7.67 34.91 2.89
CA GLY B 396 -7.45 33.62 3.57
C GLY B 396 -7.12 33.82 5.03
N ALA B 397 -6.50 34.95 5.37
CA ALA B 397 -6.13 35.23 6.77
C ALA B 397 -7.38 35.24 7.65
N LYS B 398 -8.53 35.62 7.10
CA LYS B 398 -9.79 35.71 7.90
C LYS B 398 -10.38 34.30 8.13
N MET B 399 -9.91 33.31 7.36
CA MET B 399 -10.46 31.93 7.44
C MET B 399 -9.49 31.02 8.22
N THR B 400 -8.27 31.52 8.45
CA THR B 400 -7.22 30.67 9.08
C THR B 400 -7.66 30.04 10.39
N ASN B 401 -8.46 30.74 11.19
CA ASN B 401 -8.78 30.23 12.56
C ASN B 401 -10.21 29.70 12.66
N GLY B 402 -10.86 29.41 11.53
CA GLY B 402 -12.18 28.75 11.62
C GLY B 402 -13.39 29.62 11.33
N SER B 403 -14.53 28.97 11.11
CA SER B 403 -15.79 29.69 10.75
C SER B 403 -16.32 30.52 11.92
N TYR B 404 -16.17 30.04 13.15
CA TYR B 404 -16.78 30.78 14.28
C TYR B 404 -16.21 32.20 14.31
N ARG B 405 -14.89 32.31 14.26
CA ARG B 405 -14.23 33.64 14.36
C ARG B 405 -14.46 34.44 13.07
N LEU B 406 -14.45 33.76 11.92
CA LEU B 406 -14.74 34.44 10.64
C LEU B 406 -16.12 35.07 10.70
N CYS B 407 -17.13 34.30 11.09
CA CYS B 407 -18.53 34.82 11.07
C CYS B 407 -18.71 35.91 12.13
N GLU B 408 -18.03 35.80 13.27
CA GLU B 408 -18.14 36.85 14.31
C GLU B 408 -17.64 38.18 13.75
N GLY B 409 -16.58 38.14 12.94
CA GLY B 409 -16.01 39.38 12.38
C GLY B 409 -16.97 40.08 11.43
N TYR B 410 -17.87 39.31 10.80
CA TYR B 410 -18.83 39.90 9.84
C TYR B 410 -20.17 40.14 10.53
N GLY B 411 -20.21 39.95 11.86
CA GLY B 411 -21.47 40.15 12.62
C GLY B 411 -22.56 39.20 12.18
N ALA B 412 -22.19 37.98 11.82
CA ALA B 412 -23.18 36.99 11.32
C ALA B 412 -22.88 35.60 11.90
N PRO B 413 -22.90 35.42 13.23
CA PRO B 413 -22.55 34.14 13.84
C PRO B 413 -23.53 33.03 13.45
N GLU B 414 -24.70 33.41 12.95
CA GLU B 414 -25.75 32.41 12.62
C GLU B 414 -25.30 31.53 11.46
N TYR B 415 -24.21 31.89 10.77
CA TYR B 415 -23.77 31.13 9.56
C TYR B 415 -22.57 30.26 9.91
N SER B 416 -22.14 30.27 11.17
CA SER B 416 -21.07 29.35 11.61
C SER B 416 -21.73 28.06 12.12
N MET B 417 -21.62 26.97 11.37
CA MET B 417 -22.27 25.70 11.77
C MET B 417 -21.33 25.02 12.77
N THR B 418 -21.27 25.59 13.98
CA THR B 418 -20.29 25.07 14.97
C THR B 418 -20.92 24.86 16.33
N VAL B 419 -20.26 24.05 17.18
CA VAL B 419 -20.69 23.90 18.60
C VAL B 419 -19.40 24.07 19.39
N LYS B 420 -19.39 24.97 20.37
CA LYS B 420 -18.14 25.28 21.11
C LYS B 420 -17.06 25.70 20.10
N LYS B 421 -17.46 26.36 19.01
CA LYS B 421 -16.51 26.91 18.01
C LYS B 421 -15.87 25.81 17.13
N GLN B 422 -16.36 24.58 17.21
CA GLN B 422 -15.83 23.52 16.31
C GLN B 422 -16.89 23.13 15.27
N GLU B 423 -16.46 22.97 14.01
CA GLU B 423 -17.44 22.72 12.92
C GLU B 423 -18.12 21.36 13.03
N ILE B 424 -19.46 21.36 12.88
CA ILE B 424 -20.25 20.09 12.89
C ILE B 424 -19.95 19.30 11.62
N PRO B 425 -19.80 17.97 11.69
CA PRO B 425 -19.45 17.18 10.50
C PRO B 425 -20.61 16.83 9.54
N ALA B 426 -20.47 15.77 8.74
CA ALA B 426 -21.42 15.48 7.63
C ALA B 426 -22.71 14.76 8.02
N TYR B 427 -23.42 15.24 9.03
CA TYR B 427 -24.74 14.63 9.36
C TYR B 427 -25.66 15.75 9.87
N ASP B 428 -26.79 15.95 9.20
CA ASP B 428 -27.77 16.98 9.62
C ASP B 428 -28.58 16.44 10.80
N PRO B 429 -28.44 17.01 12.01
CA PRO B 429 -29.11 16.47 13.19
C PRO B 429 -30.63 16.76 13.19
N ARG B 430 -31.07 17.66 12.30
CA ARG B 430 -32.52 17.94 12.21
C ARG B 430 -33.28 16.64 11.90
N GLY B 431 -32.63 15.66 11.26
CA GLY B 431 -33.24 14.35 10.95
C GLY B 431 -32.65 13.18 11.72
N ILE B 432 -31.85 13.47 12.74
CA ILE B 432 -31.16 12.44 13.55
C ILE B 432 -31.13 12.98 14.98
N GLN B 433 -32.16 12.68 15.76
CA GLN B 433 -32.33 13.35 17.07
C GLN B 433 -31.26 13.00 18.12
N GLY B 434 -30.99 11.70 18.25
CA GLY B 434 -29.97 11.29 19.23
C GLY B 434 -28.62 11.87 18.86
N HIS B 435 -28.29 11.84 17.57
CA HIS B 435 -26.95 12.31 17.14
C HIS B 435 -26.79 13.81 17.44
N GLY B 436 -27.88 14.58 17.32
CA GLY B 436 -27.82 16.01 17.64
C GLY B 436 -27.44 16.24 19.09
N ILE B 437 -27.85 15.33 19.98
CA ILE B 437 -27.43 15.43 21.40
C ILE B 437 -25.90 15.35 21.45
N THR B 438 -25.33 14.37 20.75
CA THR B 438 -23.86 14.21 20.75
C THR B 438 -23.19 15.54 20.38
N TYR B 439 -23.64 16.17 19.30
CA TYR B 439 -23.06 17.45 18.85
C TYR B 439 -23.12 18.49 19.98
N ALA B 440 -24.27 18.59 20.64
CA ALA B 440 -24.46 19.65 21.66
C ALA B 440 -23.64 19.40 22.93
N VAL B 441 -23.52 18.13 23.36
CA VAL B 441 -22.86 17.85 24.67
C VAL B 441 -21.42 17.35 24.52
N ASN B 442 -20.97 17.09 23.29
CA ASN B 442 -19.60 16.54 23.09
C ASN B 442 -18.59 17.40 23.88
N ASN B 443 -17.80 16.75 24.73
CA ASN B 443 -16.83 17.49 25.59
C ASN B 443 -15.76 18.19 24.75
N ARG B 444 -15.56 17.76 23.50
CA ARG B 444 -14.47 18.36 22.68
C ARG B 444 -15.06 19.34 21.66
N GLY B 445 -16.36 19.60 21.75
CA GLY B 445 -17.00 20.54 20.81
C GLY B 445 -17.71 19.81 19.68
N GLY B 446 -18.15 20.57 18.67
CA GLY B 446 -18.87 19.97 17.53
C GLY B 446 -18.14 18.78 16.95
N CYS B 447 -18.68 17.58 17.17
CA CYS B 447 -18.02 16.33 16.72
C CYS B 447 -19.01 15.16 16.78
N HIS B 448 -18.88 14.25 15.81
CA HIS B 448 -19.79 13.10 15.72
C HIS B 448 -19.24 11.81 16.32
N ILE B 449 -17.92 11.65 16.27
CA ILE B 449 -17.34 10.31 16.55
C ILE B 449 -17.14 10.01 18.05
N LYS B 450 -17.26 11.02 18.91
CA LYS B 450 -17.19 10.70 20.36
C LYS B 450 -18.57 10.17 20.81
N GLY B 451 -19.54 10.13 19.90
CA GLY B 451 -20.89 9.62 20.22
C GLY B 451 -21.65 9.30 18.94
N TYR B 452 -21.22 8.29 18.21
CA TYR B 452 -21.78 7.99 16.85
C TYR B 452 -23.18 7.36 16.92
N MET B 453 -24.20 8.19 17.16
CA MET B 453 -25.59 7.69 17.19
C MET B 453 -26.03 7.34 15.76
N ILE B 454 -25.18 7.60 14.77
CA ILE B 454 -25.48 7.18 13.37
C ILE B 454 -25.58 5.66 13.33
N ASN B 455 -24.79 4.98 14.17
CA ASN B 455 -24.83 3.50 14.23
C ASN B 455 -26.27 3.01 14.45
N PRO B 456 -26.94 3.34 15.57
CA PRO B 456 -28.29 2.84 15.82
C PRO B 456 -29.38 3.56 15.01
N GLU B 457 -29.23 4.86 14.80
CA GLU B 457 -30.33 5.64 14.14
C GLU B 457 -30.31 5.48 12.61
N ILE B 458 -29.18 5.16 12.03
CA ILE B 458 -29.07 4.97 10.55
C ILE B 458 -28.63 3.56 10.14
N LEU B 459 -27.63 2.99 10.79
CA LEU B 459 -27.03 1.72 10.30
C LEU B 459 -27.60 0.47 10.97
N GLY B 460 -28.28 0.62 12.08
CA GLY B 460 -28.90 -0.53 12.77
C GLY B 460 -27.97 -1.24 13.74
N TYR B 461 -26.91 -0.56 14.20
CA TYR B 461 -25.96 -1.17 15.15
C TYR B 461 -26.11 -0.50 16.52
N PRO B 462 -26.34 -1.24 17.63
CA PRO B 462 -26.59 -2.70 17.61
C PRO B 462 -28.04 -3.03 17.23
N GLU B 463 -28.90 -2.03 17.19
CA GLU B 463 -30.30 -2.20 16.74
C GLU B 463 -30.66 -0.97 15.91
N LYS B 464 -31.76 -1.02 15.16
CA LYS B 464 -32.20 0.17 14.40
C LYS B 464 -33.20 0.98 15.21
N LEU B 465 -32.96 2.27 15.38
CA LEU B 465 -33.94 3.15 16.07
C LEU B 465 -34.63 4.04 15.04
N ASP B 466 -35.78 4.59 15.39
CA ASP B 466 -36.45 5.58 14.51
C ASP B 466 -35.69 6.90 14.69
N ARG B 467 -34.99 7.35 13.67
CA ARG B 467 -34.12 8.52 13.85
C ARG B 467 -34.90 9.80 14.12
N PHE B 468 -36.20 9.83 13.81
CA PHE B 468 -37.00 11.02 14.08
C PHE B 468 -37.57 11.04 15.48
N ALA B 469 -37.55 9.89 16.16
CA ALA B 469 -38.18 9.79 17.50
C ALA B 469 -37.33 10.46 18.58
N LEU B 470 -37.95 10.74 19.70
CA LEU B 470 -37.25 11.42 20.81
C LEU B 470 -37.06 10.45 21.99
N ASP B 471 -38.07 9.62 22.21
CA ASP B 471 -38.03 8.71 23.38
C ASP B 471 -36.81 7.79 23.31
N GLY B 472 -36.07 7.71 24.42
CA GLY B 472 -34.92 6.79 24.53
C GLY B 472 -33.63 7.32 23.95
N LYS B 473 -33.70 8.48 23.29
CA LYS B 473 -32.50 9.02 22.59
C LYS B 473 -31.45 9.48 23.60
N ALA B 474 -31.88 10.16 24.66
CA ALA B 474 -30.92 10.67 25.66
C ALA B 474 -30.17 9.51 26.31
N ALA B 475 -30.91 8.47 26.69
CA ALA B 475 -30.28 7.30 27.35
C ALA B 475 -29.32 6.61 26.38
N TYR B 476 -29.71 6.50 25.11
CA TYR B 476 -28.86 5.79 24.11
C TYR B 476 -27.59 6.59 23.85
N ALA B 477 -27.72 7.92 23.81
CA ALA B 477 -26.53 8.78 23.59
C ALA B 477 -25.54 8.59 24.74
N LYS B 478 -26.05 8.57 25.98
CA LYS B 478 -25.16 8.39 27.16
C LYS B 478 -24.39 7.08 26.98
N LEU B 479 -25.10 6.01 26.60
CA LEU B 479 -24.43 4.69 26.45
C LEU B 479 -23.31 4.82 25.41
N PHE B 480 -23.62 5.45 24.27
CA PHE B 480 -22.60 5.56 23.20
C PHE B 480 -21.43 6.40 23.69
N HIS B 481 -21.73 7.46 24.42
CA HIS B 481 -20.66 8.35 24.94
C HIS B 481 -19.74 7.54 25.86
N ASP B 482 -20.35 6.74 26.74
CA ASP B 482 -19.54 5.98 27.74
C ASP B 482 -18.76 4.86 27.04
N LEU B 483 -19.39 4.17 26.10
CA LEU B 483 -18.71 3.05 25.40
C LEU B 483 -17.56 3.58 24.53
N THR B 484 -17.77 4.71 23.87
CA THR B 484 -16.71 5.32 23.03
C THR B 484 -15.53 5.72 23.94
N ALA B 485 -15.84 6.24 25.14
CA ALA B 485 -14.76 6.59 26.08
C ALA B 485 -13.95 5.33 26.44
N VAL B 486 -14.63 4.20 26.57
CA VAL B 486 -13.94 2.91 26.86
C VAL B 486 -13.03 2.56 25.68
N ILE B 487 -13.58 2.49 24.47
CA ILE B 487 -12.78 2.04 23.29
C ILE B 487 -11.60 3.00 23.06
N ASP B 488 -11.88 4.30 23.08
CA ASP B 488 -10.79 5.30 22.96
C ASP B 488 -9.70 5.01 23.99
N SER B 489 -10.12 4.72 25.23
CA SER B 489 -9.12 4.56 26.33
C SER B 489 -8.37 3.24 26.23
N LEU B 490 -8.92 2.25 25.52
CA LEU B 490 -8.26 0.92 25.39
C LEU B 490 -7.11 1.01 24.37
N GLY B 491 -7.25 1.85 23.35
CA GLY B 491 -6.24 1.89 22.28
C GLY B 491 -6.72 1.12 21.07
N LEU B 492 -8.04 0.96 20.94
CA LEU B 492 -8.62 0.23 19.78
C LEU B 492 -9.42 1.17 18.88
N CYS B 493 -9.93 0.64 17.77
CA CYS B 493 -10.67 1.49 16.80
C CYS B 493 -12.18 1.42 17.06
N ILE B 494 -12.86 2.56 16.95
CA ILE B 494 -14.33 2.64 17.19
C ILE B 494 -15.07 1.78 16.17
N PHE B 495 -14.46 1.53 15.01
CA PHE B 495 -15.14 0.77 13.93
C PHE B 495 -15.29 -0.70 14.32
N THR B 496 -14.68 -1.11 15.44
CA THR B 496 -14.90 -2.50 15.94
C THR B 496 -16.34 -2.63 16.46
N THR B 497 -17.04 -1.51 16.62
CA THR B 497 -18.47 -1.54 17.06
C THR B 497 -19.31 -2.22 15.99
N PHE B 498 -18.77 -2.38 14.79
CA PHE B 498 -19.50 -3.12 13.73
C PHE B 498 -19.31 -4.61 13.98
N GLY B 499 -19.85 -5.10 15.10
CA GLY B 499 -19.73 -6.52 15.43
C GLY B 499 -19.41 -6.76 16.91
N LEU B 500 -18.69 -5.84 17.55
CA LEU B 500 -18.25 -6.09 18.94
C LEU B 500 -19.05 -5.24 19.94
N GLY B 501 -19.19 -5.75 21.17
CA GLY B 501 -19.89 -5.02 22.23
C GLY B 501 -19.07 -4.99 23.51
N ILE B 502 -19.59 -4.40 24.58
CA ILE B 502 -18.83 -4.21 25.85
C ILE B 502 -18.15 -5.52 26.29
N GLN B 503 -18.84 -6.66 26.22
CA GLN B 503 -18.23 -7.91 26.76
C GLN B 503 -16.98 -8.27 25.94
N ASP B 504 -17.03 -8.02 24.63
CA ASP B 504 -15.86 -8.32 23.76
C ASP B 504 -14.65 -7.51 24.23
N TYR B 505 -14.89 -6.25 24.60
CA TYR B 505 -13.79 -5.37 25.05
C TYR B 505 -13.27 -5.88 26.41
N VAL B 506 -14.20 -6.34 27.24
CA VAL B 506 -13.79 -6.92 28.56
C VAL B 506 -12.90 -8.14 28.29
N ASP B 507 -13.34 -9.01 27.36
CA ASP B 507 -12.55 -10.23 27.04
C ASP B 507 -11.11 -9.84 26.67
N MET B 508 -10.95 -8.89 25.76
CA MET B 508 -9.59 -8.50 25.30
C MET B 508 -8.79 -7.85 26.44
N TYR B 509 -9.39 -6.89 27.15
CA TYR B 509 -8.66 -6.16 28.23
C TYR B 509 -8.17 -7.16 29.27
N ASN B 510 -9.05 -8.05 29.75
CA ASN B 510 -8.68 -8.98 30.85
C ASN B 510 -7.61 -9.98 30.38
N ALA B 511 -7.73 -10.46 29.15
CA ALA B 511 -6.71 -11.41 28.62
C ALA B 511 -5.34 -10.75 28.62
N VAL B 512 -5.27 -9.46 28.25
CA VAL B 512 -3.95 -8.78 28.12
C VAL B 512 -3.48 -8.24 29.48
N VAL B 513 -4.39 -7.64 30.25
CA VAL B 513 -3.96 -6.95 31.51
C VAL B 513 -4.01 -7.91 32.72
N GLY B 514 -5.02 -8.76 32.79
CA GLY B 514 -5.17 -9.62 33.98
C GLY B 514 -6.60 -10.12 34.14
N GLU B 515 -6.74 -11.40 34.48
CA GLU B 515 -8.09 -12.02 34.57
C GLU B 515 -8.99 -11.27 35.55
N SER B 516 -10.26 -11.06 35.18
CA SER B 516 -11.26 -10.43 36.09
C SER B 516 -10.85 -9.03 36.55
N THR B 517 -9.97 -8.35 35.82
CA THR B 517 -9.64 -6.94 36.20
C THR B 517 -10.92 -6.10 36.10
N TYR B 518 -11.67 -6.26 35.01
CA TYR B 518 -12.92 -5.49 34.81
C TYR B 518 -14.07 -6.41 34.42
N ASP B 519 -15.30 -5.92 34.57
CA ASP B 519 -16.48 -6.68 34.05
C ASP B 519 -17.29 -5.70 33.18
N ALA B 520 -18.28 -6.19 32.46
CA ALA B 520 -19.04 -5.31 31.53
C ALA B 520 -19.52 -4.07 32.29
N ASP B 521 -20.07 -4.27 33.49
CA ASP B 521 -20.65 -3.12 34.24
C ASP B 521 -19.56 -2.15 34.69
N SER B 522 -18.49 -2.67 35.29
CA SER B 522 -17.42 -1.79 35.83
C SER B 522 -16.72 -1.04 34.69
N LEU B 523 -16.57 -1.69 33.54
CA LEU B 523 -15.84 -1.04 32.40
C LEU B 523 -16.70 0.09 31.84
N LEU B 524 -17.99 -0.18 31.63
CA LEU B 524 -18.90 0.86 31.10
C LEU B 524 -19.00 1.98 32.14
N GLU B 525 -18.95 1.66 33.43
CA GLU B 525 -18.98 2.71 34.48
C GLU B 525 -17.71 3.56 34.38
N ALA B 526 -16.59 2.94 34.01
CA ALA B 526 -15.32 3.70 33.88
C ALA B 526 -15.45 4.69 32.71
N GLY B 527 -16.14 4.28 31.64
CA GLY B 527 -16.38 5.21 30.53
C GLY B 527 -17.17 6.42 31.02
N ASP B 528 -18.16 6.17 31.88
CA ASP B 528 -18.96 7.27 32.48
C ASP B 528 -18.03 8.17 33.30
N ARG B 529 -17.17 7.55 34.11
N ARG B 529 -17.15 7.55 34.10
CA ARG B 529 -16.18 8.32 34.91
CA ARG B 529 -16.18 8.32 34.92
C ARG B 529 -15.32 9.18 33.96
C ARG B 529 -15.30 9.16 33.98
N ILE B 530 -14.91 8.60 32.84
CA ILE B 530 -14.01 9.34 31.90
C ILE B 530 -14.78 10.53 31.29
N TRP B 531 -15.99 10.28 30.79
CA TRP B 531 -16.79 11.38 30.20
C TRP B 531 -17.02 12.47 31.26
N THR B 532 -17.33 12.05 32.48
CA THR B 532 -17.62 13.01 33.57
C THR B 532 -16.34 13.79 33.92
N LEU B 533 -15.19 13.13 33.88
CA LEU B 533 -13.91 13.84 34.17
C LEU B 533 -13.71 14.96 33.15
N GLU B 534 -13.97 14.67 31.87
CA GLU B 534 -13.81 15.69 30.80
C GLU B 534 -14.78 16.85 31.06
N LYS B 535 -16.01 16.51 31.46
CA LYS B 535 -17.02 17.57 31.75
C LYS B 535 -16.48 18.49 32.84
N LEU B 536 -15.92 17.89 33.90
CA LEU B 536 -15.39 18.69 35.03
C LEU B 536 -14.22 19.55 34.53
N PHE B 537 -13.36 18.98 33.69
CA PHE B 537 -12.26 19.81 33.12
C PHE B 537 -12.88 21.02 32.40
N ASN B 538 -13.90 20.78 31.57
CA ASN B 538 -14.50 21.88 30.77
C ASN B 538 -15.12 22.93 31.71
N LEU B 539 -15.84 22.48 32.73
CA LEU B 539 -16.41 23.44 33.71
C LEU B 539 -15.27 24.25 34.33
N ALA B 540 -14.19 23.57 34.72
CA ALA B 540 -13.03 24.25 35.33
C ALA B 540 -12.42 25.25 34.33
N ALA B 541 -12.56 24.98 33.02
CA ALA B 541 -11.94 25.86 32.01
C ALA B 541 -12.86 27.03 31.64
N GLY B 542 -14.07 27.05 32.20
CA GLY B 542 -15.01 28.15 31.90
C GLY B 542 -15.98 27.78 30.79
N ILE B 543 -16.07 26.49 30.44
CA ILE B 543 -17.08 26.06 29.44
C ILE B 543 -18.37 25.73 30.19
N ASP B 544 -19.33 26.66 30.17
CA ASP B 544 -20.62 26.48 30.90
C ASP B 544 -21.53 25.52 30.15
N SER B 545 -22.48 24.91 30.86
CA SER B 545 -23.46 24.01 30.19
C SER B 545 -24.25 24.77 29.13
N SER B 546 -24.26 26.11 29.21
CA SER B 546 -24.98 26.94 28.21
C SER B 546 -24.36 26.76 26.82
N GLN B 547 -23.14 26.25 26.77
CA GLN B 547 -22.45 26.01 25.46
C GLN B 547 -22.96 24.69 24.87
N ASP B 548 -23.83 23.99 25.60
CA ASP B 548 -24.46 22.77 25.06
C ASP B 548 -25.65 23.23 24.20
N THR B 549 -25.41 23.47 22.92
CA THR B 549 -26.50 23.98 22.05
C THR B 549 -26.20 23.63 20.60
N LEU B 550 -27.09 24.06 19.70
CA LEU B 550 -26.86 23.85 18.26
C LEU B 550 -27.07 25.21 17.57
N PRO B 551 -26.51 25.44 16.36
CA PRO B 551 -26.81 26.67 15.65
C PRO B 551 -28.33 26.84 15.51
N LYS B 552 -28.79 28.09 15.51
CA LYS B 552 -30.25 28.37 15.41
C LYS B 552 -30.86 27.66 14.19
N ARG B 553 -30.15 27.67 13.06
CA ARG B 553 -30.67 27.03 11.82
C ARG B 553 -31.15 25.61 12.14
N LEU B 554 -30.39 24.86 12.93
CA LEU B 554 -30.72 23.43 13.16
C LEU B 554 -31.82 23.27 14.22
N LEU B 555 -32.11 24.34 14.95
CA LEU B 555 -33.19 24.27 15.97
C LEU B 555 -34.46 24.93 15.45
N GLU B 556 -34.36 25.82 14.45
CA GLU B 556 -35.55 26.60 14.04
C GLU B 556 -35.90 26.46 12.55
N GLU B 557 -34.94 26.09 11.69
CA GLU B 557 -35.24 26.05 10.24
C GLU B 557 -35.48 24.61 9.80
N PRO B 558 -36.71 24.25 9.37
CA PRO B 558 -37.00 22.89 8.96
C PRO B 558 -36.19 22.49 7.71
N ILE B 559 -35.81 21.22 7.61
CA ILE B 559 -35.13 20.76 6.38
C ILE B 559 -36.02 21.15 5.19
N PRO B 560 -35.51 21.92 4.21
CA PRO B 560 -36.37 22.42 3.12
C PRO B 560 -36.91 21.35 2.17
N ASP B 561 -36.11 20.32 1.87
CA ASP B 561 -36.57 19.33 0.86
C ASP B 561 -35.92 17.96 1.10
N GLY B 562 -36.54 16.91 0.58
CA GLY B 562 -35.90 15.58 0.65
C GLY B 562 -36.57 14.62 1.62
N PRO B 563 -35.99 13.43 1.82
CA PRO B 563 -36.58 12.40 2.69
C PRO B 563 -36.86 12.87 4.13
N SER B 564 -36.16 13.90 4.60
CA SER B 564 -36.33 14.38 5.99
C SER B 564 -36.91 15.80 6.00
N LYS B 565 -37.60 16.18 4.92
CA LYS B 565 -38.17 17.55 4.82
C LYS B 565 -39.06 17.89 6.01
N GLY B 566 -38.94 19.11 6.53
CA GLY B 566 -39.84 19.57 7.61
C GLY B 566 -39.30 19.33 9.02
N GLU B 567 -38.18 18.64 9.15
CA GLU B 567 -37.69 18.26 10.50
C GLU B 567 -36.72 19.31 11.09
N VAL B 568 -36.74 19.44 12.41
CA VAL B 568 -35.77 20.32 13.14
C VAL B 568 -35.31 19.51 14.35
N HIS B 569 -34.17 19.86 14.94
CA HIS B 569 -33.65 19.11 16.10
C HIS B 569 -34.37 19.59 17.36
N ARG B 570 -34.79 18.66 18.21
CA ARG B 570 -35.58 19.05 19.42
C ARG B 570 -34.69 18.99 20.67
N LEU B 571 -33.58 19.74 20.67
CA LEU B 571 -32.65 19.73 21.82
C LEU B 571 -33.35 20.24 23.08
N ASP B 572 -34.33 21.14 22.93
CA ASP B 572 -34.99 21.76 24.11
C ASP B 572 -35.62 20.67 24.98
N VAL B 573 -35.99 19.55 24.38
CA VAL B 573 -36.64 18.44 25.14
C VAL B 573 -35.60 17.38 25.50
N LEU B 574 -34.61 17.15 24.63
CA LEU B 574 -33.66 16.03 24.86
C LEU B 574 -32.55 16.39 25.85
N LEU B 575 -32.07 17.63 25.84
CA LEU B 575 -30.90 17.99 26.71
C LEU B 575 -31.24 17.79 28.21
N PRO B 576 -32.39 18.27 28.72
CA PRO B 576 -32.72 18.07 30.13
C PRO B 576 -32.70 16.57 30.49
N GLU B 577 -33.26 15.73 29.62
CA GLU B 577 -33.30 14.28 29.89
C GLU B 577 -31.89 13.70 29.86
N TYR B 578 -31.02 14.25 28.99
CA TYR B 578 -29.62 13.78 28.96
C TYR B 578 -28.94 14.05 30.32
N TYR B 579 -29.05 15.28 30.80
CA TYR B 579 -28.44 15.62 32.12
C TYR B 579 -29.02 14.67 33.17
N SER B 580 -30.32 14.42 33.09
CA SER B 580 -30.98 13.57 34.11
C SER B 580 -30.42 12.15 34.08
N VAL B 581 -30.39 11.54 32.91
CA VAL B 581 -29.91 10.12 32.82
C VAL B 581 -28.44 10.07 33.25
N ARG B 582 -27.71 11.17 33.11
CA ARG B 582 -26.27 11.17 33.46
C ARG B 582 -26.10 11.33 34.96
N GLY B 583 -27.18 11.64 35.68
CA GLY B 583 -27.05 11.92 37.12
C GLY B 583 -26.46 13.29 37.34
N TRP B 584 -26.76 14.23 36.45
CA TRP B 584 -26.26 15.62 36.57
C TRP B 584 -27.42 16.54 36.95
N SER B 585 -27.10 17.76 37.39
CA SER B 585 -28.13 18.75 37.78
C SER B 585 -28.91 19.22 36.54
N LYS B 586 -29.99 19.97 36.76
CA LYS B 586 -30.74 20.55 35.61
C LYS B 586 -29.85 21.60 34.95
N GLU B 587 -28.78 22.04 35.62
CA GLU B 587 -27.82 23.00 35.02
C GLU B 587 -26.63 22.23 34.41
N GLY B 588 -26.71 20.90 34.37
CA GLY B 588 -25.63 20.10 33.74
C GLY B 588 -24.41 19.95 34.61
N ILE B 589 -24.57 20.00 35.93
CA ILE B 589 -23.43 19.84 36.87
C ILE B 589 -23.53 18.47 37.54
N PRO B 590 -22.52 17.57 37.40
CA PRO B 590 -22.54 16.28 38.07
C PRO B 590 -22.81 16.46 39.57
N THR B 591 -23.72 15.65 40.10
CA THR B 591 -24.09 15.74 41.54
C THR B 591 -23.00 15.10 42.41
N GLU B 592 -22.98 15.44 43.70
CA GLU B 592 -22.01 14.81 44.64
C GLU B 592 -22.18 13.30 44.61
N GLU B 593 -23.42 12.82 44.62
CA GLU B 593 -23.68 11.37 44.66
C GLU B 593 -23.15 10.71 43.37
N THR B 594 -23.31 11.40 42.24
CA THR B 594 -22.79 10.85 40.96
C THR B 594 -21.25 10.78 41.04
N LEU B 595 -20.61 11.85 41.51
CA LEU B 595 -19.13 11.87 41.64
C LEU B 595 -18.70 10.73 42.58
N LYS B 596 -19.44 10.51 43.67
CA LYS B 596 -19.08 9.44 44.63
C LYS B 596 -19.19 8.08 43.94
N LYS B 597 -20.28 7.84 43.23
CA LYS B 597 -20.49 6.53 42.58
C LYS B 597 -19.40 6.30 41.54
N LEU B 598 -18.96 7.38 40.86
CA LEU B 598 -17.98 7.23 39.75
C LEU B 598 -16.54 7.22 40.29
N GLY B 599 -16.36 7.46 41.58
CA GLY B 599 -15.02 7.49 42.18
C GLY B 599 -14.32 8.81 41.91
N LEU B 600 -15.11 9.87 41.68
CA LEU B 600 -14.53 11.22 41.42
C LEU B 600 -14.71 12.09 42.67
N ASP B 601 -14.52 11.49 43.85
CA ASP B 601 -14.73 12.20 45.15
C ASP B 601 -13.84 13.44 45.26
N GLU B 602 -12.65 13.40 44.69
CA GLU B 602 -11.71 14.54 44.85
C GLU B 602 -12.27 15.80 44.20
N TYR B 603 -13.33 15.68 43.39
CA TYR B 603 -13.91 16.86 42.69
C TYR B 603 -15.20 17.30 43.39
N ILE B 604 -15.57 16.61 44.47
CA ILE B 604 -16.83 16.93 45.19
C ILE B 604 -16.68 18.31 45.87
N GLY B 605 -17.70 19.15 45.75
CA GLY B 605 -17.69 20.46 46.44
C GLY B 605 -16.99 21.56 45.64
N LYS B 606 -16.50 21.24 44.44
CA LYS B 606 -15.71 22.25 43.69
C LYS B 606 -16.50 22.81 42.49
N PHE B 607 -17.65 22.19 42.18
CA PHE B 607 -18.50 22.63 41.04
C PHE B 607 -19.97 22.80 41.47
FE1 SF4 C . 0.54 -7.16 -13.29
FE2 SF4 C . 0.05 -7.79 -10.78
FE3 SF4 C . -0.83 -5.47 -11.77
FE4 SF4 C . 1.71 -5.82 -11.29
S1 SF4 C . 0.07 -5.75 -9.66
S2 SF4 C . 0.87 -4.87 -13.22
S3 SF4 C . 2.09 -8.04 -11.82
S4 SF4 C . -1.54 -7.58 -12.42
C1 A1IJH D . 9.35 -13.83 -13.87
C2 A1IJH D . 9.45 -14.80 -12.71
C3 A1IJH D . 8.10 -15.02 -12.07
S3 A1IJH D . 6.74 -15.07 -13.07
C4 A1IJH D . 7.95 -15.18 -10.76
S4 A1IJH D . 6.46 -15.57 -10.14
C5 A1IJH D . 9.10 -15.02 -9.82
N6 A1IJH D . 9.05 -13.75 -9.13
C7 A1IJH D . 10.11 -13.46 -8.35
C8 A1IJH D . 10.02 -12.65 -7.14
O8 A1IJH D . 8.94 -12.15 -6.78
N9 A1IJH D . 11.14 -12.44 -6.43
C10 A1IJH D . 12.32 -12.97 -6.81
N10 A1IJH D . 13.41 -12.72 -6.05
N11 A1IJH D . 12.47 -13.74 -7.92
C12 A1IJH D . 11.43 -14.01 -8.71
N13 A1IJH D . 11.56 -14.78 -9.81
C14 A1IJH D . 10.40 -15.13 -10.61
O2 A1IJH D . 10.33 -14.26 -11.73
C21 A1IJH D . 5.78 -10.40 -11.41
C22 A1IJH D . 4.49 -10.61 -12.21
C23 A1IJH D . 4.29 -12.09 -12.42
S23 A1IJH D . 4.31 -13.11 -11.07
C24 A1IJH D . 4.07 -12.60 -13.63
S24 A1IJH D . 3.81 -14.27 -13.76
C25 A1IJH D . 4.00 -11.74 -14.84
N26 A1IJH D . 5.23 -11.61 -15.61
C27 A1IJH D . 5.09 -10.82 -16.69
C28 A1IJH D . 5.78 -11.04 -17.98
O28 A1IJH D . 6.58 -11.98 -18.11
N29 A1IJH D . 5.54 -10.19 -18.98
C30 A1IJH D . 4.68 -9.15 -18.86
N30 A1IJH D . 4.47 -8.33 -19.91
N31 A1IJH D . 4.00 -8.90 -17.71
C32 A1IJH D . 4.15 -9.68 -16.62
N33 A1IJH D . 3.48 -9.43 -15.48
C34 A1IJH D . 3.58 -10.35 -14.37
O22 A1IJH D . 4.59 -9.93 -13.45
P1 A1IJH D . 11.19 -12.43 -15.15
O1P A1IJH D . 11.20 -11.38 -13.93
O2P A1IJH D . 12.60 -12.68 -15.57
O3P A1IJH D . 10.32 -11.90 -16.25
O4P A1IJH D . 10.57 -13.81 -14.59
P2 A1IJH D . 7.54 -8.49 -11.19
O5P A1IJH D . 8.23 -8.83 -12.60
O6P A1IJH D . 7.52 -7.01 -10.97
O7P A1IJH D . 8.27 -9.22 -10.09
O8P A1IJH D . 6.02 -9.02 -11.25
MG A1IJH D . 9.78 -10.09 -13.23
W A1IJH D . 4.62 -15.41 -11.67
H12 A1IJH D . 8.61 -14.08 -14.46
H11 A1IJH D . 9.15 -12.93 -13.55
H2 A1IJH D . 9.78 -15.65 -13.04
H5 A1IJH D . 9.05 -15.72 -9.15
H6 A1IJH D . 8.39 -13.20 -9.21
H9 A1IJH D . 11.10 -11.97 -5.72
H102 A1IJH D . 14.18 -13.05 -6.28
H101 A1IJH D . 13.35 -12.24 -5.34
H13 A1IJH D . 12.34 -15.05 -10.04
H14 A1IJH D . 10.52 -16.06 -10.89
H211 A1IJH D . 6.52 -10.82 -11.87
H212 A1IJH D . 5.71 -10.84 -10.54
H22 A1IJH D . 3.73 -10.26 -11.72
H25 A1IJH D . 3.37 -12.16 -15.45
H26 A1IJH D . 5.97 -11.99 -15.40
H29 A1IJH D . 5.94 -10.30 -19.72
H301 A1IJH D . 4.89 -8.47 -20.65
H302 A1IJH D . 3.93 -7.67 -19.84
H33 A1IJH D . 2.99 -8.73 -15.41
H34 A1IJH D . 2.72 -10.38 -13.94
CL CL E . 27.39 -16.96 -22.26
MG MG F . 8.26 3.25 3.77
FE1 SF4 G . -9.88 1.69 12.18
FE2 SF4 G . -9.89 1.87 9.51
FE3 SF4 G . -8.74 -0.18 10.70
FE4 SF4 G . -7.62 2.19 10.84
S1 SF4 G . -7.87 0.97 8.89
S2 SF4 G . -7.83 0.72 12.62
S3 SF4 G . -9.44 3.60 10.98
S4 SF4 G . -10.99 0.25 10.73
C1 A1IJH H . -11.33 12.65 13.57
C2 A1IJH H . -11.71 13.38 12.28
C3 A1IJH H . -12.34 12.44 11.30
S3 A1IJH H . -13.35 11.22 11.89
C4 A1IJH H . -12.14 12.55 9.99
S4 A1IJH H . -13.03 11.60 8.94
C5 A1IJH H . -11.13 13.51 9.44
N6 A1IJH H . -9.90 12.85 9.05
C7 A1IJH H . -8.91 13.65 8.65
C8 A1IJH H . -7.89 13.26 7.66
O8 A1IJH H . -7.90 12.12 7.14
N9 A1IJH H . -6.96 14.16 7.33
C10 A1IJH H . -6.93 15.39 7.86
N10 A1IJH H . -5.95 16.23 7.47
N11 A1IJH H . -7.83 15.81 8.78
C12 A1IJH H . -8.83 15.01 9.20
N13 A1IJH H . -9.73 15.44 10.11
C14 A1IJH H . -10.84 14.58 10.49
O2 A1IJH H . -10.53 13.94 11.71
C21 A1IJH H . -9.44 8.14 11.08
C22 A1IJH H . -10.48 7.06 11.38
C23 A1IJH H . -11.85 7.65 11.19
S23 A1IJH H . -12.19 8.36 9.69
C24 A1IJH H . -12.78 7.60 12.15
S24 A1IJH H . -14.30 8.28 11.87
C25 A1IJH H . -12.49 6.92 13.45
N26 A1IJH H . -12.07 7.78 14.53
C27 A1IJH H . -11.80 7.13 15.67
C28 A1IJH H . -12.01 7.69 17.03
O28 A1IJH H . -12.44 8.85 17.18
N29 A1IJH H . -11.72 6.93 18.08
C30 A1IJH H . -11.25 5.68 17.95
N30 A1IJH H . -10.98 4.96 19.07
N31 A1IJH H . -11.04 5.09 16.74
C32 A1IJH H . -11.29 5.75 15.60
N33 A1IJH H . -11.08 5.17 14.40
C34 A1IJH H . -11.42 5.89 13.19
O22 A1IJH H . -10.29 6.60 12.72
P1 A1IJH H . -9.61 13.30 15.46
O1P A1IJH H . -8.40 12.81 14.51
O2P A1IJH H . -9.19 14.58 16.14
O3P A1IJH H . -9.95 12.21 16.43
O4P A1IJH H . -10.89 13.60 14.54
P2 A1IJH H . -6.93 8.50 11.65
O5P A1IJH H . -7.24 9.17 13.07
O6P A1IJH H . -5.68 7.66 11.74
O7P A1IJH H . -6.79 9.59 10.62
O8P A1IJH H . -8.15 7.56 11.26
MG A1IJH H . -7.75 10.97 13.80
W A1IJH H . -14.13 9.70 9.90
H12 A1IJH H . -12.09 12.16 13.90
H11 A1IJH H . -10.62 12.01 13.39
H2 A1IJH H . -12.34 14.10 12.49
H5 A1IJH H . -11.51 13.91 8.65
H6 A1IJH H . -9.81 11.99 9.08
H9 A1IJH H . -6.36 13.94 6.75
H102 A1IJH H . -5.91 17.03 7.81
H101 A1IJH H . -5.36 15.98 6.90
H13 A1IJH H . -9.64 16.21 10.46
H14 A1IJH H . -11.62 15.15 10.57
H211 A1IJH H . -9.56 8.89 11.68
H212 A1IJH H . -9.55 8.47 10.18
H22 A1IJH H . -10.39 6.30 10.79
H25 A1IJH H . -13.34 6.54 13.75
H26 A1IJH H . -12.00 8.65 14.45
H29 A1IJH H . -11.82 7.24 18.87
H301 A1IJH H . -11.10 5.31 19.84
H302 A1IJH H . -10.68 4.15 19.00
H33 A1IJH H . -10.76 4.37 14.36
H34 A1IJH H . -11.72 5.23 12.54
C1 EDO I . -29.04 24.91 25.76
O1 EDO I . -28.09 24.66 26.76
C2 EDO I . -30.43 24.56 26.13
O2 EDO I . -31.16 23.94 25.09
H11 EDO I . -28.80 24.41 24.96
H12 EDO I . -29.02 25.84 25.52
HO1 EDO I . -27.45 24.22 26.43
H21 EDO I . -30.90 25.37 26.40
H22 EDO I . -30.41 23.97 26.90
HO2 EDO I . -31.00 24.32 24.36
C1 EDO J . -9.67 -0.60 38.27
O1 EDO J . -10.22 0.54 38.91
C2 EDO J . -9.99 -1.88 38.94
O2 EDO J . -9.01 -2.86 38.73
H11 EDO J . -8.71 -0.50 38.24
H12 EDO J . -9.99 -0.63 37.36
HO1 EDO J . -9.61 0.95 39.32
H21 EDO J . -10.85 -2.20 38.61
H22 EDO J . -10.09 -1.73 39.89
HO2 EDO J . -9.23 -3.57 39.13
CL CL K . -5.66 -4.16 -0.04
CL CL L . -7.68 28.54 25.13
#